data_4PJG
#
_entry.id   4PJG
#
_cell.length_a   217.700
_cell.length_b   70.980
_cell.length_c   142.340
_cell.angle_alpha   90.00
_cell.angle_beta   103.93
_cell.angle_gamma   90.00
#
_symmetry.space_group_name_H-M   'C 1 2 1'
#
loop_
_entity.id
_entity.type
_entity.pdbx_description
1 polymer 'Major histocompatibility complex class I-related gene protein'
2 polymer Beta-2-microglobulin
3 polymer TCR-alpha
4 polymer TCR-beta
5 non-polymer N-(6-formyl-4-oxo-3,4-dihydropteridin-2-yl)acetamide
6 water water
#
loop_
_entity_poly.entity_id
_entity_poly.type
_entity_poly.pdbx_seq_one_letter_code
_entity_poly.pdbx_strand_id
1 'polypeptide(L)'
;MRTHSLRYFRLGVSDPIHGVPEFISVGYVDSHPITTYDSVTRQKEPRAPWMAENLAPDHWERYTQLLRGWQQMFKVELKR
LQRHYNHSGSHTYQRMIGCELLEDGSTTGFLQYAYDGQDFLIFNKDTLSWLAVDNVAHTIKQAWEANQHELLYQKNWLEE
ECIAWLKRFLEYGKDTLQRTEPPLVRVNRKETFPGVTALFCKAHGFYPPEIYMTWMKNGEEIVQEIDYGDILPSGDGTYQ
AWASIELDPQSSNLYSCHVEHSGVHMVLQVP
;
A,C
2 'polypeptide(L)'
;MIQRTPKIQVYSRHPAENGKSNFLNCYVSGFHPSDIEVDLLKNGERIEKVEHSDLSFSKDWSFYLLYYTEFTPTEKDEYA
CRVNHVTLSQPKIVKWDRDM
;
B,D
3 'polypeptide(L)'
;HMGQNIDQPTEMTATEGAIVQINCTYQTSGFNGLFWYQQHAGEAPTFLSYNVLDGLEEKGRFSSFLSRSKGYSYLLLKEL
QMKDSASYLCASIDSNYQLIWGAGTKLIIKPDIQNPDPAVYQLRDSKSSDKSVCLFTDFDSQTNVSQSKDSDVYITDKCV
LDMRSMDFKSNSAVAWSNKSDFACANAFNNSIIPEDTFFPSPESS
;
E,G
4 'polypeptide(L)'
;HMNAGVTQTPKFQVLKTGQSMTLQCAQDMNHNSMYWYRQDPGMGLRLIYYSASEGTTDKGEVPNGYNVSRLNKREFSLRL
ESAAPSQTSVYFCASSETDPNTGELFFGEGSRLTVLEDLKNVFPPEVAVFEPSEAEISHTQKATLVCLATGFYPDHVELS
WWVNGKEVHSGVCTDPQPLKEQPALNDSRYALSSRLRVSATFWQNPRNHFRCQVQFYGLSENDEWTQDRAKPVTQIVSAE
AWGRAD
;
F,H
#
loop_
_chem_comp.id
_chem_comp.type
_chem_comp.name
_chem_comp.formula
30W non-polymer N-(6-formyl-4-oxo-3,4-dihydropteridin-2-yl)acetamide 'C9 H7 N5 O3'
#
# COMPACT_ATOMS: atom_id res chain seq x y z
N ARG A 2 7.86 -44.90 -9.28
CA ARG A 2 9.18 -45.55 -9.26
C ARG A 2 10.30 -44.50 -9.33
N THR A 3 11.43 -44.76 -8.62
CA THR A 3 12.61 -43.90 -8.61
C THR A 3 13.31 -43.88 -9.97
N HIS A 4 13.64 -42.66 -10.48
CA HIS A 4 14.39 -42.48 -11.71
C HIS A 4 15.50 -41.46 -11.51
N SER A 5 16.55 -41.54 -12.32
CA SER A 5 17.67 -40.63 -12.21
C SER A 5 18.20 -40.21 -13.58
N LEU A 6 18.77 -39.00 -13.64
CA LEU A 6 19.44 -38.45 -14.80
C LEU A 6 20.85 -38.10 -14.30
N ARG A 7 21.89 -38.49 -15.08
CA ARG A 7 23.29 -38.29 -14.71
C ARG A 7 24.14 -37.96 -15.89
N TYR A 8 25.12 -37.09 -15.66
CA TYR A 8 26.11 -36.73 -16.65
C TYR A 8 27.45 -36.85 -16.01
N PHE A 9 28.31 -37.59 -16.67
CA PHE A 9 29.67 -37.82 -16.26
C PHE A 9 30.59 -37.22 -17.27
N ARG A 10 31.78 -36.79 -16.78
CA ARG A 10 32.92 -36.30 -17.56
C ARG A 10 34.13 -37.01 -17.02
N LEU A 11 34.97 -37.50 -17.93
CA LEU A 11 36.24 -38.12 -17.58
C LEU A 11 37.31 -37.45 -18.43
N GLY A 12 38.36 -36.99 -17.74
CA GLY A 12 39.56 -36.38 -18.32
C GLY A 12 40.76 -37.23 -17.97
N VAL A 13 41.68 -37.47 -18.94
CA VAL A 13 42.92 -38.25 -18.74
C VAL A 13 44.10 -37.45 -19.28
N SER A 14 45.14 -37.24 -18.46
CA SER A 14 46.34 -36.56 -18.92
C SER A 14 47.18 -37.64 -19.58
N ASP A 15 47.95 -37.29 -20.60
CA ASP A 15 48.84 -38.21 -21.33
C ASP A 15 48.26 -39.63 -21.59
N PRO A 16 47.06 -39.73 -22.22
CA PRO A 16 46.51 -41.06 -22.53
C PRO A 16 47.28 -41.84 -23.58
N ILE A 17 47.31 -43.16 -23.38
CA ILE A 17 47.97 -44.15 -24.24
C ILE A 17 46.87 -45.01 -24.79
N HIS A 18 47.26 -46.05 -25.54
CA HIS A 18 46.44 -47.13 -26.12
C HIS A 18 45.07 -46.73 -26.68
N GLY A 19 45.02 -45.65 -27.47
CA GLY A 19 43.79 -45.15 -28.07
C GLY A 19 42.76 -44.51 -27.13
N VAL A 20 43.02 -44.55 -25.79
CA VAL A 20 42.13 -43.96 -24.78
C VAL A 20 41.91 -42.45 -25.06
N PRO A 21 40.66 -41.94 -25.16
CA PRO A 21 40.48 -40.50 -25.44
C PRO A 21 40.92 -39.64 -24.27
N GLU A 22 41.32 -38.41 -24.55
CA GLU A 22 41.71 -37.46 -23.52
C GLU A 22 40.44 -37.04 -22.68
N PHE A 23 39.25 -37.09 -23.32
CA PHE A 23 38.01 -36.66 -22.71
C PHE A 23 36.81 -37.47 -23.21
N ILE A 24 35.99 -37.91 -22.28
CA ILE A 24 34.72 -38.63 -22.54
C ILE A 24 33.63 -37.98 -21.68
N SER A 25 32.44 -37.86 -22.21
CA SER A 25 31.28 -37.39 -21.48
C SER A 25 30.09 -38.27 -21.87
N VAL A 26 29.46 -38.90 -20.87
CA VAL A 26 28.31 -39.79 -21.09
C VAL A 26 27.17 -39.37 -20.15
N GLY A 27 25.96 -39.39 -20.68
CA GLY A 27 24.72 -39.13 -19.94
C GLY A 27 23.91 -40.41 -19.81
N TYR A 28 23.24 -40.58 -18.68
CA TYR A 28 22.38 -41.74 -18.39
C TYR A 28 21.05 -41.35 -17.85
N VAL A 29 20.03 -42.14 -18.16
CA VAL A 29 18.72 -42.12 -17.53
C VAL A 29 18.65 -43.53 -16.93
N ASP A 30 18.69 -43.62 -15.59
CA ASP A 30 18.80 -44.87 -14.80
C ASP A 30 20.08 -45.61 -15.25
N SER A 31 19.97 -46.85 -15.68
CA SER A 31 21.12 -47.63 -16.14
C SER A 31 21.48 -47.36 -17.65
N HIS A 32 20.60 -46.66 -18.37
CA HIS A 32 20.67 -46.45 -19.82
C HIS A 32 21.45 -45.27 -20.30
N PRO A 33 22.45 -45.51 -21.18
CA PRO A 33 23.18 -44.38 -21.80
C PRO A 33 22.25 -43.64 -22.76
N ILE A 34 22.28 -42.31 -22.72
CA ILE A 34 21.38 -41.51 -23.56
C ILE A 34 22.14 -40.61 -24.53
N THR A 35 23.35 -40.21 -24.15
CA THR A 35 24.17 -39.27 -24.89
C THR A 35 25.63 -39.65 -24.72
N THR A 36 26.43 -39.35 -25.73
CA THR A 36 27.89 -39.53 -25.69
C THR A 36 28.64 -38.41 -26.40
N TYR A 37 29.79 -38.07 -25.85
CA TYR A 37 30.75 -37.12 -26.40
C TYR A 37 32.16 -37.61 -26.08
N ASP A 38 33.06 -37.51 -27.05
CA ASP A 38 34.46 -37.77 -26.76
C ASP A 38 35.40 -36.85 -27.56
N SER A 39 36.66 -36.76 -27.13
CA SER A 39 37.67 -35.93 -27.78
C SER A 39 38.12 -36.37 -29.20
N VAL A 40 37.69 -37.57 -29.63
CA VAL A 40 37.96 -38.11 -30.96
C VAL A 40 36.84 -37.63 -31.93
N THR A 41 35.57 -37.93 -31.62
CA THR A 41 34.40 -37.55 -32.42
C THR A 41 34.22 -36.01 -32.41
N ARG A 42 34.47 -35.37 -31.27
CA ARG A 42 34.30 -33.94 -31.00
C ARG A 42 32.83 -33.49 -31.27
N GLN A 43 31.86 -34.41 -31.03
CA GLN A 43 30.44 -34.31 -31.33
C GLN A 43 29.57 -34.98 -30.26
N LYS A 44 28.50 -34.29 -29.80
CA LYS A 44 27.58 -34.91 -28.85
C LYS A 44 26.50 -35.64 -29.61
N GLU A 45 26.31 -36.93 -29.32
CA GLU A 45 25.36 -37.75 -30.07
C GLU A 45 24.42 -38.49 -29.13
N PRO A 46 23.19 -38.83 -29.57
CA PRO A 46 22.32 -39.69 -28.75
C PRO A 46 22.86 -41.14 -28.72
N ARG A 47 22.64 -41.87 -27.61
CA ARG A 47 23.09 -43.26 -27.43
C ARG A 47 21.92 -44.22 -27.19
N ALA A 48 20.70 -43.74 -27.41
CA ALA A 48 19.47 -44.50 -27.22
C ALA A 48 18.53 -44.15 -28.37
N PRO A 49 17.84 -45.15 -28.96
CA PRO A 49 16.95 -44.86 -30.12
C PRO A 49 15.86 -43.83 -29.82
N TRP A 50 15.33 -43.86 -28.59
CA TRP A 50 14.26 -42.98 -28.17
C TRP A 50 14.68 -41.53 -27.93
N MET A 51 16.02 -41.28 -27.91
CA MET A 51 16.59 -39.94 -27.78
C MET A 51 16.66 -39.38 -29.20
N ALA A 52 17.26 -40.17 -30.13
CA ALA A 52 17.42 -39.85 -31.55
C ALA A 52 16.06 -39.59 -32.22
N GLU A 53 15.04 -40.37 -31.85
CA GLU A 53 13.68 -40.25 -32.39
C GLU A 53 12.93 -38.98 -31.93
N ASN A 54 13.28 -38.42 -30.78
CA ASN A 54 12.57 -37.26 -30.20
C ASN A 54 13.33 -35.97 -30.22
N LEU A 55 14.64 -36.03 -30.48
CA LEU A 55 15.46 -34.82 -30.55
C LEU A 55 16.08 -34.69 -31.92
N ALA A 56 15.76 -33.58 -32.59
CA ALA A 56 16.24 -33.27 -33.95
C ALA A 56 17.75 -33.10 -33.95
N PRO A 57 18.47 -33.43 -35.06
CA PRO A 57 19.94 -33.30 -35.05
C PRO A 57 20.46 -31.90 -34.71
N ASP A 58 19.62 -30.87 -34.94
CA ASP A 58 19.92 -29.50 -34.58
C ASP A 58 20.01 -29.26 -33.05
N HIS A 59 19.39 -30.16 -32.24
CA HIS A 59 19.43 -30.09 -30.75
C HIS A 59 20.87 -30.33 -30.21
N TRP A 60 21.59 -31.26 -30.82
CA TRP A 60 22.96 -31.65 -30.45
C TRP A 60 24.03 -30.64 -30.84
N GLU A 61 23.69 -29.72 -31.79
CA GLU A 61 24.58 -28.68 -32.29
C GLU A 61 25.11 -27.77 -31.16
N ARG A 62 24.21 -27.29 -30.31
CA ARG A 62 24.55 -26.44 -29.18
C ARG A 62 25.35 -27.23 -28.14
N TYR A 63 24.97 -28.49 -27.89
CA TYR A 63 25.71 -29.34 -26.97
C TYR A 63 27.08 -29.70 -27.43
N THR A 64 27.31 -29.76 -28.74
CA THR A 64 28.65 -30.03 -29.28
C THR A 64 29.65 -28.92 -28.91
N GLN A 65 29.23 -27.67 -29.09
CA GLN A 65 30.00 -26.49 -28.75
C GLN A 65 30.34 -26.45 -27.25
N LEU A 66 29.32 -26.69 -26.40
CA LEU A 66 29.46 -26.67 -24.95
C LEU A 66 30.48 -27.66 -24.51
N LEU A 67 30.33 -28.92 -24.98
CA LEU A 67 31.22 -30.03 -24.69
C LEU A 67 32.66 -29.83 -25.12
N ARG A 68 32.88 -29.17 -26.28
CA ARG A 68 34.22 -28.78 -26.75
C ARG A 68 34.84 -27.76 -25.76
N GLY A 69 34.06 -26.79 -25.31
CA GLY A 69 34.47 -25.83 -24.30
C GLY A 69 34.78 -26.52 -22.98
N TRP A 70 33.90 -27.44 -22.55
CA TRP A 70 34.06 -28.20 -21.30
C TRP A 70 35.27 -29.13 -21.33
N GLN A 71 35.55 -29.72 -22.50
CA GLN A 71 36.71 -30.58 -22.76
C GLN A 71 37.99 -29.77 -22.51
N GLN A 72 38.04 -28.51 -22.99
CA GLN A 72 39.17 -27.60 -22.83
C GLN A 72 39.43 -27.18 -21.37
N MET A 73 38.35 -26.88 -20.62
CA MET A 73 38.39 -26.50 -19.19
C MET A 73 38.95 -27.65 -18.36
N PHE A 74 38.53 -28.89 -18.68
CA PHE A 74 38.93 -30.14 -18.02
C PHE A 74 40.41 -30.39 -18.16
N LYS A 75 40.94 -30.19 -19.40
CA LYS A 75 42.34 -30.33 -19.72
C LYS A 75 43.19 -29.35 -18.86
N VAL A 76 42.77 -28.10 -18.80
CA VAL A 76 43.40 -27.04 -18.02
C VAL A 76 43.33 -27.37 -16.52
N GLU A 77 42.13 -27.73 -16.01
CA GLU A 77 41.92 -28.04 -14.59
C GLU A 77 42.80 -29.20 -14.11
N LEU A 78 42.93 -30.27 -14.92
CA LEU A 78 43.74 -31.44 -14.57
C LEU A 78 45.23 -31.09 -14.57
N LYS A 79 45.66 -30.24 -15.49
CA LYS A 79 47.04 -29.74 -15.53
C LYS A 79 47.36 -28.95 -14.23
N ARG A 80 46.42 -28.11 -13.79
CA ARG A 80 46.52 -27.35 -12.55
C ARG A 80 46.55 -28.31 -11.34
N LEU A 81 45.64 -29.31 -11.29
CA LEU A 81 45.63 -30.30 -10.20
C LEU A 81 46.93 -31.05 -10.05
N GLN A 82 47.47 -31.54 -11.17
CA GLN A 82 48.75 -32.23 -11.20
C GLN A 82 49.90 -31.40 -10.65
N ARG A 83 49.94 -30.08 -10.98
CA ARG A 83 50.92 -29.13 -10.49
C ARG A 83 50.84 -29.01 -8.96
N HIS A 84 49.62 -28.81 -8.41
CA HIS A 84 49.35 -28.66 -6.98
C HIS A 84 49.84 -29.87 -6.17
N TYR A 85 49.64 -31.09 -6.72
CA TYR A 85 50.05 -32.32 -6.07
C TYR A 85 51.46 -32.71 -6.37
N ASN A 86 52.17 -31.97 -7.27
CA ASN A 86 53.55 -32.30 -7.71
C ASN A 86 53.56 -33.70 -8.37
N HIS A 87 52.55 -33.95 -9.25
CA HIS A 87 52.30 -35.22 -9.97
C HIS A 87 52.72 -35.22 -11.45
N SER A 88 53.40 -36.30 -11.86
CA SER A 88 53.89 -36.54 -13.22
C SER A 88 53.05 -37.68 -13.79
N GLY A 89 53.17 -37.91 -15.11
CA GLY A 89 52.48 -38.99 -15.79
C GLY A 89 50.98 -38.82 -16.01
N SER A 90 50.29 -39.95 -16.18
CA SER A 90 48.86 -39.99 -16.46
C SER A 90 48.00 -40.02 -15.22
N HIS A 91 47.16 -39.02 -15.12
CA HIS A 91 46.20 -38.85 -14.04
C HIS A 91 44.82 -38.58 -14.63
N THR A 92 43.77 -38.89 -13.88
CA THR A 92 42.38 -38.72 -14.30
C THR A 92 41.68 -37.73 -13.42
N TYR A 93 40.69 -37.05 -14.01
CA TYR A 93 39.81 -36.07 -13.38
C TYR A 93 38.42 -36.49 -13.79
N GLN A 94 37.48 -36.51 -12.83
CA GLN A 94 36.10 -36.94 -13.08
C GLN A 94 35.10 -36.03 -12.46
N ARG A 95 33.96 -35.90 -13.12
CA ARG A 95 32.81 -35.12 -12.71
C ARG A 95 31.54 -35.93 -12.89
N MET A 96 30.63 -35.82 -11.94
CA MET A 96 29.32 -36.41 -12.03
C MET A 96 28.32 -35.37 -11.58
N ILE A 97 27.33 -35.07 -12.41
CA ILE A 97 26.22 -34.19 -12.05
C ILE A 97 24.92 -34.97 -12.30
N GLY A 98 23.90 -34.72 -11.50
CA GLY A 98 22.64 -35.39 -11.72
C GLY A 98 21.59 -35.18 -10.65
N CYS A 99 20.44 -35.84 -10.85
CA CYS A 99 19.28 -35.71 -10.00
C CYS A 99 18.46 -36.99 -10.02
N GLU A 100 17.70 -37.20 -8.96
CA GLU A 100 16.80 -38.35 -8.84
C GLU A 100 15.43 -37.85 -8.55
N LEU A 101 14.45 -38.47 -9.16
CA LEU A 101 13.05 -38.20 -8.87
C LEU A 101 12.58 -39.43 -8.12
N LEU A 102 12.36 -39.33 -6.79
CA LEU A 102 11.93 -40.48 -5.98
C LEU A 102 10.44 -40.80 -6.12
N GLU A 103 10.03 -42.03 -5.71
CA GLU A 103 8.66 -42.56 -5.75
C GLU A 103 7.66 -41.61 -5.09
N ASP A 104 8.00 -41.08 -3.88
CA ASP A 104 7.16 -40.15 -3.09
C ASP A 104 7.03 -38.74 -3.72
N GLY A 105 7.75 -38.49 -4.82
CA GLY A 105 7.71 -37.21 -5.51
C GLY A 105 8.83 -36.26 -5.09
N SER A 106 9.55 -36.57 -4.00
CA SER A 106 10.67 -35.74 -3.55
C SER A 106 11.90 -35.91 -4.51
N THR A 107 12.86 -35.02 -4.41
CA THR A 107 14.01 -35.01 -5.32
C THR A 107 15.34 -34.92 -4.61
N THR A 108 16.40 -35.30 -5.32
CA THR A 108 17.80 -35.20 -4.88
C THR A 108 18.58 -34.65 -6.06
N GLY A 109 19.67 -33.98 -5.74
CA GLY A 109 20.59 -33.43 -6.72
C GLY A 109 21.96 -33.63 -6.18
N PHE A 110 22.94 -33.89 -7.04
CA PHE A 110 24.34 -34.08 -6.61
C PHE A 110 25.29 -33.57 -7.67
N LEU A 111 26.43 -33.08 -7.25
CA LEU A 111 27.51 -32.62 -8.09
C LEU A 111 28.83 -32.90 -7.33
N GLN A 112 29.72 -33.70 -7.96
CA GLN A 112 30.96 -34.12 -7.32
C GLN A 112 32.05 -34.21 -8.32
N TYR A 113 33.32 -34.12 -7.84
CA TYR A 113 34.54 -34.28 -8.59
C TYR A 113 35.42 -35.33 -7.92
N ALA A 114 36.24 -35.97 -8.73
CA ALA A 114 37.21 -37.00 -8.32
C ALA A 114 38.50 -36.72 -9.07
N TYR A 115 39.61 -36.91 -8.39
CA TYR A 115 40.95 -36.87 -8.94
C TYR A 115 41.52 -38.26 -8.69
N ASP A 116 41.94 -38.96 -9.76
CA ASP A 116 42.45 -40.36 -9.69
C ASP A 116 41.46 -41.40 -9.11
N GLY A 117 40.16 -41.19 -9.35
CA GLY A 117 39.09 -42.08 -8.91
C GLY A 117 38.68 -41.95 -7.45
N GLN A 118 39.26 -40.99 -6.71
CA GLN A 118 38.97 -40.73 -5.30
C GLN A 118 38.18 -39.42 -5.14
N ASP A 119 37.21 -39.33 -4.19
CA ASP A 119 36.45 -38.08 -3.97
C ASP A 119 37.38 -36.89 -3.83
N PHE A 120 37.01 -35.80 -4.46
CA PHE A 120 37.85 -34.62 -4.44
C PHE A 120 37.07 -33.46 -3.83
N LEU A 121 35.98 -33.08 -4.51
CA LEU A 121 35.11 -32.00 -4.14
C LEU A 121 33.65 -32.45 -4.25
N ILE A 122 32.85 -32.23 -3.21
CA ILE A 122 31.44 -32.63 -3.18
C ILE A 122 30.59 -31.36 -2.95
N PHE A 123 29.68 -31.05 -3.88
CA PHE A 123 28.84 -29.86 -3.76
C PHE A 123 27.75 -30.06 -2.71
N ASN A 124 27.49 -29.02 -1.92
CA ASN A 124 26.38 -29.04 -0.96
C ASN A 124 25.44 -27.93 -1.42
N LYS A 125 24.35 -28.31 -2.11
CA LYS A 125 23.39 -27.33 -2.65
C LYS A 125 22.54 -26.66 -1.57
N ASP A 126 22.58 -27.16 -0.34
CA ASP A 126 21.76 -26.60 0.74
C ASP A 126 22.48 -25.47 1.48
N THR A 127 23.82 -25.55 1.60
CA THR A 127 24.59 -24.49 2.24
C THR A 127 25.33 -23.69 1.17
N LEU A 128 25.23 -24.11 -0.09
CA LEU A 128 25.93 -23.53 -1.25
C LEU A 128 27.44 -23.52 -1.01
N SER A 129 27.97 -24.70 -0.80
CA SER A 129 29.37 -24.87 -0.50
C SER A 129 29.91 -26.16 -1.02
N TRP A 130 31.22 -26.22 -1.08
CA TRP A 130 31.99 -27.34 -1.52
C TRP A 130 32.72 -27.97 -0.36
N LEU A 131 32.60 -29.30 -0.24
CA LEU A 131 33.30 -30.07 0.77
C LEU A 131 34.58 -30.59 0.12
N ALA A 132 35.72 -30.23 0.69
CA ALA A 132 37.06 -30.56 0.21
C ALA A 132 37.69 -31.67 1.07
N VAL A 133 38.29 -32.69 0.42
CA VAL A 133 38.95 -33.83 1.10
C VAL A 133 40.35 -33.46 1.65
N ASP A 134 41.06 -32.54 0.97
CA ASP A 134 42.42 -32.18 1.36
C ASP A 134 42.71 -30.71 1.11
N ASN A 135 43.98 -30.32 1.21
CA ASN A 135 44.39 -28.94 1.01
C ASN A 135 44.42 -28.46 -0.39
N VAL A 136 44.62 -29.37 -1.36
CA VAL A 136 44.58 -29.00 -2.78
C VAL A 136 43.10 -28.73 -3.09
N ALA A 137 42.20 -29.63 -2.71
CA ALA A 137 40.76 -29.41 -2.90
C ALA A 137 40.31 -28.11 -2.18
N HIS A 138 40.82 -27.87 -0.97
CA HIS A 138 40.51 -26.66 -0.23
C HIS A 138 40.83 -25.37 -0.98
N THR A 139 41.93 -25.37 -1.74
CA THR A 139 42.34 -24.25 -2.58
C THR A 139 41.30 -24.01 -3.68
N ILE A 140 40.89 -25.08 -4.39
CA ILE A 140 39.86 -25.03 -5.45
C ILE A 140 38.52 -24.55 -4.89
N LYS A 141 38.07 -25.18 -3.79
CA LYS A 141 36.88 -24.84 -3.01
C LYS A 141 36.80 -23.29 -2.79
N GLN A 142 37.90 -22.65 -2.33
CA GLN A 142 37.90 -21.20 -2.08
C GLN A 142 37.68 -20.35 -3.33
N ALA A 143 38.31 -20.74 -4.44
CA ALA A 143 38.15 -20.08 -5.73
C ALA A 143 36.68 -20.22 -6.23
N TRP A 144 36.09 -21.45 -6.14
CA TRP A 144 34.72 -21.69 -6.56
C TRP A 144 33.65 -21.02 -5.67
N GLU A 145 33.89 -21.00 -4.35
CA GLU A 145 32.95 -20.40 -3.38
C GLU A 145 32.85 -18.89 -3.46
N ALA A 146 33.87 -18.25 -4.06
CA ALA A 146 33.94 -16.80 -4.27
C ALA A 146 32.94 -16.40 -5.37
N ASN A 147 32.56 -17.36 -6.24
CA ASN A 147 31.63 -17.13 -7.33
C ASN A 147 30.21 -17.55 -6.95
N GLN A 148 29.51 -16.65 -6.26
CA GLN A 148 28.13 -16.79 -5.77
C GLN A 148 27.11 -17.15 -6.86
N HIS A 149 27.25 -16.56 -8.05
CA HIS A 149 26.37 -16.70 -9.23
C HIS A 149 26.36 -18.11 -9.75
N GLU A 150 27.55 -18.70 -9.90
CA GLU A 150 27.72 -20.05 -10.43
C GLU A 150 27.11 -21.07 -9.50
N LEU A 151 27.26 -20.85 -8.19
CA LEU A 151 26.72 -21.69 -7.14
C LEU A 151 25.19 -21.72 -7.19
N LEU A 152 24.53 -20.54 -7.24
CA LEU A 152 23.08 -20.40 -7.31
C LEU A 152 22.53 -21.04 -8.61
N TYR A 153 23.30 -20.92 -9.69
CA TYR A 153 22.99 -21.48 -11.00
C TYR A 153 23.00 -23.02 -10.92
N GLN A 154 23.96 -23.59 -10.16
CA GLN A 154 24.04 -25.03 -10.00
C GLN A 154 22.91 -25.56 -9.17
N LYS A 155 22.58 -24.87 -8.08
CA LYS A 155 21.46 -25.26 -7.21
C LYS A 155 20.14 -25.28 -8.04
N ASN A 156 19.98 -24.28 -8.90
CA ASN A 156 18.79 -24.18 -9.72
C ASN A 156 18.77 -25.29 -10.74
N TRP A 157 19.90 -25.55 -11.33
CA TRP A 157 19.98 -26.57 -12.35
C TRP A 157 19.66 -27.95 -11.75
N LEU A 158 20.26 -28.26 -10.60
CA LEU A 158 20.02 -29.48 -9.83
C LEU A 158 18.60 -29.73 -9.40
N GLU A 159 17.95 -28.69 -8.90
CA GLU A 159 16.60 -28.74 -8.33
C GLU A 159 15.50 -28.57 -9.34
N GLU A 160 15.74 -27.75 -10.35
CA GLU A 160 14.70 -27.45 -11.29
C GLU A 160 14.89 -28.03 -12.70
N GLU A 161 15.96 -27.60 -13.41
CA GLU A 161 16.27 -28.00 -14.79
C GLU A 161 16.51 -29.47 -15.00
N CYS A 162 17.34 -30.05 -14.13
CA CYS A 162 17.67 -31.46 -14.19
C CYS A 162 16.39 -32.34 -14.12
N ILE A 163 15.47 -32.05 -13.17
CA ILE A 163 14.19 -32.73 -12.98
C ILE A 163 13.30 -32.57 -14.21
N ALA A 164 13.22 -31.35 -14.78
CA ALA A 164 12.41 -31.12 -15.97
C ALA A 164 12.95 -31.95 -17.16
N TRP A 165 14.28 -32.07 -17.29
CA TRP A 165 14.91 -32.89 -18.33
C TRP A 165 14.62 -34.38 -18.10
N LEU A 166 14.84 -34.84 -16.88
CA LEU A 166 14.57 -36.20 -16.48
C LEU A 166 13.16 -36.59 -16.86
N LYS A 167 12.13 -35.77 -16.47
CA LYS A 167 10.73 -36.02 -16.78
C LYS A 167 10.48 -36.09 -18.29
N ARG A 168 11.19 -35.26 -19.04
CA ARG A 168 11.06 -35.20 -20.49
C ARG A 168 11.64 -36.48 -21.12
N PHE A 169 12.80 -36.92 -20.65
CA PHE A 169 13.46 -38.13 -21.12
C PHE A 169 12.68 -39.39 -20.74
N LEU A 170 12.05 -39.40 -19.54
CA LEU A 170 11.20 -40.51 -19.09
C LEU A 170 10.00 -40.70 -20.02
N GLU A 171 9.43 -39.59 -20.53
CA GLU A 171 8.33 -39.63 -21.48
C GLU A 171 8.79 -40.22 -22.80
N TYR A 172 9.94 -39.76 -23.36
CA TYR A 172 10.55 -40.26 -24.61
C TYR A 172 10.86 -41.75 -24.54
N GLY A 173 11.43 -42.20 -23.42
CA GLY A 173 11.82 -43.60 -23.25
C GLY A 173 10.89 -44.45 -22.44
N LYS A 174 9.60 -44.05 -22.31
CA LYS A 174 8.59 -44.78 -21.51
C LYS A 174 8.45 -46.27 -21.78
N ASP A 175 8.48 -46.66 -23.06
CA ASP A 175 8.34 -48.08 -23.43
C ASP A 175 9.49 -48.96 -22.93
N THR A 176 10.64 -48.34 -22.64
CA THR A 176 11.82 -49.01 -22.14
C THR A 176 11.90 -48.84 -20.62
N LEU A 177 12.00 -47.58 -20.19
CA LEU A 177 12.23 -47.16 -18.81
C LEU A 177 11.13 -47.48 -17.83
N GLN A 178 9.88 -47.47 -18.28
CA GLN A 178 8.74 -47.67 -17.39
C GLN A 178 8.11 -49.04 -17.49
N ARG A 179 8.74 -49.95 -18.25
CA ARG A 179 8.27 -51.33 -18.39
C ARG A 179 8.66 -52.19 -17.17
N THR A 180 8.02 -53.36 -17.04
CA THR A 180 8.31 -54.30 -15.97
C THR A 180 8.35 -55.66 -16.60
N GLU A 181 9.43 -56.39 -16.35
CA GLU A 181 9.62 -57.78 -16.80
C GLU A 181 9.81 -58.55 -15.49
N PRO A 182 8.82 -59.36 -15.09
CA PRO A 182 8.93 -60.06 -13.79
C PRO A 182 10.06 -61.08 -13.79
N PRO A 183 10.68 -61.36 -12.62
CA PRO A 183 11.74 -62.37 -12.59
C PRO A 183 11.25 -63.81 -12.71
N LEU A 184 12.09 -64.67 -13.26
CA LEU A 184 11.89 -66.12 -13.31
C LEU A 184 12.80 -66.57 -12.21
N VAL A 185 12.24 -67.13 -11.12
CA VAL A 185 12.99 -67.55 -9.95
C VAL A 185 12.99 -69.07 -9.74
N ARG A 186 14.14 -69.63 -9.37
CA ARG A 186 14.27 -71.05 -9.05
C ARG A 186 15.16 -71.24 -7.82
N VAL A 187 14.95 -72.35 -7.10
CA VAL A 187 15.75 -72.77 -5.96
C VAL A 187 16.40 -74.10 -6.29
N ASN A 188 17.75 -74.14 -6.23
CA ASN A 188 18.59 -75.32 -6.43
C ASN A 188 19.19 -75.70 -5.07
N ARG A 189 19.23 -76.99 -4.79
CA ARG A 189 19.76 -77.57 -3.54
C ARG A 189 20.81 -78.57 -3.96
N LYS A 190 21.95 -78.58 -3.29
CA LYS A 190 23.04 -79.51 -3.59
C LYS A 190 23.90 -79.75 -2.37
N GLU A 191 24.39 -81.01 -2.23
CA GLU A 191 25.33 -81.41 -1.21
C GLU A 191 26.71 -81.02 -1.76
N THR A 192 27.46 -80.20 -1.01
CA THR A 192 28.77 -79.73 -1.49
C THR A 192 29.90 -80.55 -0.86
N PHE A 193 30.57 -80.00 0.16
CA PHE A 193 31.57 -80.69 0.97
C PHE A 193 30.73 -81.71 1.80
N PRO A 194 31.20 -82.93 2.15
CA PRO A 194 30.32 -83.85 2.89
C PRO A 194 29.60 -83.23 4.09
N GLY A 195 28.27 -83.42 4.13
CA GLY A 195 27.39 -82.90 5.19
C GLY A 195 26.83 -81.50 4.94
N VAL A 196 27.58 -80.65 4.20
CA VAL A 196 27.25 -79.25 3.90
C VAL A 196 26.32 -79.08 2.66
N THR A 197 25.04 -78.72 2.90
CA THR A 197 24.04 -78.52 1.83
C THR A 197 23.93 -77.04 1.48
N ALA A 198 24.05 -76.72 0.19
CA ALA A 198 23.96 -75.37 -0.30
C ALA A 198 22.67 -75.14 -1.05
N LEU A 199 21.91 -74.10 -0.63
CA LEU A 199 20.66 -73.64 -1.26
C LEU A 199 20.95 -72.36 -2.01
N PHE A 200 20.58 -72.31 -3.30
CA PHE A 200 20.78 -71.15 -4.17
C PHE A 200 19.44 -70.66 -4.72
N CYS A 201 19.12 -69.39 -4.50
CA CYS A 201 17.90 -68.77 -5.05
C CYS A 201 18.35 -67.93 -6.24
N LYS A 202 17.96 -68.32 -7.46
CA LYS A 202 18.43 -67.66 -8.68
C LYS A 202 17.32 -67.00 -9.44
N ALA A 203 17.46 -65.69 -9.70
CA ALA A 203 16.47 -64.94 -10.49
C ALA A 203 17.07 -64.43 -11.77
N HIS A 204 16.29 -64.45 -12.83
CA HIS A 204 16.73 -63.94 -14.13
C HIS A 204 15.54 -63.38 -14.92
N GLY A 205 15.84 -62.67 -16.01
CA GLY A 205 14.86 -62.09 -16.93
C GLY A 205 14.06 -60.92 -16.40
N PHE A 206 14.55 -60.23 -15.36
CA PHE A 206 13.84 -59.12 -14.80
C PHE A 206 14.35 -57.74 -15.21
N TYR A 207 13.41 -56.80 -15.22
CA TYR A 207 13.60 -55.37 -15.46
C TYR A 207 12.49 -54.64 -14.70
N PRO A 208 12.77 -53.57 -13.95
CA PRO A 208 14.07 -52.90 -13.76
C PRO A 208 15.07 -53.74 -12.94
N PRO A 209 16.38 -53.40 -12.92
CA PRO A 209 17.35 -54.23 -12.15
C PRO A 209 17.14 -54.32 -10.64
N GLU A 210 16.40 -53.40 -10.05
CA GLU A 210 16.15 -53.41 -8.61
C GLU A 210 15.26 -54.59 -8.21
N ILE A 211 15.81 -55.45 -7.33
CA ILE A 211 15.19 -56.67 -6.81
C ILE A 211 15.69 -56.88 -5.37
N TYR A 212 14.83 -57.41 -4.50
CA TYR A 212 15.20 -57.72 -3.12
C TYR A 212 15.06 -59.22 -3.01
N MET A 213 16.15 -59.89 -2.65
CA MET A 213 16.22 -61.34 -2.54
C MET A 213 16.75 -61.64 -1.16
N THR A 214 16.00 -62.44 -0.41
CA THR A 214 16.37 -62.85 0.93
C THR A 214 16.02 -64.30 1.26
N TRP A 215 16.72 -64.85 2.24
CA TRP A 215 16.49 -66.20 2.72
C TRP A 215 15.92 -66.07 4.12
N MET A 216 14.86 -66.84 4.40
CA MET A 216 14.22 -66.88 5.70
C MET A 216 14.16 -68.29 6.27
N LYS A 217 14.21 -68.41 7.61
CA LYS A 217 14.15 -69.68 8.34
C LYS A 217 12.95 -69.66 9.28
N ASN A 218 11.94 -70.52 9.00
CA ASN A 218 10.68 -70.61 9.74
C ASN A 218 9.97 -69.23 9.77
N GLY A 219 9.87 -68.58 8.62
CA GLY A 219 9.21 -67.27 8.48
C GLY A 219 9.96 -66.05 9.00
N GLU A 220 11.02 -66.28 9.80
CA GLU A 220 11.89 -65.23 10.39
C GLU A 220 13.22 -65.14 9.64
N GLU A 221 13.89 -63.97 9.72
CA GLU A 221 15.19 -63.75 9.08
C GLU A 221 16.30 -64.61 9.66
N ILE A 222 17.20 -65.06 8.77
CA ILE A 222 18.35 -65.91 9.04
C ILE A 222 19.48 -65.15 9.74
N VAL A 223 20.05 -65.70 10.83
CA VAL A 223 21.19 -65.08 11.52
C VAL A 223 22.54 -65.71 11.07
N GLN A 224 22.47 -66.59 10.06
CA GLN A 224 23.58 -67.30 9.42
C GLN A 224 24.09 -66.47 8.22
N GLU A 225 25.26 -66.85 7.66
CA GLU A 225 25.85 -66.14 6.52
C GLU A 225 25.11 -66.36 5.19
N ILE A 226 24.63 -65.23 4.58
CA ILE A 226 23.99 -65.24 3.28
C ILE A 226 25.00 -64.70 2.27
N ASP A 227 25.13 -65.36 1.12
CA ASP A 227 25.99 -64.95 0.01
C ASP A 227 25.10 -64.30 -1.04
N TYR A 228 25.54 -63.19 -1.58
CA TYR A 228 24.74 -62.44 -2.55
C TYR A 228 25.48 -62.32 -3.86
N GLY A 229 24.77 -62.62 -4.93
CA GLY A 229 25.30 -62.47 -6.27
C GLY A 229 24.93 -61.06 -6.72
N ASP A 230 25.80 -60.43 -7.51
CA ASP A 230 25.57 -59.08 -8.03
C ASP A 230 24.40 -59.10 -9.01
N ILE A 231 23.73 -57.95 -9.18
CA ILE A 231 22.71 -57.81 -10.20
C ILE A 231 23.49 -57.60 -11.49
N LEU A 232 23.45 -58.61 -12.38
CA LEU A 232 24.21 -58.61 -13.60
C LEU A 232 23.41 -58.39 -14.86
N PRO A 233 23.92 -57.63 -15.85
CA PRO A 233 23.16 -57.48 -17.12
C PRO A 233 23.24 -58.75 -17.94
N SER A 234 22.10 -59.23 -18.42
CA SER A 234 22.06 -60.46 -19.21
C SER A 234 22.41 -60.25 -20.69
N GLY A 235 22.39 -58.98 -21.12
CA GLY A 235 22.74 -58.58 -22.48
C GLY A 235 21.55 -58.31 -23.39
N ASP A 236 20.33 -58.61 -22.93
CA ASP A 236 19.11 -58.40 -23.71
C ASP A 236 18.18 -57.33 -23.09
N GLY A 237 18.68 -56.55 -22.12
CA GLY A 237 17.89 -55.54 -21.44
C GLY A 237 17.36 -56.00 -20.10
N THR A 238 17.62 -57.26 -19.75
CA THR A 238 17.20 -57.86 -18.49
C THR A 238 18.38 -58.20 -17.63
N TYR A 239 18.10 -58.56 -16.37
CA TYR A 239 19.09 -58.81 -15.34
C TYR A 239 18.94 -60.13 -14.65
N GLN A 240 19.97 -60.51 -13.91
CA GLN A 240 20.00 -61.75 -13.15
C GLN A 240 20.75 -61.53 -11.86
N ALA A 241 20.36 -62.27 -10.83
CA ALA A 241 20.94 -62.17 -9.49
C ALA A 241 20.69 -63.48 -8.78
N TRP A 242 21.35 -63.67 -7.63
CA TRP A 242 21.15 -64.85 -6.79
C TRP A 242 21.49 -64.58 -5.35
N ALA A 243 21.03 -65.50 -4.49
CA ALA A 243 21.33 -65.48 -3.05
C ALA A 243 21.46 -66.91 -2.54
N SER A 244 22.53 -67.23 -1.82
CA SER A 244 22.73 -68.56 -1.25
C SER A 244 22.94 -68.58 0.24
N ILE A 245 22.58 -69.72 0.84
CA ILE A 245 22.73 -70.07 2.28
C ILE A 245 23.21 -71.53 2.41
N GLU A 246 23.78 -71.90 3.55
CA GLU A 246 24.15 -73.28 3.87
C GLU A 246 23.06 -73.78 4.83
N LEU A 247 22.29 -74.77 4.40
CA LEU A 247 21.23 -75.41 5.17
C LEU A 247 21.91 -76.18 6.33
N ASP A 248 21.37 -76.01 7.57
CA ASP A 248 21.87 -76.64 8.80
C ASP A 248 21.58 -78.14 8.84
N LEU A 254 12.97 -75.18 8.21
CA LEU A 254 12.04 -74.81 7.13
C LEU A 254 12.47 -73.50 6.43
N TYR A 255 13.23 -73.66 5.32
CA TYR A 255 13.76 -72.52 4.56
C TYR A 255 12.90 -72.10 3.39
N SER A 256 12.92 -70.78 3.11
CA SER A 256 12.20 -70.15 2.04
C SER A 256 12.93 -68.93 1.51
N CYS A 257 12.88 -68.73 0.19
CA CYS A 257 13.47 -67.59 -0.48
C CYS A 257 12.37 -66.55 -0.74
N HIS A 258 12.61 -65.30 -0.36
CA HIS A 258 11.66 -64.21 -0.55
C HIS A 258 12.24 -63.27 -1.55
N VAL A 259 11.50 -63.03 -2.63
CA VAL A 259 11.90 -62.17 -3.72
C VAL A 259 10.85 -61.06 -3.88
N GLU A 260 11.28 -59.79 -3.86
CA GLU A 260 10.38 -58.68 -4.14
C GLU A 260 10.91 -57.98 -5.37
N HIS A 261 10.02 -57.68 -6.31
CA HIS A 261 10.36 -56.95 -7.54
C HIS A 261 9.13 -56.20 -7.97
N SER A 262 9.25 -54.87 -8.17
CA SER A 262 8.17 -54.01 -8.67
C SER A 262 6.76 -54.20 -8.05
N GLY A 263 6.70 -54.28 -6.72
CA GLY A 263 5.43 -54.41 -6.00
C GLY A 263 4.83 -55.80 -5.98
N VAL A 264 5.62 -56.80 -6.41
CA VAL A 264 5.14 -58.17 -6.39
C VAL A 264 6.06 -58.95 -5.49
N HIS A 265 5.50 -59.51 -4.40
N HIS A 265 5.48 -59.56 -4.45
CA HIS A 265 6.30 -60.33 -3.47
CA HIS A 265 6.21 -60.37 -3.49
C HIS A 265 6.13 -61.80 -3.90
C HIS A 265 6.07 -61.84 -3.91
N MET A 266 7.21 -62.58 -3.83
N MET A 266 7.18 -62.58 -3.87
CA MET A 266 7.23 -63.97 -4.25
CA MET A 266 7.24 -64.00 -4.21
C MET A 266 8.00 -64.82 -3.20
C MET A 266 7.87 -64.74 -3.04
N VAL A 267 7.44 -65.99 -2.81
CA VAL A 267 7.99 -66.89 -1.78
C VAL A 267 8.21 -68.25 -2.44
N LEU A 268 9.40 -68.85 -2.25
CA LEU A 268 9.74 -70.16 -2.80
C LEU A 268 10.27 -70.95 -1.63
N GLN A 269 9.44 -71.85 -1.09
CA GLN A 269 9.78 -72.75 0.04
C GLN A 269 10.53 -74.02 -0.44
N VAL A 270 11.51 -74.45 0.35
CA VAL A 270 12.33 -75.63 0.10
C VAL A 270 11.66 -76.91 0.61
N MET B 1 48.67 -42.83 -5.65
CA MET B 1 47.59 -43.13 -6.60
C MET B 1 47.04 -44.54 -6.37
N ILE B 2 45.78 -44.61 -5.90
CA ILE B 2 45.10 -45.88 -5.66
C ILE B 2 44.52 -46.36 -7.01
N GLN B 3 44.82 -47.61 -7.38
CA GLN B 3 44.34 -48.25 -8.59
C GLN B 3 43.46 -49.43 -8.18
N ARG B 4 42.39 -49.66 -8.91
CA ARG B 4 41.44 -50.71 -8.57
C ARG B 4 41.40 -51.76 -9.68
N THR B 5 41.72 -53.01 -9.32
CA THR B 5 41.78 -54.11 -10.26
C THR B 5 40.38 -54.55 -10.72
N PRO B 6 40.17 -54.96 -11.99
CA PRO B 6 38.80 -55.35 -12.41
C PRO B 6 38.25 -56.60 -11.77
N LYS B 7 36.92 -56.57 -11.50
CA LYS B 7 36.13 -57.71 -11.03
C LYS B 7 35.68 -58.35 -12.35
N ILE B 8 35.97 -59.65 -12.56
CA ILE B 8 35.64 -60.29 -13.84
C ILE B 8 34.63 -61.39 -13.60
N GLN B 9 33.45 -61.25 -14.24
CA GLN B 9 32.35 -62.21 -14.08
C GLN B 9 31.89 -62.77 -15.40
N VAL B 10 32.02 -64.09 -15.51
CA VAL B 10 31.70 -64.85 -16.70
C VAL B 10 30.46 -65.69 -16.40
N TYR B 11 29.41 -65.47 -17.17
CA TYR B 11 28.12 -66.14 -17.00
C TYR B 11 27.40 -66.16 -18.31
N SER B 12 26.35 -66.98 -18.40
CA SER B 12 25.53 -67.09 -19.61
C SER B 12 24.26 -66.27 -19.46
N ARG B 13 23.67 -65.81 -20.59
CA ARG B 13 22.41 -65.06 -20.61
C ARG B 13 21.27 -65.85 -19.96
N HIS B 14 21.05 -67.10 -20.39
CA HIS B 14 20.02 -67.99 -19.85
C HIS B 14 20.70 -69.17 -19.14
N PRO B 15 20.04 -69.88 -18.19
CA PRO B 15 20.67 -71.08 -17.60
C PRO B 15 21.21 -72.01 -18.69
N ALA B 16 22.50 -72.33 -18.61
CA ALA B 16 23.21 -73.15 -19.58
C ALA B 16 22.68 -74.59 -19.66
N GLU B 17 22.47 -75.05 -20.90
CA GLU B 17 22.02 -76.38 -21.24
C GLU B 17 22.84 -76.81 -22.44
N ASN B 18 23.60 -77.92 -22.29
CA ASN B 18 24.42 -78.53 -23.34
C ASN B 18 23.59 -78.79 -24.59
N GLY B 19 23.98 -78.14 -25.70
CA GLY B 19 23.31 -78.27 -26.99
C GLY B 19 22.37 -77.13 -27.36
N LYS B 20 21.93 -76.33 -26.38
CA LYS B 20 21.00 -75.20 -26.57
C LYS B 20 21.75 -73.88 -26.81
N SER B 21 21.30 -73.08 -27.81
CA SER B 21 21.87 -71.78 -28.18
C SER B 21 21.73 -70.76 -27.07
N ASN B 22 22.81 -70.04 -26.74
CA ASN B 22 22.85 -69.07 -25.64
C ASN B 22 23.82 -67.93 -25.93
N PHE B 23 24.02 -67.02 -24.94
CA PHE B 23 24.98 -65.90 -25.02
C PHE B 23 25.92 -65.99 -23.83
N LEU B 24 27.22 -65.95 -24.08
CA LEU B 24 28.20 -65.95 -23.01
C LEU B 24 28.55 -64.50 -22.75
N ASN B 25 28.47 -64.09 -21.48
CA ASN B 25 28.76 -62.73 -21.08
C ASN B 25 30.01 -62.65 -20.22
N CYS B 26 30.75 -61.55 -20.37
CA CYS B 26 31.86 -61.21 -19.49
C CYS B 26 31.66 -59.78 -19.05
N TYR B 27 31.35 -59.62 -17.78
CA TYR B 27 31.10 -58.34 -17.16
C TYR B 27 32.36 -57.93 -16.37
N VAL B 28 32.96 -56.79 -16.75
CA VAL B 28 34.21 -56.32 -16.15
C VAL B 28 33.88 -55.04 -15.42
N SER B 29 34.01 -55.03 -14.10
CA SER B 29 33.61 -53.86 -13.34
C SER B 29 34.59 -53.48 -12.22
N GLY B 30 34.35 -52.30 -11.64
CA GLY B 30 35.10 -51.75 -10.51
C GLY B 30 36.55 -51.45 -10.76
N PHE B 31 36.95 -51.31 -12.04
CA PHE B 31 38.33 -50.96 -12.34
C PHE B 31 38.57 -49.44 -12.46
N HIS B 32 39.79 -49.04 -12.15
CA HIS B 32 40.29 -47.68 -12.29
C HIS B 32 41.81 -47.79 -12.48
N PRO B 33 42.43 -47.10 -13.47
CA PRO B 33 41.83 -46.24 -14.51
C PRO B 33 41.09 -47.01 -15.61
N SER B 34 40.61 -46.30 -16.62
CA SER B 34 39.76 -46.80 -17.70
C SER B 34 40.41 -47.64 -18.76
N ASP B 35 41.72 -47.51 -18.97
CA ASP B 35 42.35 -48.31 -20.03
C ASP B 35 42.28 -49.81 -19.70
N ILE B 36 41.50 -50.56 -20.49
CA ILE B 36 41.31 -51.99 -20.31
C ILE B 36 41.24 -52.72 -21.68
N GLU B 37 41.58 -54.02 -21.68
CA GLU B 37 41.57 -54.89 -22.86
C GLU B 37 40.86 -56.21 -22.47
N VAL B 38 39.77 -56.56 -23.19
CA VAL B 38 39.00 -57.77 -22.91
C VAL B 38 38.87 -58.62 -24.18
N ASP B 39 38.99 -59.94 -24.02
CA ASP B 39 38.83 -60.93 -25.08
C ASP B 39 38.10 -62.16 -24.55
N LEU B 40 37.20 -62.75 -25.36
CA LEU B 40 36.50 -63.99 -25.00
C LEU B 40 37.18 -65.11 -25.74
N LEU B 41 37.51 -66.19 -25.01
CA LEU B 41 38.20 -67.36 -25.55
C LEU B 41 37.36 -68.64 -25.56
N LYS B 42 37.58 -69.46 -26.58
CA LYS B 42 36.99 -70.78 -26.78
C LYS B 42 38.20 -71.69 -26.97
N ASN B 43 38.47 -72.55 -25.97
CA ASN B 43 39.63 -73.48 -25.95
C ASN B 43 40.98 -72.74 -26.18
N GLY B 44 41.13 -71.61 -25.47
CA GLY B 44 42.33 -70.77 -25.50
C GLY B 44 42.44 -69.80 -26.66
N GLU B 45 41.61 -69.99 -27.71
CA GLU B 45 41.62 -69.17 -28.93
C GLU B 45 40.56 -68.06 -28.88
N ARG B 46 40.98 -66.80 -29.16
CA ARG B 46 40.15 -65.59 -29.19
C ARG B 46 39.01 -65.73 -30.20
N ILE B 47 37.79 -65.40 -29.77
CA ILE B 47 36.59 -65.45 -30.60
C ILE B 47 36.48 -64.11 -31.38
N GLU B 48 36.25 -64.19 -32.69
CA GLU B 48 36.15 -63.03 -33.56
C GLU B 48 34.83 -62.26 -33.41
N LYS B 49 33.69 -62.97 -33.44
CA LYS B 49 32.35 -62.37 -33.36
C LYS B 49 32.01 -62.01 -31.93
N VAL B 50 32.65 -60.95 -31.39
CA VAL B 50 32.37 -60.57 -29.99
C VAL B 50 31.82 -59.16 -29.92
N GLU B 51 30.63 -59.00 -29.34
CA GLU B 51 30.02 -57.68 -29.16
C GLU B 51 30.25 -57.15 -27.74
N HIS B 52 30.14 -55.82 -27.57
CA HIS B 52 30.35 -55.19 -26.27
C HIS B 52 29.65 -53.85 -26.11
N SER B 53 29.43 -53.48 -24.86
CA SER B 53 28.87 -52.20 -24.47
C SER B 53 30.01 -51.17 -24.51
N ASP B 54 29.66 -49.88 -24.54
CA ASP B 54 30.68 -48.83 -24.48
C ASP B 54 31.13 -48.73 -23.04
N LEU B 55 32.31 -48.15 -22.80
CA LEU B 55 32.83 -47.96 -21.45
C LEU B 55 31.78 -47.20 -20.61
N SER B 56 31.48 -47.72 -19.42
CA SER B 56 30.45 -47.14 -18.59
C SER B 56 30.98 -46.63 -17.28
N PHE B 57 30.28 -45.66 -16.69
CA PHE B 57 30.70 -45.00 -15.47
C PHE B 57 29.87 -45.40 -14.27
N SER B 58 30.54 -45.64 -13.14
CA SER B 58 29.86 -45.91 -11.88
C SER B 58 29.96 -44.67 -10.95
N LYS B 59 28.98 -44.51 -10.05
CA LYS B 59 28.91 -43.43 -9.05
C LYS B 59 30.15 -43.40 -8.13
N ASP B 60 30.84 -44.57 -7.96
CA ASP B 60 32.03 -44.71 -7.09
C ASP B 60 33.32 -44.36 -7.81
N TRP B 61 33.20 -43.88 -9.05
CA TRP B 61 34.26 -43.39 -9.93
C TRP B 61 34.96 -44.45 -10.75
N SER B 62 34.53 -45.70 -10.63
CA SER B 62 35.11 -46.78 -11.39
C SER B 62 34.29 -46.97 -12.66
N PHE B 63 34.73 -47.92 -13.49
CA PHE B 63 34.17 -48.20 -14.80
C PHE B 63 33.72 -49.65 -14.97
N TYR B 64 32.78 -49.88 -15.87
CA TYR B 64 32.31 -51.22 -16.17
C TYR B 64 32.07 -51.40 -17.63
N LEU B 65 32.03 -52.66 -18.06
CA LEU B 65 31.83 -53.04 -19.46
C LEU B 65 31.22 -54.43 -19.53
N LEU B 66 30.46 -54.70 -20.62
CA LEU B 66 29.94 -56.03 -20.89
C LEU B 66 30.35 -56.50 -22.28
N TYR B 67 31.02 -57.64 -22.34
CA TYR B 67 31.45 -58.31 -23.55
C TYR B 67 30.60 -59.55 -23.66
N TYR B 68 30.07 -59.82 -24.85
CA TYR B 68 29.21 -60.98 -25.06
C TYR B 68 29.35 -61.57 -26.45
N THR B 69 28.99 -62.86 -26.55
CA THR B 69 29.01 -63.62 -27.79
C THR B 69 27.96 -64.72 -27.79
N GLU B 70 27.43 -65.04 -28.99
CA GLU B 70 26.49 -66.14 -29.15
C GLU B 70 27.32 -67.43 -29.18
N PHE B 71 26.85 -68.45 -28.45
CA PHE B 71 27.52 -69.74 -28.35
C PHE B 71 26.55 -70.87 -28.04
N THR B 72 26.94 -72.11 -28.38
CA THR B 72 26.16 -73.31 -28.06
C THR B 72 27.03 -74.16 -27.12
N PRO B 73 26.78 -74.12 -25.79
CA PRO B 73 27.64 -74.88 -24.87
C PRO B 73 27.60 -76.38 -25.09
N THR B 74 28.77 -77.01 -24.99
CA THR B 74 29.00 -78.47 -25.12
C THR B 74 29.95 -78.88 -23.99
N GLU B 75 29.92 -80.15 -23.58
CA GLU B 75 30.79 -80.69 -22.53
C GLU B 75 32.29 -80.52 -22.87
N LYS B 76 32.64 -80.72 -24.16
CA LYS B 76 34.00 -80.63 -24.69
C LYS B 76 34.57 -79.21 -24.81
N ASP B 77 33.71 -78.17 -24.76
CA ASP B 77 34.17 -76.78 -24.94
C ASP B 77 34.40 -75.96 -23.68
N GLU B 78 35.59 -75.36 -23.62
CA GLU B 78 36.05 -74.53 -22.50
C GLU B 78 36.00 -73.05 -22.89
N TYR B 79 35.28 -72.24 -22.11
CA TYR B 79 35.14 -70.82 -22.36
C TYR B 79 35.80 -69.98 -21.28
N ALA B 80 36.41 -68.87 -21.69
CA ALA B 80 37.09 -67.99 -20.76
C ALA B 80 37.00 -66.53 -21.21
N CYS B 81 37.43 -65.62 -20.33
CA CYS B 81 37.46 -64.18 -20.56
C CYS B 81 38.83 -63.74 -20.12
N ARG B 82 39.62 -63.20 -21.04
CA ARG B 82 40.98 -62.73 -20.81
C ARG B 82 40.96 -61.21 -20.70
N VAL B 83 41.39 -60.70 -19.53
CA VAL B 83 41.39 -59.27 -19.23
C VAL B 83 42.81 -58.70 -18.97
N ASN B 84 43.10 -57.54 -19.56
CA ASN B 84 44.34 -56.83 -19.35
C ASN B 84 44.05 -55.43 -18.86
N HIS B 85 44.78 -55.03 -17.79
CA HIS B 85 44.63 -53.75 -17.07
C HIS B 85 46.00 -53.42 -16.41
N VAL B 86 46.25 -52.14 -16.12
CA VAL B 86 47.49 -51.63 -15.52
C VAL B 86 47.86 -52.27 -14.16
N THR B 87 46.85 -52.70 -13.40
CA THR B 87 46.98 -53.36 -12.11
C THR B 87 47.49 -54.82 -12.24
N LEU B 88 47.48 -55.38 -13.47
CA LEU B 88 47.88 -56.75 -13.79
C LEU B 88 49.26 -56.83 -14.47
N SER B 89 50.11 -57.74 -14.01
CA SER B 89 51.47 -57.90 -14.57
C SER B 89 51.40 -58.77 -15.84
N GLN B 90 50.35 -59.60 -15.93
CA GLN B 90 50.08 -60.50 -17.04
C GLN B 90 48.58 -60.48 -17.33
N PRO B 91 48.11 -60.80 -18.56
CA PRO B 91 46.65 -60.85 -18.79
C PRO B 91 46.01 -61.93 -17.92
N LYS B 92 44.85 -61.62 -17.34
CA LYS B 92 44.15 -62.55 -16.47
C LYS B 92 43.05 -63.30 -17.23
N ILE B 93 43.19 -64.61 -17.32
CA ILE B 93 42.21 -65.50 -17.96
C ILE B 93 41.25 -66.01 -16.87
N VAL B 94 39.95 -65.70 -17.01
CA VAL B 94 38.93 -66.11 -16.06
C VAL B 94 38.01 -67.07 -16.81
N LYS B 95 38.04 -68.35 -16.41
CA LYS B 95 37.28 -69.41 -17.02
C LYS B 95 35.82 -69.40 -16.59
N TRP B 96 34.93 -69.71 -17.54
CA TRP B 96 33.49 -69.85 -17.28
C TRP B 96 33.30 -71.15 -16.49
N ASP B 97 32.62 -71.06 -15.35
CA ASP B 97 32.31 -72.14 -14.44
C ASP B 97 31.15 -73.03 -14.93
N ARG B 98 30.65 -72.81 -16.15
CA ARG B 98 29.60 -73.61 -16.80
C ARG B 98 28.22 -73.67 -16.09
N ASP B 99 27.83 -72.59 -15.35
CA ASP B 99 26.51 -72.46 -14.68
C ASP B 99 26.33 -73.49 -13.56
N ARG C 2 -0.95 13.34 -3.80
CA ARG C 2 -1.97 12.51 -4.51
C ARG C 2 -3.37 12.82 -3.96
N THR C 3 -4.41 12.79 -4.82
CA THR C 3 -5.81 13.05 -4.42
C THR C 3 -6.37 11.97 -3.51
N HIS C 4 -7.00 12.37 -2.38
CA HIS C 4 -7.65 11.46 -1.45
C HIS C 4 -9.02 11.97 -1.07
N SER C 5 -9.91 11.05 -0.69
CA SER C 5 -11.26 11.42 -0.31
C SER C 5 -11.74 10.66 0.93
N LEU C 6 -12.65 11.27 1.67
CA LEU C 6 -13.34 10.70 2.80
C LEU C 6 -14.81 10.86 2.46
N ARG C 7 -15.58 9.78 2.56
CA ARG C 7 -17.01 9.87 2.33
C ARG C 7 -17.85 8.92 3.17
N TYR C 8 -18.95 9.42 3.70
CA TYR C 8 -19.92 8.64 4.46
C TYR C 8 -21.24 8.58 3.69
N PHE C 9 -21.76 7.37 3.50
CA PHE C 9 -23.00 7.08 2.79
C PHE C 9 -24.01 6.50 3.76
N ARG C 10 -25.29 6.82 3.53
CA ARG C 10 -26.46 6.31 4.23
C ARG C 10 -27.44 5.83 3.17
N LEU C 11 -28.03 4.65 3.39
CA LEU C 11 -29.07 4.05 2.56
C LEU C 11 -30.21 3.61 3.45
N GLY C 12 -31.41 3.98 3.03
CA GLY C 12 -32.66 3.63 3.67
C GLY C 12 -33.61 3.05 2.65
N VAL C 13 -34.26 1.95 3.02
CA VAL C 13 -35.18 1.23 2.16
C VAL C 13 -36.53 1.20 2.90
N SER C 14 -37.58 1.72 2.25
CA SER C 14 -38.94 1.86 2.82
C SER C 14 -39.71 0.59 3.12
N ASP C 15 -39.58 -0.43 2.27
CA ASP C 15 -40.34 -1.65 2.50
C ASP C 15 -39.44 -2.83 2.19
N PRO C 16 -38.42 -3.14 3.06
CA PRO C 16 -37.50 -4.22 2.69
C PRO C 16 -38.06 -5.63 2.89
N ILE C 17 -37.49 -6.62 2.21
CA ILE C 17 -37.85 -8.04 2.34
C ILE C 17 -37.18 -8.65 3.62
N HIS C 18 -37.48 -9.92 3.96
CA HIS C 18 -36.97 -10.64 5.15
C HIS C 18 -35.56 -10.24 5.65
N GLY C 19 -34.56 -10.29 4.77
CA GLY C 19 -33.17 -10.05 5.14
C GLY C 19 -32.62 -8.65 5.00
N VAL C 20 -32.94 -7.96 3.88
CA VAL C 20 -32.41 -6.62 3.58
C VAL C 20 -32.64 -5.61 4.73
N PRO C 21 -31.58 -4.95 5.27
CA PRO C 21 -31.80 -4.00 6.37
C PRO C 21 -32.57 -2.77 5.91
N GLU C 22 -33.32 -2.16 6.83
CA GLU C 22 -34.05 -0.93 6.54
C GLU C 22 -33.03 0.21 6.37
N PHE C 23 -31.82 0.06 6.98
CA PHE C 23 -30.82 1.11 7.02
C PHE C 23 -29.42 0.57 7.08
N ILE C 24 -28.52 1.17 6.25
CA ILE C 24 -27.08 0.86 6.17
C ILE C 24 -26.31 2.19 6.10
N SER C 25 -25.17 2.26 6.76
CA SER C 25 -24.26 3.39 6.68
C SER C 25 -22.83 2.88 6.58
N VAL C 26 -22.11 3.29 5.52
CA VAL C 26 -20.72 2.89 5.27
C VAL C 26 -19.87 4.13 5.02
N GLY C 27 -18.66 4.13 5.57
CA GLY C 27 -17.66 5.16 5.36
C GLY C 27 -16.50 4.62 4.54
N TYR C 28 -15.93 5.46 3.68
CA TYR C 28 -14.76 5.12 2.84
C TYR C 28 -13.66 6.17 2.91
N VAL C 29 -12.43 5.71 2.78
CA VAL C 29 -11.25 6.54 2.51
C VAL C 29 -10.81 6.00 1.15
N ASP C 30 -10.95 6.81 0.09
CA ASP C 30 -10.76 6.46 -1.32
C ASP C 30 -11.65 5.27 -1.65
N SER C 31 -11.10 4.17 -2.14
CA SER C 31 -11.87 2.96 -2.46
C SER C 31 -12.16 2.05 -1.24
N HIS C 32 -11.47 2.30 -0.11
CA HIS C 32 -11.48 1.46 1.07
C HIS C 32 -12.57 1.73 2.09
N PRO C 33 -13.34 0.68 2.43
CA PRO C 33 -14.33 0.82 3.51
C PRO C 33 -13.61 0.97 4.86
N ILE C 34 -14.07 1.90 5.71
CA ILE C 34 -13.40 2.16 6.99
C ILE C 34 -14.30 1.90 8.18
N THR C 35 -15.60 2.04 7.98
CA THR C 35 -16.62 1.94 9.03
C THR C 35 -17.90 1.37 8.44
N THR C 36 -18.67 0.67 9.28
CA THR C 36 -19.98 0.13 8.91
C THR C 36 -20.98 0.18 10.07
N TYR C 37 -22.25 0.38 9.72
CA TYR C 37 -23.37 0.36 10.65
C TYR C 37 -24.57 -0.10 9.85
N ASP C 38 -25.43 -0.90 10.46
CA ASP C 38 -26.73 -1.26 9.88
C ASP C 38 -27.82 -1.42 10.97
N SER C 39 -29.10 -1.43 10.54
CA SER C 39 -30.26 -1.56 11.41
C SER C 39 -30.39 -2.91 12.14
N VAL C 40 -29.61 -3.92 11.72
CA VAL C 40 -29.58 -5.26 12.34
C VAL C 40 -28.57 -5.29 13.48
N THR C 41 -27.30 -4.97 13.20
CA THR C 41 -26.20 -4.91 14.19
C THR C 41 -26.45 -3.80 15.23
N ARG C 42 -26.92 -2.60 14.75
CA ARG C 42 -27.18 -1.40 15.59
C ARG C 42 -25.91 -0.94 16.30
N GLN C 43 -24.79 -1.14 15.62
CA GLN C 43 -23.46 -0.90 16.13
C GLN C 43 -22.55 -0.36 15.05
N LYS C 44 -21.79 0.73 15.34
CA LYS C 44 -20.83 1.22 14.36
C LYS C 44 -19.50 0.51 14.58
N GLU C 45 -18.96 -0.10 13.53
CA GLU C 45 -17.73 -0.88 13.68
C GLU C 45 -16.70 -0.48 12.61
N PRO C 46 -15.39 -0.64 12.91
CA PRO C 46 -14.37 -0.39 11.86
C PRO C 46 -14.40 -1.51 10.80
N ARG C 47 -14.08 -1.19 9.52
CA ARG C 47 -14.09 -2.15 8.42
C ARG C 47 -12.68 -2.27 7.78
N ALA C 48 -11.66 -1.73 8.46
CA ALA C 48 -10.28 -1.75 8.00
C ALA C 48 -9.40 -1.98 9.21
N PRO C 49 -8.38 -2.85 9.12
CA PRO C 49 -7.53 -3.14 10.29
C PRO C 49 -6.86 -1.90 10.91
N TRP C 50 -6.46 -0.97 10.06
CA TRP C 50 -5.78 0.25 10.47
C TRP C 50 -6.66 1.28 11.17
N MET C 51 -8.00 1.08 11.12
CA MET C 51 -8.99 1.90 11.81
C MET C 51 -9.11 1.32 13.22
N ALA C 52 -9.32 -0.02 13.30
CA ALA C 52 -9.43 -0.79 14.55
C ALA C 52 -8.19 -0.63 15.42
N GLU C 53 -7.00 -0.63 14.79
CA GLU C 53 -5.71 -0.50 15.48
C GLU C 53 -5.43 0.90 16.04
N ASN C 54 -6.07 1.96 15.49
CA ASN C 54 -5.81 3.35 15.92
C ASN C 54 -6.92 4.01 16.68
N LEU C 55 -8.12 3.42 16.63
CA LEU C 55 -9.26 3.95 17.34
C LEU C 55 -9.72 2.96 18.38
N ALA C 56 -9.66 3.38 19.66
CA ALA C 56 -10.04 2.59 20.84
C ALA C 56 -11.52 2.21 20.75
N PRO C 57 -11.93 1.03 21.29
CA PRO C 57 -13.35 0.63 21.17
C PRO C 57 -14.33 1.67 21.73
N ASP C 58 -13.85 2.53 22.67
CA ASP C 58 -14.63 3.61 23.25
C ASP C 58 -14.98 4.70 22.22
N HIS C 59 -14.23 4.81 21.09
CA HIS C 59 -14.48 5.79 20.01
C HIS C 59 -15.80 5.48 19.27
N TRP C 60 -16.09 4.19 19.06
CA TRP C 60 -17.29 3.68 18.38
C TRP C 60 -18.57 3.79 19.19
N GLU C 61 -18.45 3.91 20.52
CA GLU C 61 -19.56 4.02 21.47
C GLU C 61 -20.46 5.21 21.15
N ARG C 62 -19.84 6.40 20.98
CA ARG C 62 -20.49 7.66 20.63
C ARG C 62 -21.11 7.58 19.24
N TYR C 63 -20.38 7.07 18.23
CA TYR C 63 -20.92 6.93 16.85
C TYR C 63 -22.08 5.94 16.73
N THR C 64 -22.11 4.90 17.57
CA THR C 64 -23.22 3.93 17.66
C THR C 64 -24.49 4.65 18.05
N GLN C 65 -24.40 5.54 19.06
CA GLN C 65 -25.52 6.35 19.56
C GLN C 65 -25.97 7.35 18.48
N LEU C 66 -25.01 7.93 17.73
CA LEU C 66 -25.34 8.88 16.69
C LEU C 66 -26.04 8.19 15.57
N LEU C 67 -25.53 7.01 15.15
CA LEU C 67 -26.13 6.24 14.06
C LEU C 67 -27.53 5.72 14.32
N ARG C 68 -27.79 5.35 15.57
CA ARG C 68 -29.14 4.92 15.98
C ARG C 68 -30.16 6.06 15.84
N GLY C 69 -29.74 7.28 16.15
CA GLY C 69 -30.55 8.48 16.01
C GLY C 69 -30.71 8.82 14.54
N TRP C 70 -29.61 8.75 13.78
CA TRP C 70 -29.63 9.03 12.33
C TRP C 70 -30.47 8.05 11.52
N GLN C 71 -30.50 6.76 11.97
CA GLN C 71 -31.27 5.69 11.38
C GLN C 71 -32.75 6.06 11.49
N GLN C 72 -33.17 6.53 12.68
CA GLN C 72 -34.54 6.96 12.96
C GLN C 72 -35.01 8.16 12.13
N MET C 73 -34.14 9.18 11.99
CA MET C 73 -34.40 10.39 11.22
C MET C 73 -34.62 10.04 9.74
N PHE C 74 -33.81 9.12 9.25
CA PHE C 74 -33.81 8.60 7.90
C PHE C 74 -35.12 7.94 7.55
N LYS C 75 -35.64 7.07 8.44
CA LYS C 75 -36.94 6.40 8.33
C LYS C 75 -38.11 7.42 8.25
N VAL C 76 -38.08 8.42 9.13
CA VAL C 76 -39.05 9.52 9.17
C VAL C 76 -38.97 10.36 7.85
N GLU C 77 -37.75 10.72 7.42
CA GLU C 77 -37.54 11.50 6.19
C GLU C 77 -38.07 10.76 4.94
N LEU C 78 -37.80 9.45 4.82
CA LEU C 78 -38.28 8.64 3.71
C LEU C 78 -39.83 8.55 3.70
N LYS C 79 -40.47 8.40 4.89
CA LYS C 79 -41.93 8.38 5.07
C LYS C 79 -42.50 9.70 4.50
N ARG C 80 -41.88 10.85 4.86
CA ARG C 80 -42.26 12.17 4.38
C ARG C 80 -42.15 12.24 2.85
N LEU C 81 -41.02 11.79 2.29
CA LEU C 81 -40.78 11.80 0.83
C LEU C 81 -41.77 10.98 0.06
N GLN C 82 -42.03 9.75 0.53
CA GLN C 82 -42.92 8.80 -0.14
C GLN C 82 -44.39 9.22 -0.11
N ARG C 83 -44.79 9.87 0.98
CA ARG C 83 -46.15 10.38 1.13
C ARG C 83 -46.34 11.60 0.21
N HIS C 84 -45.31 12.46 0.07
CA HIS C 84 -45.39 13.63 -0.79
C HIS C 84 -45.34 13.26 -2.27
N TYR C 85 -44.46 12.30 -2.66
CA TYR C 85 -44.44 11.79 -4.04
C TYR C 85 -45.70 11.02 -4.40
N ASN C 86 -46.42 10.55 -3.35
CA ASN C 86 -47.63 9.72 -3.44
C ASN C 86 -47.28 8.36 -4.08
N HIS C 87 -46.12 7.78 -3.68
CA HIS C 87 -45.61 6.49 -4.17
C HIS C 87 -45.97 5.33 -3.25
N SER C 88 -46.33 4.18 -3.86
CA SER C 88 -46.63 2.89 -3.22
C SER C 88 -45.34 2.04 -3.27
N GLY C 89 -45.29 0.97 -2.47
CA GLY C 89 -44.19 0.03 -2.44
C GLY C 89 -42.89 0.51 -1.79
N SER C 90 -41.79 -0.16 -2.19
CA SER C 90 -40.45 0.04 -1.66
C SER C 90 -39.68 1.07 -2.45
N HIS C 91 -39.20 2.07 -1.73
CA HIS C 91 -38.43 3.15 -2.29
C HIS C 91 -37.18 3.29 -1.47
N THR C 92 -36.17 3.97 -2.01
CA THR C 92 -34.88 4.16 -1.33
C THR C 92 -34.58 5.60 -1.16
N TYR C 93 -33.83 5.87 -0.09
CA TYR C 93 -33.35 7.17 0.27
C TYR C 93 -31.86 7.04 0.54
N GLN C 94 -31.06 7.92 -0.08
CA GLN C 94 -29.62 7.90 0.09
C GLN C 94 -29.05 9.27 0.42
N ARG C 95 -27.95 9.26 1.16
CA ARG C 95 -27.15 10.39 1.53
C ARG C 95 -25.67 10.11 1.29
N MET C 96 -24.96 11.10 0.81
CA MET C 96 -23.51 11.02 0.68
C MET C 96 -22.94 12.34 1.20
N ILE C 97 -22.02 12.27 2.14
CA ILE C 97 -21.29 13.43 2.61
C ILE C 97 -19.81 13.14 2.47
N GLY C 98 -18.99 14.15 2.21
CA GLY C 98 -17.58 13.92 2.08
C GLY C 98 -16.76 15.08 1.61
N CYS C 99 -15.48 14.83 1.45
CA CYS C 99 -14.50 15.82 1.08
C CYS C 99 -13.32 15.17 0.37
N GLU C 100 -12.63 15.98 -0.43
CA GLU C 100 -11.44 15.53 -1.15
C GLU C 100 -10.31 16.46 -0.85
N LEU C 101 -9.15 15.91 -0.66
CA LEU C 101 -7.93 16.69 -0.50
C LEU C 101 -7.16 16.46 -1.81
N LEU C 102 -7.10 17.48 -2.69
CA LEU C 102 -6.42 17.35 -3.99
C LEU C 102 -4.91 17.46 -3.90
N GLU C 103 -4.20 17.01 -4.97
CA GLU C 103 -2.72 17.01 -5.09
C GLU C 103 -2.12 18.41 -4.82
N ASP C 104 -2.71 19.46 -5.43
CA ASP C 104 -2.29 20.86 -5.28
C ASP C 104 -2.52 21.47 -3.89
N GLY C 105 -3.18 20.71 -3.00
CA GLY C 105 -3.47 21.13 -1.65
C GLY C 105 -4.84 21.74 -1.47
N SER C 106 -5.54 22.03 -2.59
CA SER C 106 -6.90 22.57 -2.51
C SER C 106 -7.90 21.48 -2.08
N THR C 107 -9.11 21.90 -1.67
CA THR C 107 -10.10 20.96 -1.15
C THR C 107 -11.46 21.13 -1.78
N THR C 108 -12.30 20.11 -1.63
CA THR C 108 -13.70 20.09 -2.06
C THR C 108 -14.49 19.45 -0.93
N GLY C 109 -15.74 19.81 -0.82
CA GLY C 109 -16.68 19.26 0.14
C GLY C 109 -18.00 19.13 -0.55
N PHE C 110 -18.80 18.11 -0.21
CA PHE C 110 -20.07 17.86 -0.89
C PHE C 110 -21.02 17.15 0.04
N LEU C 111 -22.30 17.40 -0.13
CA LEU C 111 -23.40 16.80 0.61
C LEU C 111 -24.61 16.74 -0.34
N GLN C 112 -25.13 15.52 -0.55
CA GLN C 112 -26.21 15.29 -1.49
C GLN C 112 -27.12 14.22 -0.97
N TYR C 113 -28.38 14.24 -1.45
CA TYR C 113 -29.41 13.24 -1.19
C TYR C 113 -29.96 12.73 -2.50
N ALA C 114 -30.40 11.47 -2.48
CA ALA C 114 -31.00 10.77 -3.62
C ALA C 114 -32.29 10.06 -3.21
N TYR C 115 -33.28 10.11 -4.08
CA TYR C 115 -34.51 9.38 -3.83
C TYR C 115 -34.62 8.43 -5.04
N ASP C 116 -34.75 7.11 -4.80
CA ASP C 116 -34.81 6.11 -5.86
C ASP C 116 -33.55 6.13 -6.79
N GLY C 117 -32.39 6.40 -6.17
CA GLY C 117 -31.08 6.48 -6.83
C GLY C 117 -30.93 7.62 -7.81
N GLN C 118 -31.77 8.67 -7.67
CA GLN C 118 -31.70 9.84 -8.53
C GLN C 118 -31.47 11.07 -7.65
N ASP C 119 -30.62 12.02 -8.10
CA ASP C 119 -30.38 13.25 -7.35
C ASP C 119 -31.69 13.84 -6.85
N PHE C 120 -31.70 14.28 -5.59
CA PHE C 120 -32.88 14.83 -4.96
C PHE C 120 -32.60 16.22 -4.44
N LEU C 121 -31.55 16.35 -3.60
CA LEU C 121 -31.11 17.62 -3.00
C LEU C 121 -29.62 17.67 -3.01
N ILE C 122 -29.03 18.77 -3.52
CA ILE C 122 -27.57 18.96 -3.59
C ILE C 122 -27.20 20.19 -2.78
N PHE C 123 -26.33 20.04 -1.76
CA PHE C 123 -25.92 21.19 -0.95
C PHE C 123 -24.92 22.07 -1.69
N ASN C 124 -25.09 23.37 -1.57
CA ASN C 124 -24.12 24.34 -2.12
C ASN C 124 -23.53 25.07 -0.92
N LYS C 125 -22.32 24.67 -0.50
CA LYS C 125 -21.68 25.27 0.67
C LYS C 125 -21.20 26.70 0.45
N ASP C 126 -21.16 27.16 -0.80
CA ASP C 126 -20.69 28.50 -1.10
C ASP C 126 -21.80 29.55 -1.04
N THR C 127 -23.03 29.19 -1.40
CA THR C 127 -24.18 30.09 -1.32
C THR C 127 -25.04 29.73 -0.10
N LEU C 128 -24.69 28.62 0.59
CA LEU C 128 -25.41 28.06 1.75
C LEU C 128 -26.85 27.78 1.35
N SER C 129 -27.00 26.95 0.35
CA SER C 129 -28.32 26.62 -0.16
C SER C 129 -28.37 25.22 -0.70
N TRP C 130 -29.59 24.74 -0.85
CA TRP C 130 -29.94 23.44 -1.36
C TRP C 130 -30.57 23.58 -2.73
N LEU C 131 -30.06 22.81 -3.69
CA LEU C 131 -30.58 22.76 -5.04
C LEU C 131 -31.55 21.57 -5.09
N ALA C 132 -32.82 21.87 -5.43
CA ALA C 132 -33.94 20.92 -5.51
C ALA C 132 -34.26 20.57 -6.96
N VAL C 133 -34.41 19.28 -7.28
CA VAL C 133 -34.73 18.76 -8.61
C VAL C 133 -36.22 18.88 -8.96
N ASP C 134 -37.11 18.86 -7.92
CA ASP C 134 -38.56 18.87 -8.15
C ASP C 134 -39.29 19.56 -7.02
N ASN C 135 -40.63 19.46 -7.01
CA ASN C 135 -41.44 20.12 -5.99
C ASN C 135 -41.46 19.50 -4.65
N VAL C 136 -41.21 18.19 -4.56
CA VAL C 136 -41.13 17.51 -3.28
C VAL C 136 -39.80 17.98 -2.65
N ALA C 137 -38.68 17.92 -3.43
CA ALA C 137 -37.39 18.41 -2.95
C ALA C 137 -37.49 19.90 -2.57
N HIS C 138 -38.20 20.71 -3.38
CA HIS C 138 -38.38 22.13 -3.08
C HIS C 138 -38.99 22.39 -1.71
N THR C 139 -39.95 21.54 -1.31
CA THR C 139 -40.59 21.62 -0.01
C THR C 139 -39.56 21.37 1.10
N ILE C 140 -38.76 20.30 0.97
CA ILE C 140 -37.68 19.95 1.92
C ILE C 140 -36.63 21.06 2.01
N LYS C 141 -36.13 21.51 0.84
CA LYS C 141 -35.21 22.64 0.68
C LYS C 141 -35.66 23.84 1.55
N GLN C 142 -36.94 24.25 1.49
CA GLN C 142 -37.45 25.40 2.26
C GLN C 142 -37.41 25.19 3.77
N ALA C 143 -37.74 23.97 4.23
CA ALA C 143 -37.68 23.60 5.64
C ALA C 143 -36.23 23.62 6.13
N TRP C 144 -35.28 23.04 5.34
CA TRP C 144 -33.85 23.03 5.68
C TRP C 144 -33.19 24.41 5.63
N GLU C 145 -33.56 25.25 4.66
CA GLU C 145 -32.97 26.59 4.50
C GLU C 145 -33.38 27.58 5.60
N ALA C 146 -34.48 27.29 6.30
CA ALA C 146 -35.01 28.06 7.43
C ALA C 146 -34.09 27.88 8.66
N ASN C 147 -33.36 26.75 8.71
CA ASN C 147 -32.45 26.41 9.80
C ASN C 147 -31.03 26.77 9.40
N GLN C 148 -30.71 28.06 9.48
CA GLN C 148 -29.39 28.55 9.12
C GLN C 148 -28.24 27.94 9.91
N HIS C 149 -28.45 27.61 11.21
CA HIS C 149 -27.47 27.02 12.13
C HIS C 149 -26.94 25.72 11.56
N GLU C 150 -27.86 24.83 11.14
CA GLU C 150 -27.52 23.54 10.58
C GLU C 150 -26.69 23.67 9.30
N LEU C 151 -27.00 24.66 8.44
CA LEU C 151 -26.31 24.91 7.17
C LEU C 151 -24.90 25.35 7.39
N LEU C 152 -24.71 26.34 8.31
CA LEU C 152 -23.41 26.88 8.70
C LEU C 152 -22.54 25.76 9.31
N TYR C 153 -23.18 24.89 10.09
CA TYR C 153 -22.55 23.72 10.70
C TYR C 153 -22.04 22.71 9.66
N GLN C 154 -22.85 22.46 8.60
CA GLN C 154 -22.52 21.55 7.51
C GLN C 154 -21.39 22.11 6.70
N LYS C 155 -21.43 23.42 6.40
CA LYS C 155 -20.35 24.13 5.71
C LYS C 155 -19.03 23.98 6.49
N ASN C 156 -18.98 24.36 7.77
CA ASN C 156 -17.77 24.19 8.57
C ASN C 156 -17.31 22.72 8.62
N TRP C 157 -18.23 21.76 8.71
CA TRP C 157 -17.85 20.35 8.81
C TRP C 157 -17.16 19.91 7.50
N LEU C 158 -17.75 20.29 6.38
CA LEU C 158 -17.24 20.00 5.05
C LEU C 158 -15.85 20.59 4.82
N GLU C 159 -15.69 21.89 5.08
CA GLU C 159 -14.45 22.61 4.88
C GLU C 159 -13.33 22.39 5.88
N GLU C 160 -13.67 22.17 7.14
CA GLU C 160 -12.69 22.04 8.21
C GLU C 160 -12.56 20.64 8.82
N GLU C 161 -13.63 20.12 9.44
CA GLU C 161 -13.64 18.84 10.16
C GLU C 161 -13.39 17.62 9.30
N CYS C 162 -14.07 17.55 8.16
CA CYS C 162 -13.94 16.46 7.21
C CYS C 162 -12.45 16.28 6.77
N ILE C 163 -11.79 17.40 6.39
CA ILE C 163 -10.37 17.42 5.98
C ILE C 163 -9.46 16.96 7.11
N ALA C 164 -9.72 17.44 8.35
CA ALA C 164 -8.89 17.06 9.49
C ALA C 164 -9.02 15.54 9.75
N TRP C 165 -10.23 14.98 9.60
CA TRP C 165 -10.46 13.54 9.73
C TRP C 165 -9.75 12.75 8.62
N LEU C 166 -9.93 13.19 7.38
CA LEU C 166 -9.30 12.59 6.23
C LEU C 166 -7.81 12.49 6.44
N LYS C 167 -7.13 13.61 6.81
CA LYS C 167 -5.68 13.63 7.07
C LYS C 167 -5.29 12.66 8.18
N ARG C 168 -6.14 12.54 9.19
CA ARG C 168 -5.89 11.66 10.33
C ARG C 168 -6.01 10.17 9.88
N PHE C 169 -7.02 9.85 9.07
CA PHE C 169 -7.22 8.50 8.53
C PHE C 169 -6.13 8.11 7.54
N LEU C 170 -5.65 9.08 6.72
CA LEU C 170 -4.54 8.86 5.79
C LEU C 170 -3.26 8.47 6.53
N GLU C 171 -3.02 9.07 7.72
CA GLU C 171 -1.86 8.75 8.54
C GLU C 171 -1.98 7.32 9.07
N TYR C 172 -3.16 6.93 9.63
CA TYR C 172 -3.46 5.58 10.14
C TYR C 172 -3.29 4.51 9.08
N GLY C 173 -3.80 4.77 7.88
CA GLY C 173 -3.74 3.80 6.79
C GLY C 173 -2.65 4.03 5.77
N LYS C 174 -1.60 4.78 6.15
CA LYS C 174 -0.43 5.16 5.35
C LYS C 174 0.18 4.03 4.53
N ASP C 175 0.42 2.87 5.16
CA ASP C 175 1.04 1.69 4.52
C ASP C 175 0.20 1.09 3.41
N THR C 176 -1.10 1.35 3.43
CA THR C 176 -2.06 0.88 2.44
C THR C 176 -2.34 1.98 1.42
N LEU C 177 -2.90 3.09 1.91
CA LEU C 177 -3.37 4.21 1.12
C LEU C 177 -2.35 4.98 0.34
N GLN C 178 -1.12 5.07 0.86
CA GLN C 178 -0.08 5.89 0.22
C GLN C 178 0.95 5.10 -0.54
N ARG C 179 0.76 3.77 -0.64
CA ARG C 179 1.66 2.90 -1.36
C ARG C 179 1.43 2.98 -2.90
N THR C 180 2.40 2.47 -3.68
CA THR C 180 2.33 2.43 -5.13
C THR C 180 2.81 1.06 -5.53
N GLU C 181 1.99 0.37 -6.33
CA GLU C 181 2.34 -0.93 -6.93
C GLU C 181 2.26 -0.68 -8.43
N PRO C 182 3.40 -0.63 -9.14
CA PRO C 182 3.36 -0.34 -10.59
C PRO C 182 2.63 -1.42 -11.38
N PRO C 183 2.00 -1.08 -12.52
CA PRO C 183 1.33 -2.12 -13.30
C PRO C 183 2.27 -3.05 -14.08
N LEU C 184 1.83 -4.28 -14.28
CA LEU C 184 2.51 -5.27 -15.13
C LEU C 184 1.68 -5.20 -16.39
N VAL C 185 2.25 -4.71 -17.49
CA VAL C 185 1.52 -4.53 -18.76
C VAL C 185 1.97 -5.45 -19.88
N ARG C 186 1.01 -6.02 -20.61
CA ARG C 186 1.29 -6.88 -21.75
C ARG C 186 0.36 -6.55 -22.93
N VAL C 187 0.81 -6.86 -24.16
CA VAL C 187 0.05 -6.67 -25.38
C VAL C 187 -0.16 -8.05 -26.04
N ASN C 188 -1.42 -8.43 -26.35
CA ASN C 188 -1.82 -9.68 -27.01
C ASN C 188 -2.85 -9.49 -28.14
N ARG C 189 -2.96 -10.48 -29.05
CA ARG C 189 -3.90 -10.49 -30.18
C ARG C 189 -5.07 -11.44 -29.92
N LYS C 190 -6.30 -11.04 -30.33
CA LYS C 190 -7.54 -11.83 -30.20
C LYS C 190 -8.39 -11.72 -31.47
N LEU C 199 -5.82 -6.08 -31.11
CA LEU C 199 -4.75 -5.77 -30.16
C LEU C 199 -5.35 -5.41 -28.82
N PHE C 200 -4.90 -6.07 -27.75
CA PHE C 200 -5.36 -5.86 -26.37
C PHE C 200 -4.20 -5.46 -25.48
N CYS C 201 -4.30 -4.31 -24.80
CA CYS C 201 -3.28 -3.87 -23.85
C CYS C 201 -3.83 -4.16 -22.47
N LYS C 202 -3.22 -5.08 -21.73
CA LYS C 202 -3.73 -5.52 -20.43
C LYS C 202 -2.79 -5.18 -19.29
N ALA C 203 -3.29 -4.47 -18.27
CA ALA C 203 -2.50 -4.13 -17.10
C ALA C 203 -3.07 -4.75 -15.87
N HIS C 204 -2.22 -5.22 -14.98
CA HIS C 204 -2.64 -5.82 -13.71
C HIS C 204 -1.62 -5.56 -12.61
N GLY C 205 -2.01 -5.84 -11.37
CA GLY C 205 -1.17 -5.71 -10.19
C GLY C 205 -0.86 -4.30 -9.75
N PHE C 206 -1.67 -3.32 -10.16
CA PHE C 206 -1.43 -1.94 -9.80
C PHE C 206 -2.31 -1.41 -8.67
N TYR C 207 -1.73 -0.47 -7.94
CA TYR C 207 -2.33 0.31 -6.89
C TYR C 207 -1.61 1.67 -6.87
N PRO C 208 -2.31 2.81 -6.77
CA PRO C 208 -3.78 3.00 -6.68
C PRO C 208 -4.54 2.61 -7.96
N PRO C 209 -5.89 2.44 -7.91
CA PRO C 209 -6.62 2.05 -9.15
C PRO C 209 -6.58 3.03 -10.32
N GLU C 210 -6.22 4.30 -10.08
CA GLU C 210 -6.16 5.30 -11.14
C GLU C 210 -5.01 5.00 -12.10
N ILE C 211 -5.36 4.80 -13.38
CA ILE C 211 -4.47 4.46 -14.48
C ILE C 211 -5.05 5.07 -15.76
N TYR C 212 -4.21 5.54 -16.66
CA TYR C 212 -4.61 6.04 -17.96
C TYR C 212 -3.99 5.08 -18.99
N MET C 213 -4.83 4.45 -19.81
CA MET C 213 -4.41 3.50 -20.83
C MET C 213 -4.96 3.99 -22.15
N THR C 214 -4.07 4.09 -23.15
CA THR C 214 -4.45 4.56 -24.48
C THR C 214 -3.69 3.85 -25.60
N TRP C 215 -4.27 3.88 -26.79
CA TRP C 215 -3.67 3.31 -27.97
C TRP C 215 -3.36 4.46 -28.90
N MET C 216 -2.16 4.43 -29.48
CA MET C 216 -1.72 5.43 -30.43
C MET C 216 -1.29 4.80 -31.76
N LYS C 217 -1.50 5.55 -32.86
CA LYS C 217 -1.19 5.11 -34.21
C LYS C 217 -0.24 6.06 -34.93
N ASN C 218 0.84 5.47 -35.52
CA ASN C 218 1.89 6.11 -36.32
C ASN C 218 2.30 7.51 -35.88
N GLN C 224 -11.52 6.85 -29.33
CA GLN C 224 -12.63 7.07 -30.25
C GLN C 224 -13.11 5.79 -30.95
N GLU C 225 -12.14 4.97 -31.42
CA GLU C 225 -12.37 3.66 -32.04
C GLU C 225 -11.60 2.65 -31.15
N ILE C 226 -11.70 2.84 -29.82
CA ILE C 226 -11.02 2.09 -28.76
C ILE C 226 -12.05 1.53 -27.77
N ASP C 227 -11.83 0.28 -27.35
CA ASP C 227 -12.64 -0.41 -26.35
C ASP C 227 -11.91 -0.32 -25.02
N TYR C 228 -12.63 0.00 -23.96
CA TYR C 228 -12.00 0.15 -22.66
C TYR C 228 -12.59 -0.82 -21.67
N GLY C 229 -11.71 -1.49 -20.95
CA GLY C 229 -12.09 -2.37 -19.87
C GLY C 229 -12.12 -1.54 -18.61
N ASP C 230 -13.07 -1.85 -17.72
CA ASP C 230 -13.20 -1.16 -16.43
C ASP C 230 -11.97 -1.48 -15.56
N ILE C 231 -11.67 -0.60 -14.62
CA ILE C 231 -10.65 -0.86 -13.63
C ILE C 231 -11.32 -1.78 -12.61
N LEU C 232 -10.88 -3.03 -12.59
CA LEU C 232 -11.48 -4.07 -11.77
C LEU C 232 -10.65 -4.48 -10.56
N PRO C 233 -11.28 -4.72 -9.38
CA PRO C 233 -10.49 -5.19 -8.22
C PRO C 233 -10.08 -6.65 -8.44
N SER C 234 -8.79 -6.96 -8.22
CA SER C 234 -8.29 -8.31 -8.39
C SER C 234 -8.56 -9.21 -7.20
N GLY C 235 -8.89 -8.60 -6.06
CA GLY C 235 -9.21 -9.31 -4.82
C GLY C 235 -8.10 -9.32 -3.78
N ASP C 236 -6.90 -8.88 -4.17
CA ASP C 236 -5.72 -8.83 -3.29
C ASP C 236 -5.27 -7.41 -2.95
N GLY C 237 -6.10 -6.40 -3.27
CA GLY C 237 -5.77 -5.00 -3.04
C GLY C 237 -5.23 -4.30 -4.27
N THR C 238 -5.09 -5.05 -5.36
CA THR C 238 -4.60 -4.52 -6.63
C THR C 238 -5.68 -4.58 -7.68
N TYR C 239 -5.42 -3.93 -8.80
CA TYR C 239 -6.39 -3.75 -9.87
C TYR C 239 -5.90 -4.19 -11.21
N GLN C 240 -6.84 -4.29 -12.15
CA GLN C 240 -6.55 -4.70 -13.52
C GLN C 240 -7.46 -3.92 -14.45
N ALA C 241 -6.97 -3.65 -15.65
CA ALA C 241 -7.69 -2.91 -16.67
C ALA C 241 -7.14 -3.30 -18.02
N TRP C 242 -7.82 -2.90 -19.10
CA TRP C 242 -7.37 -3.14 -20.46
C TRP C 242 -7.95 -2.13 -21.45
N ALA C 243 -7.38 -2.04 -22.65
CA ALA C 243 -7.81 -1.16 -23.73
C ALA C 243 -7.51 -1.87 -25.05
N SER C 244 -8.50 -1.95 -25.96
CA SER C 244 -8.41 -2.68 -27.23
C SER C 244 -8.64 -1.82 -28.48
N ILE C 245 -8.01 -2.20 -29.60
CA ILE C 245 -8.16 -1.60 -30.93
C ILE C 245 -8.11 -2.67 -32.02
N ASN C 253 -0.59 1.93 -39.04
CA ASN C 253 0.08 0.63 -39.08
C ASN C 253 1.14 0.45 -37.98
N LEU C 254 1.70 1.57 -37.44
CA LEU C 254 2.65 1.50 -36.32
C LEU C 254 1.92 1.80 -34.98
N TYR C 255 1.43 0.74 -34.31
CA TYR C 255 0.67 0.90 -33.06
C TYR C 255 1.50 0.75 -31.80
N SER C 256 1.09 1.50 -30.77
CA SER C 256 1.72 1.51 -29.45
C SER C 256 0.69 1.79 -28.35
N CYS C 257 0.84 1.10 -27.22
CA CYS C 257 0.01 1.27 -26.04
C CYS C 257 0.72 2.21 -25.06
N HIS C 258 0.03 3.24 -24.59
CA HIS C 258 0.57 4.20 -23.63
C HIS C 258 -0.17 4.01 -22.35
N VAL C 259 0.58 3.79 -21.27
CA VAL C 259 0.05 3.58 -19.93
C VAL C 259 0.66 4.62 -18.99
N GLU C 260 -0.17 5.39 -18.26
CA GLU C 260 0.33 6.31 -17.25
C GLU C 260 -0.23 5.85 -15.92
N HIS C 261 0.59 5.79 -14.88
CA HIS C 261 0.22 5.38 -13.54
C HIS C 261 1.21 6.02 -12.60
N SER C 262 0.71 6.75 -11.58
CA SER C 262 1.55 7.37 -10.52
C SER C 262 2.83 8.10 -10.98
N GLY C 263 2.72 8.94 -12.00
CA GLY C 263 3.85 9.72 -12.53
C GLY C 263 4.84 8.96 -13.40
N VAL C 264 4.48 7.73 -13.80
CA VAL C 264 5.36 6.93 -14.63
C VAL C 264 4.63 6.64 -15.93
N HIS C 265 5.25 6.94 -17.08
CA HIS C 265 4.65 6.67 -18.39
C HIS C 265 5.30 5.45 -19.01
N MET C 266 4.49 4.59 -19.57
CA MET C 266 4.94 3.35 -20.21
C MET C 266 4.50 3.34 -21.67
N VAL C 267 5.40 2.98 -22.57
CA VAL C 267 5.06 2.84 -23.98
C VAL C 267 5.38 1.38 -24.38
N LEU C 268 4.40 0.69 -24.96
CA LEU C 268 4.57 -0.68 -25.46
C LEU C 268 4.23 -0.74 -26.94
N GLN C 269 5.25 -0.72 -27.81
CA GLN C 269 5.08 -0.77 -29.27
C GLN C 269 4.87 -2.18 -29.78
N VAL C 270 3.93 -2.32 -30.74
CA VAL C 270 3.58 -3.61 -31.36
C VAL C 270 4.53 -4.03 -32.50
N ILE D 2 -36.76 4.99 -12.08
CA ILE D 2 -35.66 4.50 -12.91
C ILE D 2 -34.85 3.44 -12.16
N GLN D 3 -34.67 2.27 -12.78
CA GLN D 3 -33.93 1.14 -12.24
C GLN D 3 -32.75 0.88 -13.17
N ARG D 4 -31.60 0.54 -12.60
CA ARG D 4 -30.39 0.31 -13.37
C ARG D 4 -29.94 -1.14 -13.28
N THR D 5 -29.82 -1.78 -14.43
CA THR D 5 -29.45 -3.19 -14.50
C THR D 5 -27.96 -3.43 -14.19
N PRO D 6 -27.57 -4.55 -13.50
CA PRO D 6 -26.13 -4.77 -13.23
C PRO D 6 -25.24 -5.05 -14.43
N LYS D 7 -24.02 -4.51 -14.37
CA LYS D 7 -22.92 -4.76 -15.31
C LYS D 7 -22.21 -5.97 -14.70
N ILE D 8 -22.04 -7.05 -15.46
CA ILE D 8 -21.44 -8.29 -14.93
C ILE D 8 -20.12 -8.61 -15.60
N GLN D 9 -19.03 -8.67 -14.80
CA GLN D 9 -17.68 -8.94 -15.30
C GLN D 9 -17.00 -10.10 -14.59
N VAL D 10 -16.68 -11.13 -15.36
CA VAL D 10 -16.06 -12.37 -14.91
C VAL D 10 -14.63 -12.45 -15.40
N TYR D 11 -13.69 -12.53 -14.45
CA TYR D 11 -12.26 -12.53 -14.69
C TYR D 11 -11.55 -13.24 -13.57
N SER D 12 -10.27 -13.59 -13.79
CA SER D 12 -9.47 -14.26 -12.78
C SER D 12 -8.56 -13.24 -12.10
N ARG D 13 -8.17 -13.51 -10.83
CA ARG D 13 -7.26 -12.66 -10.06
C ARG D 13 -5.90 -12.46 -10.79
N HIS D 14 -5.26 -13.55 -11.19
CA HIS D 14 -3.98 -13.52 -11.92
C HIS D 14 -4.21 -14.05 -13.33
N PRO D 15 -3.35 -13.73 -14.34
CA PRO D 15 -3.54 -14.34 -15.68
C PRO D 15 -3.64 -15.87 -15.56
N ALA D 16 -4.73 -16.41 -16.11
CA ALA D 16 -5.05 -17.84 -16.04
C ALA D 16 -4.02 -18.74 -16.72
N GLU D 17 -3.63 -19.80 -16.01
CA GLU D 17 -2.72 -20.84 -16.46
C GLU D 17 -3.31 -22.18 -16.04
N ASN D 18 -3.60 -23.05 -17.02
CA ASN D 18 -4.17 -24.39 -16.81
C ASN D 18 -3.30 -25.18 -15.83
N GLY D 19 -3.89 -25.58 -14.71
CA GLY D 19 -3.21 -26.34 -13.66
C GLY D 19 -2.75 -25.54 -12.45
N LYS D 20 -2.66 -24.20 -12.59
CA LYS D 20 -2.22 -23.30 -11.53
C LYS D 20 -3.39 -22.74 -10.71
N SER D 21 -3.25 -22.73 -9.35
CA SER D 21 -4.27 -22.22 -8.42
C SER D 21 -4.52 -20.72 -8.60
N ASN D 22 -5.79 -20.30 -8.65
CA ASN D 22 -6.16 -18.92 -8.90
C ASN D 22 -7.49 -18.57 -8.19
N PHE D 23 -8.01 -17.35 -8.42
CA PHE D 23 -9.29 -16.90 -7.88
C PHE D 23 -10.15 -16.41 -9.03
N LEU D 24 -11.39 -16.92 -9.12
CA LEU D 24 -12.31 -16.48 -10.16
C LEU D 24 -13.17 -15.40 -9.52
N ASN D 25 -13.24 -14.24 -10.17
CA ASN D 25 -13.99 -13.11 -9.67
C ASN D 25 -15.19 -12.81 -10.53
N CYS D 26 -16.25 -12.31 -9.89
CA CYS D 26 -17.42 -11.79 -10.56
C CYS D 26 -17.73 -10.45 -9.93
N TYR D 27 -17.50 -9.40 -10.71
CA TYR D 27 -17.72 -8.04 -10.28
C TYR D 27 -19.04 -7.57 -10.84
N VAL D 28 -19.97 -7.30 -9.94
CA VAL D 28 -21.31 -6.84 -10.26
C VAL D 28 -21.41 -5.37 -9.87
N SER D 29 -21.68 -4.48 -10.84
CA SER D 29 -21.73 -3.05 -10.57
C SER D 29 -22.81 -2.27 -11.33
N GLY D 30 -23.02 -1.02 -10.90
CA GLY D 30 -23.93 -0.05 -11.51
C GLY D 30 -25.41 -0.38 -11.38
N PHE D 31 -25.77 -1.21 -10.39
CA PHE D 31 -27.15 -1.61 -10.21
C PHE D 31 -27.90 -0.83 -9.15
N HIS D 32 -29.19 -0.63 -9.38
CA HIS D 32 -30.11 0.02 -8.46
C HIS D 32 -31.48 -0.59 -8.68
N PRO D 33 -32.24 -0.99 -7.63
CA PRO D 33 -31.89 -0.95 -6.19
C PRO D 33 -30.87 -2.02 -5.77
N SER D 34 -30.49 -2.00 -4.46
CA SER D 34 -29.45 -2.85 -3.82
C SER D 34 -29.66 -4.39 -3.77
N ASP D 35 -30.92 -4.86 -3.81
CA ASP D 35 -31.20 -6.32 -3.75
C ASP D 35 -30.79 -7.09 -5.01
N ILE D 36 -29.79 -7.96 -4.83
CA ILE D 36 -29.18 -8.77 -5.89
C ILE D 36 -28.87 -10.20 -5.41
N GLU D 37 -28.87 -11.15 -6.35
CA GLU D 37 -28.55 -12.55 -6.09
C GLU D 37 -27.46 -12.94 -7.07
N VAL D 38 -26.28 -13.36 -6.55
CA VAL D 38 -25.14 -13.76 -7.40
C VAL D 38 -24.71 -15.17 -7.03
N ASP D 39 -24.41 -15.98 -8.05
CA ASP D 39 -23.93 -17.36 -7.91
C ASP D 39 -22.83 -17.61 -8.94
N LEU D 40 -21.76 -18.32 -8.53
CA LEU D 40 -20.70 -18.70 -9.44
C LEU D 40 -20.92 -20.15 -9.79
N LEU D 41 -20.86 -20.48 -11.08
CA LEU D 41 -21.11 -21.83 -11.61
C LEU D 41 -19.87 -22.47 -12.21
N LYS D 42 -19.76 -23.80 -12.03
CA LYS D 42 -18.75 -24.67 -12.58
C LYS D 42 -19.55 -25.75 -13.31
N ASN D 43 -19.49 -25.74 -14.65
CA ASN D 43 -20.23 -26.66 -15.54
C ASN D 43 -21.75 -26.66 -15.24
N GLY D 44 -22.31 -25.45 -15.07
CA GLY D 44 -23.73 -25.21 -14.79
C GLY D 44 -24.17 -25.39 -13.36
N GLU D 45 -23.33 -26.02 -12.51
CA GLU D 45 -23.61 -26.29 -11.10
C GLU D 45 -23.03 -25.20 -10.17
N ARG D 46 -23.86 -24.66 -9.26
CA ARG D 46 -23.49 -23.63 -8.28
C ARG D 46 -22.38 -24.11 -7.34
N ILE D 47 -21.38 -23.25 -7.15
CA ILE D 47 -20.22 -23.52 -6.29
C ILE D 47 -20.57 -23.10 -4.85
N GLU D 48 -20.30 -23.98 -3.88
CA GLU D 48 -20.51 -23.71 -2.46
C GLU D 48 -19.25 -22.95 -1.94
N LYS D 49 -19.27 -22.37 -0.73
CA LYS D 49 -18.10 -21.67 -0.17
C LYS D 49 -17.52 -20.48 -1.01
N VAL D 50 -18.38 -19.85 -1.82
CA VAL D 50 -18.10 -18.64 -2.61
C VAL D 50 -18.11 -17.43 -1.63
N GLU D 51 -17.05 -16.63 -1.66
CA GLU D 51 -16.92 -15.46 -0.81
C GLU D 51 -17.32 -14.19 -1.54
N HIS D 52 -17.65 -13.13 -0.78
CA HIS D 52 -18.05 -11.85 -1.37
C HIS D 52 -17.75 -10.65 -0.48
N SER D 53 -17.50 -9.50 -1.12
CA SER D 53 -17.26 -8.29 -0.38
C SER D 53 -18.64 -7.80 0.13
N ASP D 54 -18.68 -6.81 1.04
CA ASP D 54 -19.94 -6.26 1.50
C ASP D 54 -20.47 -5.35 0.40
N LEU D 55 -21.80 -5.14 0.38
CA LEU D 55 -22.44 -4.23 -0.56
C LEU D 55 -21.72 -2.87 -0.52
N SER D 56 -21.37 -2.35 -1.68
CA SER D 56 -20.61 -1.10 -1.73
C SER D 56 -21.37 -0.02 -2.46
N PHE D 57 -21.08 1.22 -2.12
CA PHE D 57 -21.77 2.40 -2.66
C PHE D 57 -20.92 3.15 -3.63
N SER D 58 -21.53 3.57 -4.74
CA SER D 58 -20.89 4.45 -5.72
C SER D 58 -21.44 5.87 -5.60
N LYS D 59 -20.61 6.86 -5.96
CA LYS D 59 -20.95 8.29 -5.92
C LYS D 59 -22.20 8.63 -6.78
N ASP D 60 -22.50 7.79 -7.82
CA ASP D 60 -23.62 7.94 -8.74
C ASP D 60 -24.91 7.33 -8.22
N TRP D 61 -24.87 6.84 -6.98
CA TRP D 61 -25.97 6.24 -6.22
C TRP D 61 -26.23 4.77 -6.46
N SER D 62 -25.48 4.13 -7.39
CA SER D 62 -25.59 2.69 -7.68
C SER D 62 -24.64 1.93 -6.75
N PHE D 63 -24.74 0.59 -6.75
CA PHE D 63 -24.02 -0.32 -5.88
C PHE D 63 -23.13 -1.28 -6.62
N TYR D 64 -22.12 -1.80 -5.93
CA TYR D 64 -21.23 -2.80 -6.51
C TYR D 64 -20.84 -3.85 -5.50
N LEU D 65 -20.36 -4.99 -6.00
CA LEU D 65 -19.98 -6.16 -5.24
C LEU D 65 -18.97 -6.96 -6.01
N LEU D 66 -18.14 -7.73 -5.27
CA LEU D 66 -17.21 -8.67 -5.83
C LEU D 66 -17.48 -10.03 -5.21
N TYR D 67 -17.86 -10.98 -6.05
CA TYR D 67 -18.07 -12.40 -5.67
C TYR D 67 -16.88 -13.16 -6.19
N TYR D 68 -16.25 -13.98 -5.34
CA TYR D 68 -15.04 -14.71 -5.72
C TYR D 68 -14.93 -16.09 -5.12
N THR D 69 -14.13 -16.93 -5.76
CA THR D 69 -13.86 -18.31 -5.32
C THR D 69 -12.47 -18.75 -5.76
N GLU D 70 -11.84 -19.61 -4.95
CA GLU D 70 -10.55 -20.22 -5.29
C GLU D 70 -10.86 -21.36 -6.25
N PHE D 71 -10.08 -21.46 -7.33
CA PHE D 71 -10.25 -22.49 -8.38
C PHE D 71 -8.95 -22.79 -9.09
N THR D 72 -8.85 -23.97 -9.69
CA THR D 72 -7.70 -24.39 -10.50
C THR D 72 -8.22 -24.58 -11.93
N PRO D 73 -8.00 -23.59 -12.84
CA PRO D 73 -8.51 -23.75 -14.21
C PRO D 73 -7.92 -24.94 -14.96
N THR D 74 -8.79 -25.62 -15.71
CA THR D 74 -8.48 -26.78 -16.56
C THR D 74 -9.20 -26.58 -17.90
N GLU D 75 -8.69 -27.19 -18.98
CA GLU D 75 -9.29 -27.10 -20.32
C GLU D 75 -10.75 -27.59 -20.33
N LYS D 76 -11.04 -28.67 -19.58
CA LYS D 76 -12.34 -29.31 -19.48
C LYS D 76 -13.40 -28.53 -18.68
N ASP D 77 -12.98 -27.55 -17.84
CA ASP D 77 -13.91 -26.83 -16.97
C ASP D 77 -14.42 -25.47 -17.46
N GLU D 78 -15.76 -25.33 -17.44
CA GLU D 78 -16.47 -24.12 -17.86
C GLU D 78 -16.99 -23.35 -16.63
N TYR D 79 -16.62 -22.07 -16.53
CA TYR D 79 -17.03 -21.22 -15.41
C TYR D 79 -17.96 -20.07 -15.82
N ALA D 80 -18.95 -19.76 -14.97
CA ALA D 80 -19.91 -18.67 -15.23
C ALA D 80 -20.32 -17.96 -13.94
N CYS D 81 -21.05 -16.84 -14.08
CA CYS D 81 -21.58 -16.03 -12.98
C CYS D 81 -23.02 -15.79 -13.33
N ARG D 82 -23.93 -16.27 -12.48
CA ARG D 82 -25.38 -16.13 -12.66
C ARG D 82 -25.88 -15.03 -11.71
N VAL D 83 -26.48 -13.98 -12.30
CA VAL D 83 -26.97 -12.83 -11.56
C VAL D 83 -28.51 -12.63 -11.68
N ASN D 84 -29.16 -12.38 -10.54
CA ASN D 84 -30.57 -12.07 -10.49
C ASN D 84 -30.78 -10.71 -9.82
N HIS D 85 -31.64 -9.89 -10.45
CA HIS D 85 -31.97 -8.51 -10.05
C HIS D 85 -33.37 -8.18 -10.58
N VAL D 86 -34.06 -7.19 -9.95
CA VAL D 86 -35.41 -6.76 -10.30
C VAL D 86 -35.61 -6.32 -11.76
N THR D 87 -34.53 -5.82 -12.39
CA THR D 87 -34.49 -5.37 -13.78
C THR D 87 -34.46 -6.55 -14.78
N LEU D 88 -34.21 -7.78 -14.28
CA LEU D 88 -34.11 -8.99 -15.08
C LEU D 88 -35.36 -9.88 -15.00
N SER D 89 -35.84 -10.35 -16.18
CA SER D 89 -37.01 -11.22 -16.36
C SER D 89 -36.63 -12.67 -15.98
N GLN D 90 -35.35 -13.01 -16.14
CA GLN D 90 -34.79 -14.33 -15.87
C GLN D 90 -33.37 -14.12 -15.31
N PRO D 91 -32.78 -15.10 -14.56
CA PRO D 91 -31.39 -14.90 -14.10
C PRO D 91 -30.44 -14.84 -15.30
N LYS D 92 -29.47 -13.93 -15.25
CA LYS D 92 -28.49 -13.76 -16.33
C LYS D 92 -27.19 -14.53 -16.04
N ILE D 93 -26.87 -15.51 -16.90
CA ILE D 93 -25.64 -16.30 -16.79
C ILE D 93 -24.57 -15.64 -17.69
N VAL D 94 -23.45 -15.24 -17.10
CA VAL D 94 -22.35 -14.62 -17.84
C VAL D 94 -21.14 -15.55 -17.70
N LYS D 95 -20.72 -16.14 -18.81
CA LYS D 95 -19.62 -17.11 -18.88
C LYS D 95 -18.24 -16.45 -18.85
N TRP D 96 -17.28 -17.10 -18.15
CA TRP D 96 -15.89 -16.65 -18.09
C TRP D 96 -15.25 -16.96 -19.44
N ASP D 97 -14.65 -15.92 -20.06
CA ASP D 97 -13.96 -16.00 -21.35
C ASP D 97 -12.47 -16.26 -21.08
N ARG D 98 -12.08 -17.57 -20.95
CA ARG D 98 -10.73 -18.01 -20.60
C ARG D 98 -9.64 -17.45 -21.50
N GLN E 4 -11.05 19.58 25.52
CA GLN E 4 -9.92 20.09 26.28
C GLN E 4 -10.47 20.93 27.42
N ASN E 5 -10.38 22.26 27.30
CA ASN E 5 -10.89 23.22 28.28
C ASN E 5 -11.66 24.31 27.59
N ILE E 6 -12.68 24.82 28.29
CA ILE E 6 -13.47 25.98 27.93
C ILE E 6 -13.21 26.96 29.10
N ASP E 7 -12.62 28.13 28.81
CA ASP E 7 -12.32 29.10 29.85
C ASP E 7 -13.03 30.42 29.68
N GLN E 8 -13.65 30.89 30.75
CA GLN E 8 -14.38 32.18 30.81
C GLN E 8 -14.23 32.79 32.20
N PRO E 9 -14.19 34.15 32.35
CA PRO E 9 -14.03 34.73 33.71
C PRO E 9 -15.12 34.28 34.68
N THR E 10 -14.78 34.16 35.96
CA THR E 10 -15.73 33.73 37.00
C THR E 10 -16.84 34.72 37.18
N GLU E 11 -16.48 36.01 37.18
CA GLU E 11 -17.38 37.09 37.47
C GLU E 11 -16.98 38.34 36.74
N MET E 12 -17.98 39.15 36.41
CA MET E 12 -17.83 40.47 35.80
C MET E 12 -18.83 41.43 36.39
N THR E 13 -18.42 42.65 36.63
CA THR E 13 -19.28 43.73 37.13
C THR E 13 -19.19 44.91 36.18
N ALA E 14 -20.33 45.44 35.79
CA ALA E 14 -20.45 46.63 34.92
C ALA E 14 -21.63 47.49 35.39
N THR E 15 -21.72 48.74 34.90
CA THR E 15 -22.76 49.68 35.25
C THR E 15 -23.91 49.58 34.29
N GLU E 16 -25.11 49.87 34.79
CA GLU E 16 -26.36 49.91 34.03
C GLU E 16 -26.21 50.93 32.88
N GLY E 17 -26.62 50.54 31.69
CA GLY E 17 -26.53 51.40 30.51
C GLY E 17 -25.24 51.29 29.73
N ALA E 18 -24.21 50.71 30.33
CA ALA E 18 -22.90 50.57 29.69
C ALA E 18 -22.84 49.28 28.78
N ILE E 19 -21.66 48.96 28.24
CA ILE E 19 -21.42 47.80 27.37
C ILE E 19 -20.54 46.78 28.12
N VAL E 20 -20.82 45.49 27.97
CA VAL E 20 -20.01 44.44 28.57
C VAL E 20 -19.72 43.33 27.56
N GLN E 21 -18.48 42.88 27.56
CA GLN E 21 -17.97 41.83 26.67
C GLN E 21 -17.49 40.66 27.51
N ILE E 22 -18.17 39.52 27.37
CA ILE E 22 -17.83 38.31 28.10
C ILE E 22 -17.06 37.40 27.14
N ASN E 23 -15.78 37.13 27.43
CA ASN E 23 -14.92 36.28 26.60
C ASN E 23 -14.94 34.82 26.95
N CYS E 24 -14.68 33.98 25.95
CA CYS E 24 -14.64 32.54 26.08
C CYS E 24 -13.61 31.92 25.15
N THR E 25 -12.62 31.24 25.71
CA THR E 25 -11.61 30.51 24.94
C THR E 25 -11.94 29.04 24.99
N TYR E 26 -11.94 28.37 23.84
CA TYR E 26 -12.33 26.96 23.77
C TYR E 26 -11.23 25.96 23.45
N GLN E 27 -11.64 24.67 23.32
CA GLN E 27 -10.81 23.48 23.02
C GLN E 27 -9.92 23.68 21.83
N THR E 28 -8.70 23.18 21.96
CA THR E 28 -7.71 23.25 20.91
C THR E 28 -7.96 22.15 19.84
N SER E 29 -8.77 21.10 20.15
CA SER E 29 -8.99 20.00 19.21
C SER E 29 -10.41 19.66 18.89
N GLY E 30 -10.75 19.85 17.60
CA GLY E 30 -12.08 19.64 17.07
C GLY E 30 -13.01 20.79 17.38
N PHE E 31 -13.79 21.23 16.37
CA PHE E 31 -14.75 22.33 16.59
C PHE E 31 -15.93 22.20 15.68
N ASN E 32 -17.14 22.12 16.28
CA ASN E 32 -18.39 22.02 15.53
C ASN E 32 -19.39 23.05 15.94
N GLY E 33 -18.91 24.11 16.60
CA GLY E 33 -19.79 25.19 17.06
C GLY E 33 -19.68 25.55 18.53
N LEU E 34 -20.19 26.71 18.85
CA LEU E 34 -20.10 27.31 20.16
C LEU E 34 -21.40 27.97 20.45
N PHE E 35 -21.89 27.77 21.67
CA PHE E 35 -23.16 28.28 22.16
C PHE E 35 -22.95 29.25 23.33
N TRP E 36 -23.89 30.18 23.45
CA TRP E 36 -24.00 31.02 24.63
C TRP E 36 -25.40 30.74 25.20
N TYR E 37 -25.45 30.56 26.52
CA TYR E 37 -26.66 30.34 27.30
C TYR E 37 -26.67 31.36 28.39
N GLN E 38 -27.88 31.80 28.78
CA GLN E 38 -28.09 32.70 29.88
C GLN E 38 -28.71 31.89 31.01
N GLN E 39 -28.31 32.17 32.23
CA GLN E 39 -28.91 31.48 33.37
C GLN E 39 -29.15 32.43 34.53
N HIS E 40 -30.41 32.79 34.79
CA HIS E 40 -30.70 33.57 35.99
C HIS E 40 -30.55 32.67 37.23
N ALA E 41 -30.18 33.28 38.35
CA ALA E 41 -29.99 32.62 39.63
C ALA E 41 -31.28 31.86 40.02
N GLY E 42 -31.14 30.54 40.27
CA GLY E 42 -32.26 29.67 40.60
C GLY E 42 -33.11 29.23 39.41
N GLU E 43 -32.68 29.53 38.18
CA GLU E 43 -33.46 29.21 36.98
C GLU E 43 -32.69 28.28 36.04
N ALA E 44 -33.38 27.73 35.04
CA ALA E 44 -32.75 26.88 34.02
C ALA E 44 -31.94 27.74 33.03
N PRO E 45 -30.90 27.18 32.38
CA PRO E 45 -30.23 27.93 31.33
C PRO E 45 -31.15 28.12 30.12
N THR E 46 -31.08 29.29 29.44
CA THR E 46 -31.87 29.53 28.22
C THR E 46 -30.91 29.89 27.10
N PHE E 47 -31.18 29.40 25.90
CA PHE E 47 -30.37 29.60 24.72
C PHE E 47 -30.25 31.07 24.27
N LEU E 48 -29.01 31.50 23.98
CA LEU E 48 -28.79 32.84 23.42
C LEU E 48 -28.39 32.78 21.95
N SER E 49 -27.38 31.98 21.62
CA SER E 49 -26.84 31.92 20.26
C SER E 49 -26.00 30.67 20.02
N TYR E 50 -25.79 30.37 18.73
CA TYR E 50 -24.90 29.33 18.22
C TYR E 50 -24.06 29.97 17.13
N ASN E 51 -22.72 29.83 17.19
CA ASN E 51 -21.80 30.32 16.14
C ASN E 51 -20.88 29.17 15.75
N VAL E 52 -20.65 29.01 14.45
CA VAL E 52 -19.77 27.96 13.90
C VAL E 52 -18.77 28.56 12.91
N LEU E 53 -19.19 29.63 12.23
CA LEU E 53 -18.29 30.34 11.31
C LEU E 53 -17.90 31.69 11.89
N ASP E 54 -16.83 32.28 11.37
CA ASP E 54 -16.29 33.56 11.79
C ASP E 54 -17.22 34.74 11.57
N GLY E 55 -17.17 35.69 12.51
CA GLY E 55 -17.96 36.91 12.43
C GLY E 55 -18.78 37.22 13.65
N LEU E 56 -19.51 38.32 13.54
CA LEU E 56 -20.34 38.92 14.56
C LEU E 56 -21.80 38.78 14.14
N GLU E 57 -22.59 38.08 14.96
CA GLU E 57 -24.03 37.89 14.77
C GLU E 57 -24.73 38.76 15.83
N GLU E 58 -25.61 39.67 15.40
CA GLU E 58 -26.34 40.56 16.28
C GLU E 58 -27.79 40.07 16.49
N LYS E 59 -28.23 39.97 17.75
CA LYS E 59 -29.60 39.55 18.10
C LYS E 59 -30.12 40.41 19.28
N GLY E 60 -30.74 41.54 18.93
CA GLY E 60 -31.25 42.52 19.89
C GLY E 60 -30.10 43.27 20.52
N ARG E 61 -30.10 43.41 21.86
CA ARG E 61 -29.00 44.09 22.56
C ARG E 61 -27.78 43.18 22.71
N PHE E 62 -27.89 41.90 22.29
CA PHE E 62 -26.82 40.90 22.37
C PHE E 62 -26.19 40.57 21.02
N SER E 63 -24.86 40.47 20.99
CA SER E 63 -24.07 40.09 19.82
C SER E 63 -23.09 38.99 20.21
N SER E 64 -22.88 38.05 19.34
CA SER E 64 -21.97 36.91 19.53
C SER E 64 -20.96 36.92 18.42
N PHE E 65 -19.68 36.94 18.82
CA PHE E 65 -18.54 36.99 17.91
C PHE E 65 -17.79 35.70 18.02
N LEU E 66 -17.34 35.17 16.89
CA LEU E 66 -16.51 33.99 16.86
C LEU E 66 -15.30 34.18 15.94
N SER E 67 -14.13 33.82 16.45
CA SER E 67 -12.87 33.77 15.71
C SER E 67 -12.33 32.33 15.82
N ARG E 68 -12.42 31.56 14.74
CA ARG E 68 -11.92 30.18 14.73
C ARG E 68 -10.39 30.09 14.76
N SER E 69 -9.66 31.07 14.13
CA SER E 69 -8.18 31.11 14.10
C SER E 69 -7.62 31.42 15.50
N LYS E 70 -8.20 32.44 16.17
CA LYS E 70 -7.86 32.87 17.53
C LYS E 70 -8.41 31.92 18.63
N GLY E 71 -9.36 31.05 18.30
CA GLY E 71 -9.94 30.08 19.23
C GLY E 71 -10.73 30.74 20.36
N TYR E 72 -11.50 31.78 20.02
CA TYR E 72 -12.27 32.49 21.02
C TYR E 72 -13.57 33.06 20.54
N SER E 73 -14.44 33.25 21.49
CA SER E 73 -15.73 33.84 21.26
C SER E 73 -15.97 34.92 22.35
N TYR E 74 -16.86 35.85 22.06
CA TYR E 74 -17.34 36.79 23.04
C TYR E 74 -18.80 37.03 22.83
N LEU E 75 -19.47 37.31 23.95
CA LEU E 75 -20.87 37.70 24.05
C LEU E 75 -20.84 39.18 24.42
N LEU E 76 -21.29 40.03 23.53
CA LEU E 76 -21.32 41.46 23.78
C LEU E 76 -22.75 41.86 24.18
N LEU E 77 -22.88 42.48 25.35
CA LEU E 77 -24.15 42.97 25.86
C LEU E 77 -24.10 44.50 25.82
N LYS E 78 -25.02 45.12 25.09
CA LYS E 78 -25.11 46.58 24.97
C LYS E 78 -26.25 47.13 25.84
N GLU E 79 -26.21 48.45 26.12
CA GLU E 79 -27.20 49.22 26.91
C GLU E 79 -27.74 48.37 28.08
N LEU E 80 -26.82 47.97 28.97
CA LEU E 80 -27.09 47.08 30.09
C LEU E 80 -28.27 47.41 30.93
N GLN E 81 -29.03 46.38 31.31
CA GLN E 81 -30.18 46.54 32.18
C GLN E 81 -30.01 45.65 33.38
N MET E 82 -30.70 45.96 34.49
CA MET E 82 -30.65 45.12 35.69
C MET E 82 -31.05 43.68 35.36
N LYS E 83 -32.03 43.48 34.44
CA LYS E 83 -32.53 42.17 33.99
C LYS E 83 -31.43 41.31 33.36
N ASP E 84 -30.30 41.93 32.96
CA ASP E 84 -29.14 41.26 32.40
C ASP E 84 -28.27 40.54 33.44
N SER E 85 -28.54 40.74 34.77
CA SER E 85 -27.82 40.11 35.87
C SER E 85 -28.19 38.65 35.80
N ALA E 86 -27.19 37.84 35.48
CA ALA E 86 -27.34 36.40 35.31
C ALA E 86 -25.93 35.84 35.11
N SER E 87 -25.85 34.51 34.97
CA SER E 87 -24.64 33.81 34.60
C SER E 87 -24.75 33.52 33.11
N TYR E 88 -23.63 33.63 32.41
CA TYR E 88 -23.52 33.40 30.98
C TYR E 88 -22.62 32.23 30.77
N LEU E 89 -23.18 31.16 30.21
CA LEU E 89 -22.50 29.89 29.96
C LEU E 89 -22.12 29.76 28.50
N CYS E 90 -20.86 29.41 28.30
CA CYS E 90 -20.22 29.14 27.04
C CYS E 90 -20.09 27.63 26.95
N ALA E 91 -20.37 27.08 25.78
CA ALA E 91 -20.30 25.64 25.52
C ALA E 91 -19.85 25.41 24.10
N SER E 92 -19.03 24.40 23.87
CA SER E 92 -18.48 24.15 22.55
C SER E 92 -18.60 22.68 22.19
N ILE E 93 -18.82 22.39 20.88
CA ILE E 93 -18.94 21.04 20.35
C ILE E 93 -17.57 20.60 19.81
N ASP E 94 -17.08 19.43 20.27
CA ASP E 94 -15.79 18.89 19.84
C ASP E 94 -15.93 18.03 18.59
N SER E 95 -14.80 17.49 18.10
CA SER E 95 -14.74 16.62 16.91
C SER E 95 -15.66 15.40 16.96
N ASN E 96 -15.98 14.90 18.17
CA ASN E 96 -16.91 13.77 18.34
C ASN E 96 -18.32 14.21 18.73
N TYR E 97 -18.68 15.46 18.35
CA TYR E 97 -19.98 16.09 18.58
C TYR E 97 -20.41 16.11 20.04
N GLN E 98 -19.43 16.07 20.95
CA GLN E 98 -19.72 16.14 22.38
C GLN E 98 -19.62 17.56 22.88
N LEU E 99 -20.64 17.99 23.62
CA LEU E 99 -20.74 19.34 24.15
C LEU E 99 -19.91 19.49 25.42
N ILE E 100 -18.99 20.46 25.44
CA ILE E 100 -18.18 20.76 26.62
C ILE E 100 -18.64 22.12 27.17
N TRP E 101 -18.93 22.18 28.47
CA TRP E 101 -19.40 23.40 29.10
C TRP E 101 -18.38 24.16 29.89
N GLY E 102 -18.39 25.47 29.73
CA GLY E 102 -17.60 26.41 30.53
C GLY E 102 -18.26 26.56 31.91
N ALA E 103 -17.50 26.99 32.93
CA ALA E 103 -17.98 27.12 34.30
C ALA E 103 -18.97 28.28 34.52
N GLY E 104 -19.12 29.16 33.53
CA GLY E 104 -20.04 30.28 33.64
C GLY E 104 -19.43 31.55 34.16
N THR E 105 -19.94 32.68 33.67
CA THR E 105 -19.51 34.03 34.08
C THR E 105 -20.70 34.67 34.72
N LYS E 106 -20.61 34.97 36.00
CA LYS E 106 -21.67 35.68 36.71
C LYS E 106 -21.57 37.16 36.39
N LEU E 107 -22.64 37.75 35.85
CA LEU E 107 -22.62 39.18 35.54
C LEU E 107 -23.41 39.99 36.57
N ILE E 108 -22.74 40.93 37.20
CA ILE E 108 -23.33 41.82 38.21
C ILE E 108 -23.50 43.21 37.62
N ILE E 109 -24.71 43.77 37.68
CA ILE E 109 -25.01 45.11 37.14
C ILE E 109 -25.16 46.08 38.30
N LYS E 110 -24.39 47.19 38.31
CA LYS E 110 -24.53 48.25 39.29
C LYS E 110 -25.61 49.21 38.76
N PRO E 111 -26.73 49.43 39.49
CA PRO E 111 -27.75 50.39 39.00
C PRO E 111 -27.27 51.83 39.08
N ASP E 112 -27.67 52.66 38.13
CA ASP E 112 -27.32 54.07 38.18
C ASP E 112 -28.28 54.79 39.16
N ILE E 113 -27.80 55.10 40.37
CA ILE E 113 -28.60 55.79 41.40
C ILE E 113 -28.49 57.31 41.15
N GLN E 114 -29.57 57.90 40.59
CA GLN E 114 -29.61 59.33 40.24
C GLN E 114 -29.62 60.27 41.46
N ASN E 115 -30.39 59.91 42.50
CA ASN E 115 -30.50 60.70 43.72
C ASN E 115 -30.16 59.88 44.99
N PRO E 116 -28.85 59.70 45.32
CA PRO E 116 -28.49 58.96 46.54
C PRO E 116 -28.93 59.71 47.79
N ASP E 117 -29.31 58.95 48.80
CA ASP E 117 -29.74 59.49 50.08
C ASP E 117 -29.35 58.43 51.15
N PRO E 118 -28.04 58.09 51.30
CA PRO E 118 -27.64 57.03 52.24
C PRO E 118 -28.14 57.23 53.66
N ALA E 119 -28.73 56.18 54.20
CA ALA E 119 -29.26 56.17 55.56
C ALA E 119 -29.26 54.78 56.14
N VAL E 120 -29.13 54.71 57.48
CA VAL E 120 -29.21 53.50 58.29
C VAL E 120 -30.44 53.67 59.21
N TYR E 121 -31.48 52.82 59.00
CA TYR E 121 -32.73 52.87 59.78
C TYR E 121 -32.89 51.70 60.69
N GLN E 122 -33.48 51.98 61.85
CA GLN E 122 -33.85 50.98 62.85
C GLN E 122 -35.27 50.58 62.48
N LEU E 123 -35.49 49.31 62.23
CA LEU E 123 -36.85 48.90 61.94
C LEU E 123 -37.53 48.58 63.23
N ARG E 124 -38.89 48.56 63.23
CA ARG E 124 -39.67 48.25 64.43
C ARG E 124 -39.47 46.80 64.82
N ASP E 125 -39.32 46.55 66.10
CA ASP E 125 -39.19 45.20 66.65
C ASP E 125 -40.46 44.43 66.34
N SER E 126 -40.32 43.13 66.14
CA SER E 126 -41.44 42.24 65.89
C SER E 126 -41.79 41.71 67.27
N LYS E 127 -43.08 41.59 67.63
CA LYS E 127 -43.48 41.10 68.96
C LYS E 127 -43.12 39.61 69.10
N SER E 128 -42.92 38.95 67.96
CA SER E 128 -42.60 37.52 67.89
C SER E 128 -41.12 37.23 67.64
N SER E 129 -40.24 38.23 67.71
CA SER E 129 -38.82 37.97 67.48
C SER E 129 -37.94 38.69 68.48
N ASP E 130 -36.81 38.07 68.87
CA ASP E 130 -35.83 38.72 69.77
C ASP E 130 -34.84 39.58 68.98
N LYS E 131 -34.82 39.45 67.64
CA LYS E 131 -33.88 40.18 66.80
C LYS E 131 -34.16 41.66 66.70
N SER E 132 -33.09 42.43 66.54
CA SER E 132 -33.08 43.86 66.27
C SER E 132 -32.55 43.97 64.82
N VAL E 133 -33.25 44.73 63.97
CA VAL E 133 -33.00 44.83 62.54
C VAL E 133 -32.72 46.27 62.05
N CYS E 134 -31.63 46.42 61.30
CA CYS E 134 -31.17 47.67 60.73
C CYS E 134 -31.16 47.56 59.21
N LEU E 135 -31.58 48.62 58.53
CA LEU E 135 -31.62 48.67 57.09
C LEU E 135 -30.73 49.81 56.63
N PHE E 136 -29.67 49.49 55.84
CA PHE E 136 -28.80 50.46 55.18
C PHE E 136 -29.34 50.58 53.77
N THR E 137 -29.80 51.75 53.39
CA THR E 137 -30.47 51.91 52.11
C THR E 137 -30.17 53.23 51.42
N ASP E 138 -30.52 53.30 50.13
CA ASP E 138 -30.45 54.50 49.28
C ASP E 138 -29.04 55.04 49.02
N PHE E 139 -28.05 54.16 49.20
CA PHE E 139 -26.67 54.49 48.91
C PHE E 139 -26.37 54.22 47.43
N ASP E 140 -25.34 54.91 46.92
CA ASP E 140 -24.83 54.81 45.56
C ASP E 140 -24.15 53.45 45.36
N SER E 141 -24.09 52.98 44.11
CA SER E 141 -23.57 51.66 43.73
C SER E 141 -22.08 51.40 43.95
N GLN E 142 -21.29 52.44 44.17
CA GLN E 142 -19.86 52.31 44.42
C GLN E 142 -19.60 51.72 45.83
N THR E 143 -20.53 52.01 46.78
CA THR E 143 -20.51 51.54 48.16
C THR E 143 -20.64 50.00 48.23
N ASN E 144 -19.70 49.35 48.92
CA ASN E 144 -19.71 47.91 49.13
C ASN E 144 -20.05 47.63 50.58
N VAL E 145 -20.74 46.52 50.84
CA VAL E 145 -21.16 46.12 52.17
C VAL E 145 -20.31 44.94 52.62
N SER E 146 -19.48 45.15 53.64
CA SER E 146 -18.61 44.11 54.21
C SER E 146 -19.43 43.22 55.14
N GLN E 147 -19.05 41.95 55.27
CA GLN E 147 -19.73 40.89 56.03
C GLN E 147 -19.73 40.97 57.58
N SER E 148 -18.98 41.92 58.19
CA SER E 148 -18.85 42.07 59.67
C SER E 148 -18.10 40.91 60.36
N LYS E 149 -17.17 41.28 61.24
CA LYS E 149 -16.32 40.36 61.98
C LYS E 149 -17.01 39.78 63.24
N ASP E 150 -18.11 40.42 63.71
CA ASP E 150 -18.87 39.99 64.89
C ASP E 150 -19.75 38.79 64.57
N SER E 151 -19.48 37.67 65.28
CA SER E 151 -20.11 36.34 65.17
C SER E 151 -21.63 36.36 65.29
N ASP E 152 -22.18 37.15 66.22
CA ASP E 152 -23.62 37.20 66.44
C ASP E 152 -24.36 38.32 65.72
N VAL E 153 -23.71 38.89 64.69
CA VAL E 153 -24.25 39.94 63.81
C VAL E 153 -24.29 39.41 62.37
N TYR E 154 -25.47 39.43 61.75
CA TYR E 154 -25.69 38.91 60.42
C TYR E 154 -25.94 40.04 59.50
N ILE E 155 -25.16 40.11 58.41
CA ILE E 155 -25.25 41.16 57.37
C ILE E 155 -25.38 40.52 55.98
N THR E 156 -26.40 40.93 55.23
CA THR E 156 -26.64 40.45 53.87
C THR E 156 -25.92 41.33 52.86
N ASP E 157 -25.66 40.82 51.65
CA ASP E 157 -25.04 41.66 50.62
C ASP E 157 -26.08 42.62 50.04
N LYS E 158 -25.65 43.71 49.39
CA LYS E 158 -26.60 44.65 48.79
C LYS E 158 -27.51 43.93 47.80
N CYS E 159 -28.78 44.35 47.77
CA CYS E 159 -29.86 43.84 46.95
C CYS E 159 -30.39 45.10 46.24
N VAL E 160 -30.81 44.97 44.98
CA VAL E 160 -31.38 46.11 44.22
C VAL E 160 -32.89 45.94 44.07
N LEU E 161 -33.64 46.91 44.57
CA LEU E 161 -35.08 46.89 44.52
C LEU E 161 -35.55 47.91 43.52
N ASP E 162 -36.59 47.54 42.75
CA ASP E 162 -37.18 48.38 41.73
C ASP E 162 -38.67 48.66 42.01
N MET E 163 -38.99 49.92 42.28
CA MET E 163 -40.36 50.35 42.51
C MET E 163 -40.81 50.85 41.15
N ARG E 164 -41.25 49.87 40.32
CA ARG E 164 -41.65 50.04 38.93
C ARG E 164 -42.76 51.08 38.71
N SER E 165 -43.60 51.34 39.73
CA SER E 165 -44.69 52.33 39.63
C SER E 165 -44.16 53.77 39.69
N MET E 166 -42.98 53.95 40.32
CA MET E 166 -42.33 55.25 40.51
C MET E 166 -41.01 55.40 39.72
N ASP E 167 -40.66 54.38 38.88
CA ASP E 167 -39.42 54.28 38.09
C ASP E 167 -38.20 54.57 39.00
N PHE E 168 -38.23 53.95 40.18
CA PHE E 168 -37.27 54.19 41.24
C PHE E 168 -36.52 52.93 41.59
N LYS E 169 -35.20 53.08 41.75
CA LYS E 169 -34.33 51.97 42.13
C LYS E 169 -33.55 52.35 43.36
N SER E 170 -33.35 51.38 44.27
CA SER E 170 -32.55 51.58 45.47
C SER E 170 -31.75 50.34 45.86
N ASN E 171 -30.53 50.59 46.39
CA ASN E 171 -29.63 49.58 46.94
C ASN E 171 -29.97 49.49 48.41
N SER E 172 -29.85 48.29 48.99
CA SER E 172 -30.11 48.06 50.41
C SER E 172 -29.40 46.80 50.93
N ALA E 173 -29.00 46.83 52.18
CA ALA E 173 -28.39 45.75 52.90
C ALA E 173 -29.07 45.75 54.28
N VAL E 174 -29.20 44.58 54.89
CA VAL E 174 -29.87 44.37 56.16
C VAL E 174 -28.83 43.80 57.15
N ALA E 175 -28.93 44.21 58.43
CA ALA E 175 -28.11 43.74 59.52
C ALA E 175 -28.99 43.47 60.73
N TRP E 176 -28.78 42.32 61.35
CA TRP E 176 -29.54 41.92 62.54
C TRP E 176 -28.69 41.17 63.50
N SER E 177 -29.23 41.06 64.73
CA SER E 177 -28.63 40.45 65.89
C SER E 177 -29.66 40.44 67.00
N ASN E 178 -29.44 39.61 68.01
CA ASN E 178 -30.29 39.58 69.20
C ASN E 178 -29.39 40.00 70.38
N LYS E 179 -28.09 40.31 70.09
CA LYS E 179 -27.09 40.73 71.08
C LYS E 179 -27.45 42.12 71.60
N SER E 180 -27.42 42.28 72.94
CA SER E 180 -27.76 43.51 73.67
C SER E 180 -26.98 44.75 73.21
N ASP E 181 -25.68 44.59 72.88
CA ASP E 181 -24.78 45.66 72.41
C ASP E 181 -25.15 46.23 71.01
N PHE E 182 -25.91 45.48 70.20
CA PHE E 182 -26.27 45.84 68.83
C PHE E 182 -27.16 47.08 68.68
N ALA E 183 -26.67 48.04 67.88
CA ALA E 183 -27.31 49.32 67.57
C ALA E 183 -27.04 49.67 66.12
N CYS E 184 -27.94 50.43 65.52
CA CYS E 184 -27.81 50.79 64.12
C CYS E 184 -26.61 51.67 63.77
N ALA E 185 -26.11 52.44 64.76
CA ALA E 185 -24.95 53.32 64.61
C ALA E 185 -23.67 52.52 64.47
N ASN E 186 -23.64 51.27 64.98
CA ASN E 186 -22.46 50.41 64.92
C ASN E 186 -22.57 49.23 63.96
N ALA E 187 -23.79 48.94 63.47
CA ALA E 187 -24.10 47.79 62.60
C ALA E 187 -23.24 47.66 61.35
N PHE E 188 -23.06 48.76 60.60
CA PHE E 188 -22.29 48.74 59.37
C PHE E 188 -20.89 49.35 59.53
N ASN E 189 -20.35 49.36 60.78
CA ASN E 189 -19.01 49.89 61.12
C ASN E 189 -17.84 49.16 60.43
N ASN E 190 -18.03 47.91 59.99
CA ASN E 190 -16.97 47.19 59.28
C ASN E 190 -16.97 47.49 57.76
N SER E 191 -17.94 48.32 57.31
CA SER E 191 -18.09 48.74 55.92
C SER E 191 -17.61 50.17 55.77
N ILE E 192 -17.12 50.51 54.56
CA ILE E 192 -16.78 51.88 54.23
C ILE E 192 -18.10 52.43 53.70
N ILE E 193 -18.72 53.34 54.44
CA ILE E 193 -20.01 53.91 54.08
C ILE E 193 -19.88 55.39 53.75
N PRO E 194 -20.83 55.99 53.00
CA PRO E 194 -20.73 57.44 52.70
C PRO E 194 -20.68 58.35 53.95
N GLU E 195 -19.88 59.43 53.92
CA GLU E 195 -19.74 60.35 55.07
C GLU E 195 -21.04 61.12 55.36
N ASP E 196 -21.87 61.28 54.34
CA ASP E 196 -23.16 61.97 54.40
C ASP E 196 -24.31 61.01 54.84
N THR E 197 -24.01 59.75 55.24
CA THR E 197 -25.03 58.78 55.71
C THR E 197 -25.80 59.35 56.90
N PHE E 198 -27.14 59.31 56.79
CA PHE E 198 -28.10 59.75 57.78
C PHE E 198 -28.32 58.69 58.86
N PHE E 199 -28.06 59.06 60.11
CA PHE E 199 -28.27 58.21 61.28
C PHE E 199 -29.33 58.87 62.17
N PRO E 200 -30.64 58.59 61.93
CA PRO E 200 -31.68 59.21 62.78
C PRO E 200 -31.60 58.79 64.25
N SER E 201 -32.10 59.63 65.17
CA SER E 201 -32.10 59.36 66.61
C SER E 201 -33.04 58.22 67.01
N GLY F 5 -42.98 22.94 27.70
CA GLY F 5 -41.86 22.29 27.04
C GLY F 5 -41.36 21.08 27.79
N VAL F 6 -40.34 21.28 28.63
CA VAL F 6 -39.70 20.23 29.44
C VAL F 6 -40.22 20.34 30.84
N THR F 7 -40.83 19.25 31.33
CA THR F 7 -41.39 19.16 32.69
C THR F 7 -40.52 18.21 33.49
N GLN F 8 -39.96 18.72 34.57
CA GLN F 8 -39.07 17.95 35.43
C GLN F 8 -39.59 17.94 36.88
N THR F 9 -39.62 16.76 37.53
CA THR F 9 -40.06 16.64 38.92
C THR F 9 -39.08 15.76 39.70
N PRO F 10 -38.84 16.01 41.00
CA PRO F 10 -39.39 17.10 41.85
C PRO F 10 -38.44 18.29 41.84
N LYS F 11 -38.91 19.48 42.26
CA LYS F 11 -38.02 20.64 42.30
C LYS F 11 -37.05 20.53 43.49
N PHE F 12 -37.49 19.91 44.59
CA PHE F 12 -36.72 19.77 45.83
C PHE F 12 -36.83 18.39 46.42
N GLN F 13 -35.72 17.93 46.99
CA GLN F 13 -35.68 16.61 47.64
C GLN F 13 -34.54 16.53 48.61
N VAL F 14 -34.82 16.05 49.84
CA VAL F 14 -33.82 15.76 50.86
C VAL F 14 -33.81 14.23 50.95
N LEU F 15 -32.63 13.61 50.87
CA LEU F 15 -32.50 12.17 51.01
C LEU F 15 -31.45 11.87 52.07
N LYS F 16 -31.57 10.68 52.64
CA LYS F 16 -30.61 10.11 53.59
C LYS F 16 -29.71 9.24 52.73
N THR F 17 -28.42 9.11 53.11
CA THR F 17 -27.49 8.22 52.39
C THR F 17 -28.11 6.79 52.30
N GLY F 18 -28.14 6.23 51.10
CA GLY F 18 -28.68 4.89 50.87
C GLY F 18 -30.07 4.84 50.25
N GLN F 19 -30.87 5.92 50.40
CA GLN F 19 -32.22 6.04 49.85
C GLN F 19 -32.22 6.05 48.32
N SER F 20 -33.31 5.55 47.73
CA SER F 20 -33.52 5.56 46.28
C SER F 20 -34.29 6.84 45.89
N MET F 21 -34.13 7.27 44.65
CA MET F 21 -34.78 8.46 44.15
C MET F 21 -34.96 8.33 42.64
N THR F 22 -36.10 8.73 42.13
CA THR F 22 -36.32 8.82 40.71
C THR F 22 -36.68 10.25 40.38
N LEU F 23 -35.99 10.79 39.40
CA LEU F 23 -36.22 12.13 38.86
C LEU F 23 -36.96 11.91 37.55
N GLN F 24 -38.09 12.58 37.41
CA GLN F 24 -38.91 12.43 36.22
C GLN F 24 -38.69 13.56 35.27
N CYS F 25 -38.73 13.27 33.99
CA CYS F 25 -38.62 14.25 32.95
C CYS F 25 -39.46 13.87 31.76
N ALA F 26 -40.18 14.86 31.21
CA ALA F 26 -41.06 14.69 30.06
C ALA F 26 -41.05 15.93 29.18
N GLN F 27 -41.14 15.73 27.87
CA GLN F 27 -41.23 16.81 26.90
C GLN F 27 -42.34 16.53 25.90
N ASP F 28 -43.13 17.56 25.56
CA ASP F 28 -44.20 17.39 24.58
C ASP F 28 -43.86 18.17 23.30
N MET F 29 -42.57 18.25 22.97
CA MET F 29 -42.10 18.98 21.79
C MET F 29 -41.72 18.07 20.63
N ASN F 30 -41.95 16.76 20.81
CA ASN F 30 -41.60 15.72 19.84
C ASN F 30 -40.10 15.64 19.54
N HIS F 31 -39.28 15.95 20.55
CA HIS F 31 -37.82 15.90 20.42
C HIS F 31 -37.33 14.47 20.42
N ASN F 32 -36.24 14.20 19.68
CA ASN F 32 -35.68 12.85 19.68
C ASN F 32 -34.73 12.61 20.83
N SER F 33 -33.88 13.62 21.14
CA SER F 33 -32.79 13.62 22.11
C SER F 33 -33.11 14.21 23.46
N MET F 34 -32.72 13.49 24.51
CA MET F 34 -32.94 13.87 25.90
C MET F 34 -31.67 13.67 26.66
N TYR F 35 -31.47 14.51 27.67
CA TYR F 35 -30.24 14.55 28.45
C TYR F 35 -30.52 14.82 29.93
N TRP F 36 -29.64 14.35 30.80
CA TRP F 36 -29.62 14.60 32.23
C TRP F 36 -28.24 15.16 32.57
N TYR F 37 -28.24 16.37 33.10
CA TYR F 37 -27.04 17.06 33.55
C TYR F 37 -27.07 17.28 35.05
N ARG F 38 -25.92 17.55 35.63
CA ARG F 38 -25.80 18.02 36.99
C ARG F 38 -24.94 19.27 36.99
N GLN F 39 -25.35 20.25 37.84
CA GLN F 39 -24.66 21.51 37.96
C GLN F 39 -24.12 21.68 39.36
N ASP F 40 -22.82 21.93 39.47
CA ASP F 40 -22.15 22.13 40.73
C ASP F 40 -21.35 23.41 40.69
N PRO F 41 -21.20 24.10 41.84
CA PRO F 41 -20.39 25.35 41.86
C PRO F 41 -18.93 25.15 41.43
N GLY F 42 -18.44 26.11 40.64
CA GLY F 42 -17.06 26.15 40.15
C GLY F 42 -16.82 25.34 38.89
N MET F 43 -17.87 24.71 38.36
CA MET F 43 -17.68 23.91 37.17
C MET F 43 -18.81 24.00 36.22
N GLY F 44 -18.54 23.57 34.99
CA GLY F 44 -19.55 23.55 33.95
C GLY F 44 -20.52 22.41 34.15
N LEU F 45 -21.71 22.50 33.53
CA LEU F 45 -22.67 21.42 33.56
C LEU F 45 -21.98 20.13 33.13
N ARG F 46 -22.27 19.03 33.81
CA ARG F 46 -21.68 17.74 33.42
C ARG F 46 -22.79 16.78 33.10
N LEU F 47 -22.66 16.10 31.97
CA LEU F 47 -23.64 15.13 31.49
C LEU F 47 -23.52 13.84 32.25
N ILE F 48 -24.65 13.38 32.80
CA ILE F 48 -24.70 12.13 33.53
C ILE F 48 -24.98 11.01 32.51
N TYR F 49 -26.11 11.14 31.79
CA TYR F 49 -26.59 10.22 30.79
C TYR F 49 -27.36 11.00 29.74
N TYR F 50 -27.50 10.41 28.56
CA TYR F 50 -28.24 10.96 27.45
C TYR F 50 -28.89 9.87 26.67
N SER F 51 -29.84 10.25 25.82
CA SER F 51 -30.63 9.36 24.96
C SER F 51 -30.72 10.07 23.59
N ALA F 52 -29.96 9.59 22.57
CA ALA F 52 -29.93 10.21 21.23
C ALA F 52 -31.27 10.18 20.51
N SER F 53 -32.03 9.11 20.71
CA SER F 53 -33.35 8.92 20.17
C SER F 53 -34.04 7.90 21.06
N GLU F 54 -35.37 7.70 20.85
CA GLU F 54 -36.19 6.67 21.54
C GLU F 54 -35.52 5.31 21.27
N GLY F 55 -35.51 4.42 22.26
CA GLY F 55 -34.90 3.09 22.10
C GLY F 55 -33.41 3.00 22.37
N THR F 56 -32.72 4.13 22.66
CA THR F 56 -31.29 4.14 23.00
C THR F 56 -30.94 5.13 24.13
N THR F 57 -29.97 4.74 25.00
CA THR F 57 -29.40 5.55 26.07
C THR F 57 -27.92 5.23 26.18
N ASP F 58 -27.14 6.20 26.71
CA ASP F 58 -25.73 5.99 26.98
C ASP F 58 -25.22 6.92 28.03
N LYS F 59 -24.14 6.49 28.69
CA LYS F 59 -23.42 7.21 29.73
C LYS F 59 -22.86 8.53 29.23
N GLY F 60 -22.83 9.50 30.12
CA GLY F 60 -22.23 10.80 29.89
C GLY F 60 -20.85 10.79 30.51
N GLU F 61 -20.41 11.94 31.01
CA GLU F 61 -19.11 12.15 31.65
C GLU F 61 -19.11 11.60 33.07
N VAL F 62 -20.24 11.73 33.80
CA VAL F 62 -20.37 11.30 35.21
C VAL F 62 -21.52 10.27 35.47
N PRO F 63 -21.45 9.05 34.89
CA PRO F 63 -22.57 8.10 35.07
C PRO F 63 -22.65 7.36 36.41
N ASN F 64 -21.53 7.21 37.14
CA ASN F 64 -21.45 6.41 38.37
C ASN F 64 -22.45 6.82 39.45
N GLY F 65 -23.25 5.83 39.93
CA GLY F 65 -24.29 6.03 40.94
C GLY F 65 -25.67 6.39 40.39
N TYR F 66 -25.81 6.45 39.05
CA TYR F 66 -27.07 6.75 38.39
C TYR F 66 -27.37 5.72 37.34
N ASN F 67 -28.63 5.67 36.92
CA ASN F 67 -29.10 4.87 35.80
C ASN F 67 -30.29 5.60 35.20
N VAL F 68 -30.64 5.30 33.94
CA VAL F 68 -31.70 5.98 33.21
C VAL F 68 -32.62 5.05 32.47
N SER F 69 -33.82 5.57 32.17
CA SER F 69 -34.79 4.89 31.35
C SER F 69 -35.46 5.88 30.39
N ARG F 70 -35.32 5.63 29.09
CA ARG F 70 -35.99 6.34 28.03
C ARG F 70 -37.24 5.47 27.81
N LEU F 71 -38.25 5.72 28.63
CA LEU F 71 -39.50 4.94 28.68
C LEU F 71 -40.30 4.97 27.38
N ASN F 72 -40.26 6.10 26.66
CA ASN F 72 -40.95 6.34 25.38
C ASN F 72 -40.31 7.60 24.77
N LYS F 73 -40.83 8.15 23.65
CA LYS F 73 -40.32 9.36 23.02
C LYS F 73 -40.33 10.59 23.95
N ARG F 74 -41.36 10.68 24.83
CA ARG F 74 -41.54 11.82 25.74
C ARG F 74 -40.71 11.76 27.03
N GLU F 75 -40.51 10.56 27.62
CA GLU F 75 -39.96 10.46 28.96
C GLU F 75 -38.58 9.88 29.09
N PHE F 76 -37.80 10.48 30.01
CA PHE F 76 -36.42 10.13 30.31
C PHE F 76 -36.20 10.29 31.81
N SER F 77 -36.28 9.20 32.54
CA SER F 77 -36.14 9.18 34.00
C SER F 77 -34.70 8.95 34.44
N LEU F 78 -34.33 9.51 35.62
CA LEU F 78 -32.99 9.37 36.19
C LEU F 78 -33.19 8.78 37.55
N ARG F 79 -32.51 7.69 37.79
CA ARG F 79 -32.62 6.96 39.04
C ARG F 79 -31.28 7.02 39.80
N LEU F 80 -31.34 7.25 41.10
CA LEU F 80 -30.23 7.20 42.07
C LEU F 80 -30.66 6.04 42.95
N GLU F 81 -30.06 4.85 42.79
CA GLU F 81 -30.48 3.69 43.58
C GLU F 81 -30.10 3.75 45.04
N SER F 82 -28.88 4.22 45.33
CA SER F 82 -28.36 4.37 46.68
C SER F 82 -27.69 5.72 46.73
N ALA F 83 -28.44 6.75 47.16
CA ALA F 83 -27.95 8.11 47.24
C ALA F 83 -26.72 8.24 48.13
N ALA F 84 -25.76 9.03 47.67
CA ALA F 84 -24.48 9.30 48.34
C ALA F 84 -24.35 10.84 48.51
N PRO F 85 -23.73 11.36 49.60
CA PRO F 85 -23.60 12.84 49.75
C PRO F 85 -23.00 13.62 48.57
N SER F 86 -22.14 12.99 47.74
CA SER F 86 -21.54 13.61 46.55
C SER F 86 -22.62 13.91 45.47
N GLN F 87 -23.81 13.25 45.58
CA GLN F 87 -24.90 13.44 44.65
C GLN F 87 -25.74 14.69 44.96
N THR F 88 -25.41 15.40 46.06
CA THR F 88 -26.04 16.68 46.42
C THR F 88 -25.74 17.59 45.25
N SER F 89 -26.75 18.09 44.56
CA SER F 89 -26.54 18.91 43.38
C SER F 89 -27.85 19.46 42.83
N VAL F 90 -27.74 20.21 41.72
CA VAL F 90 -28.87 20.68 40.96
C VAL F 90 -28.84 19.88 39.66
N TYR F 91 -29.93 19.17 39.38
CA TYR F 91 -30.09 18.33 38.21
C TYR F 91 -31.00 18.97 37.19
N PHE F 92 -30.56 19.04 35.95
CA PHE F 92 -31.33 19.55 34.84
C PHE F 92 -31.51 18.50 33.81
N CYS F 93 -32.75 18.34 33.39
CA CYS F 93 -33.13 17.50 32.28
C CYS F 93 -33.17 18.45 31.09
N ALA F 94 -32.82 17.97 29.93
CA ALA F 94 -32.87 18.80 28.73
C ALA F 94 -33.26 17.98 27.52
N SER F 95 -33.69 18.68 26.46
CA SER F 95 -34.04 18.02 25.22
C SER F 95 -33.70 18.87 24.01
N SER F 96 -33.38 18.21 22.92
CA SER F 96 -33.08 18.86 21.65
C SER F 96 -33.75 18.00 20.57
N GLU F 97 -34.11 18.64 19.45
CA GLU F 97 -34.76 18.01 18.31
C GLU F 97 -34.00 16.76 17.85
N THR F 98 -32.67 16.89 17.68
CA THR F 98 -31.78 15.79 17.29
C THR F 98 -30.38 15.93 17.94
N ASP F 99 -29.50 14.98 17.62
CA ASP F 99 -28.12 14.87 18.08
C ASP F 99 -27.17 14.58 16.88
N PRO F 100 -26.10 15.39 16.59
CA PRO F 100 -25.66 16.61 17.28
C PRO F 100 -26.63 17.78 17.14
N ASN F 101 -26.80 18.49 18.25
CA ASN F 101 -27.67 19.65 18.34
C ASN F 101 -26.87 20.90 17.98
N THR F 102 -27.39 21.69 17.01
CA THR F 102 -26.88 22.99 16.57
C THR F 102 -27.91 24.07 16.89
N GLY F 103 -29.02 23.65 17.46
CA GLY F 103 -30.13 24.51 17.83
C GLY F 103 -30.27 24.63 19.33
N GLU F 104 -31.45 25.08 19.75
CA GLU F 104 -31.81 25.28 21.13
C GLU F 104 -31.89 23.96 21.93
N LEU F 105 -31.20 23.96 23.07
CA LEU F 105 -31.28 22.90 24.05
C LEU F 105 -32.32 23.44 25.01
N PHE F 106 -33.38 22.67 25.27
CA PHE F 106 -34.46 23.11 26.15
C PHE F 106 -34.32 22.46 27.50
N PHE F 107 -34.17 23.25 28.54
CA PHE F 107 -33.97 22.75 29.90
C PHE F 107 -35.25 22.72 30.74
N GLY F 108 -35.32 21.73 31.62
CA GLY F 108 -36.34 21.63 32.65
C GLY F 108 -36.03 22.65 33.73
N GLU F 109 -36.95 22.87 34.67
CA GLU F 109 -36.80 23.86 35.72
C GLU F 109 -35.68 23.59 36.73
N GLY F 110 -35.22 22.35 36.82
CA GLY F 110 -34.17 21.97 37.77
C GLY F 110 -34.71 21.25 39.00
N SER F 111 -33.91 20.34 39.57
CA SER F 111 -34.27 19.55 40.73
C SER F 111 -33.14 19.71 41.71
N ARG F 112 -33.44 20.31 42.85
CA ARG F 112 -32.46 20.55 43.90
C ARG F 112 -32.45 19.39 44.87
N LEU F 113 -31.34 18.67 44.89
CA LEU F 113 -31.27 17.51 45.76
C LEU F 113 -30.20 17.64 46.79
N THR F 114 -30.56 17.33 48.04
CA THR F 114 -29.61 17.29 49.16
C THR F 114 -29.56 15.85 49.72
N VAL F 115 -28.36 15.27 49.75
CA VAL F 115 -28.14 13.93 50.33
C VAL F 115 -27.34 14.12 51.62
N LEU F 116 -27.89 13.65 52.74
CA LEU F 116 -27.29 13.78 54.09
C LEU F 116 -27.09 12.47 54.77
N GLU F 117 -26.04 12.37 55.60
CA GLU F 117 -25.79 11.15 56.38
C GLU F 117 -26.86 10.99 57.44
N ASP F 118 -27.27 12.11 58.05
CA ASP F 118 -28.31 12.17 59.06
C ASP F 118 -29.26 13.36 58.85
N LEU F 119 -30.56 13.07 59.03
CA LEU F 119 -31.63 14.07 58.92
C LEU F 119 -31.74 15.00 60.13
N LYS F 120 -30.92 14.78 61.20
CA LYS F 120 -30.81 15.61 62.40
C LYS F 120 -30.47 17.07 62.04
N ASN F 121 -29.77 17.29 60.93
CA ASN F 121 -29.34 18.61 60.48
C ASN F 121 -30.42 19.41 59.73
N VAL F 122 -31.58 18.76 59.39
CA VAL F 122 -32.69 19.40 58.68
C VAL F 122 -33.53 20.27 59.65
N PHE F 123 -33.70 21.56 59.34
CA PHE F 123 -34.44 22.50 60.16
C PHE F 123 -35.35 23.35 59.31
N PRO F 124 -36.58 23.63 59.76
CA PRO F 124 -37.44 24.54 59.00
C PRO F 124 -37.07 26.01 59.32
N PRO F 125 -37.52 27.02 58.53
CA PRO F 125 -37.19 28.41 58.91
C PRO F 125 -38.05 29.01 59.99
N GLU F 126 -37.47 29.98 60.71
CA GLU F 126 -38.23 30.80 61.61
C GLU F 126 -38.47 32.06 60.71
N VAL F 127 -39.70 32.57 60.68
CA VAL F 127 -40.03 33.71 59.84
C VAL F 127 -40.55 34.90 60.67
N ALA F 128 -39.97 36.09 60.45
CA ALA F 128 -40.36 37.30 61.15
C ALA F 128 -40.34 38.53 60.24
N VAL F 129 -41.33 39.41 60.44
CA VAL F 129 -41.52 40.62 59.67
C VAL F 129 -41.32 41.83 60.58
N PHE F 130 -40.55 42.80 60.08
CA PHE F 130 -40.18 44.02 60.77
C PHE F 130 -40.78 45.20 60.03
N GLU F 131 -41.55 46.02 60.75
CA GLU F 131 -42.27 47.16 60.21
C GLU F 131 -41.37 48.35 59.87
N PRO F 132 -41.78 49.21 58.89
CA PRO F 132 -40.93 50.34 58.52
C PRO F 132 -40.61 51.29 59.67
N SER F 133 -39.42 51.87 59.58
CA SER F 133 -38.92 52.91 60.46
C SER F 133 -39.72 54.21 60.16
N GLU F 134 -40.21 54.89 61.22
CA GLU F 134 -40.91 56.18 61.10
C GLU F 134 -39.95 57.25 60.53
N ALA F 135 -38.65 57.16 60.85
CA ALA F 135 -37.66 58.08 60.29
C ALA F 135 -37.54 57.93 58.75
N GLU F 136 -37.62 56.70 58.22
CA GLU F 136 -37.57 56.46 56.76
C GLU F 136 -38.78 57.09 56.06
N ILE F 137 -39.99 56.88 56.62
CA ILE F 137 -41.25 57.40 56.11
C ILE F 137 -41.22 58.93 56.03
N SER F 138 -40.72 59.57 57.07
CA SER F 138 -40.62 61.02 57.23
C SER F 138 -39.55 61.61 56.28
N HIS F 139 -38.42 60.93 56.11
CA HIS F 139 -37.31 61.36 55.25
C HIS F 139 -37.53 61.08 53.75
N THR F 140 -38.13 59.94 53.39
CA THR F 140 -38.22 59.58 51.96
C THR F 140 -39.61 59.42 51.37
N GLN F 141 -40.64 59.38 52.23
N GLN F 141 -40.68 59.37 52.21
CA GLN F 141 -42.05 59.12 51.92
CA GLN F 141 -42.06 59.15 51.75
C GLN F 141 -42.27 57.72 51.29
C GLN F 141 -42.27 57.70 51.25
N LYS F 142 -41.37 56.81 51.64
CA LYS F 142 -41.37 55.39 51.26
C LYS F 142 -41.28 54.61 52.56
N ALA F 143 -41.73 53.37 52.54
CA ALA F 143 -41.75 52.50 53.73
C ALA F 143 -41.24 51.12 53.36
N THR F 144 -40.21 50.62 54.05
CA THR F 144 -39.62 49.30 53.78
C THR F 144 -39.90 48.34 54.93
N LEU F 145 -40.55 47.22 54.61
CA LEU F 145 -40.78 46.10 55.54
C LEU F 145 -39.67 45.09 55.28
N VAL F 146 -39.22 44.42 56.29
CA VAL F 146 -38.18 43.41 56.09
C VAL F 146 -38.71 42.07 56.59
N CYS F 147 -38.43 41.00 55.86
CA CYS F 147 -38.77 39.67 56.30
C CYS F 147 -37.46 38.88 56.47
N LEU F 148 -37.28 38.25 57.64
CA LEU F 148 -36.14 37.38 57.90
C LEU F 148 -36.61 35.97 58.00
N ALA F 149 -36.00 35.08 57.26
CA ALA F 149 -36.26 33.61 57.28
C ALA F 149 -34.92 33.07 57.80
N THR F 150 -34.88 32.64 59.05
CA THR F 150 -33.61 32.23 59.67
C THR F 150 -33.61 30.78 60.17
N GLY F 151 -32.42 30.23 60.33
CA GLY F 151 -32.17 28.90 60.90
C GLY F 151 -32.60 27.70 60.09
N PHE F 152 -32.79 27.84 58.77
CA PHE F 152 -33.20 26.69 57.95
C PHE F 152 -32.03 25.94 57.36
N TYR F 153 -32.25 24.67 57.04
CA TYR F 153 -31.31 23.74 56.41
C TYR F 153 -32.10 22.57 55.86
N PRO F 154 -31.92 22.16 54.59
CA PRO F 154 -31.04 22.75 53.55
C PRO F 154 -31.62 24.03 52.95
N ASP F 155 -30.90 24.66 52.04
CA ASP F 155 -31.37 25.88 51.37
C ASP F 155 -32.50 25.55 50.32
N HIS F 156 -33.66 25.05 50.80
CA HIS F 156 -34.81 24.62 49.98
C HIS F 156 -36.00 25.42 50.46
N VAL F 157 -36.08 26.69 50.07
CA VAL F 157 -37.15 27.63 50.48
C VAL F 157 -37.64 28.45 49.29
N GLU F 158 -38.87 28.98 49.39
CA GLU F 158 -39.44 29.92 48.42
C GLU F 158 -40.13 30.97 49.26
N LEU F 159 -39.60 32.18 49.22
CA LEU F 159 -40.15 33.28 49.97
C LEU F 159 -41.04 34.13 49.05
N SER F 160 -42.22 34.51 49.54
CA SER F 160 -43.18 35.35 48.82
C SER F 160 -43.84 36.36 49.73
N TRP F 161 -44.19 37.53 49.19
CA TRP F 161 -44.89 38.60 49.89
C TRP F 161 -46.32 38.62 49.37
N TRP F 162 -47.27 38.85 50.28
CA TRP F 162 -48.71 38.92 50.02
C TRP F 162 -49.27 40.18 50.60
N VAL F 163 -49.90 40.99 49.73
CA VAL F 163 -50.52 42.23 50.15
C VAL F 163 -52.01 42.10 49.89
N ASN F 164 -52.80 42.16 50.97
CA ASN F 164 -54.26 42.07 50.88
C ASN F 164 -54.72 40.77 50.21
N GLY F 165 -54.05 39.67 50.56
CA GLY F 165 -54.34 38.34 50.07
C GLY F 165 -53.89 38.04 48.65
N LYS F 166 -53.14 38.97 48.04
CA LYS F 166 -52.63 38.79 46.68
C LYS F 166 -51.11 38.87 46.70
N GLU F 167 -50.46 37.90 46.06
CA GLU F 167 -49.01 37.82 45.96
C GLU F 167 -48.46 39.00 45.16
N VAL F 168 -47.41 39.67 45.66
CA VAL F 168 -46.81 40.82 44.99
C VAL F 168 -45.37 40.53 44.57
N HIS F 169 -44.90 41.22 43.52
CA HIS F 169 -43.54 41.08 42.99
C HIS F 169 -42.89 42.43 42.84
N SER F 170 -43.71 43.46 42.61
CA SER F 170 -43.23 44.83 42.45
C SER F 170 -42.79 45.38 43.81
N GLY F 171 -41.61 45.98 43.86
CA GLY F 171 -41.10 46.58 45.09
C GLY F 171 -40.50 45.57 46.05
N VAL F 172 -40.23 44.34 45.58
CA VAL F 172 -39.65 43.26 46.37
C VAL F 172 -38.17 42.99 46.02
N CYS F 173 -37.36 42.75 47.02
CA CYS F 173 -35.98 42.31 46.83
C CYS F 173 -35.67 41.23 47.80
N THR F 174 -35.45 40.03 47.31
CA THR F 174 -35.07 38.86 48.11
C THR F 174 -33.65 38.53 47.71
N ASP F 175 -32.81 38.29 48.71
CA ASP F 175 -31.41 37.90 48.50
C ASP F 175 -31.36 36.72 47.53
N PRO F 176 -30.47 36.79 46.52
CA PRO F 176 -30.37 35.66 45.57
C PRO F 176 -29.78 34.41 46.21
N GLN F 177 -28.92 34.60 47.23
CA GLN F 177 -28.25 33.50 47.91
C GLN F 177 -28.49 33.65 49.40
N PRO F 178 -28.78 32.54 50.13
CA PRO F 178 -28.94 32.66 51.59
C PRO F 178 -27.55 32.84 52.22
N LEU F 179 -27.56 33.25 53.45
CA LEU F 179 -26.40 33.53 54.26
C LEU F 179 -26.22 32.36 55.25
N LYS F 180 -25.00 31.87 55.36
CA LYS F 180 -24.67 30.81 56.32
C LYS F 180 -24.52 31.48 57.71
N GLU F 181 -25.25 30.97 58.72
CA GLU F 181 -25.23 31.51 60.08
C GLU F 181 -23.91 31.29 60.79
N GLN F 182 -23.20 30.20 60.44
CA GLN F 182 -21.86 29.82 60.93
C GLN F 182 -21.03 29.48 59.69
N PRO F 183 -20.43 30.48 59.03
CA PRO F 183 -19.66 30.22 57.77
C PRO F 183 -18.62 29.09 57.72
N ALA F 184 -18.07 28.70 58.88
CA ALA F 184 -17.08 27.64 59.01
C ALA F 184 -17.62 26.21 58.85
N LEU F 185 -18.83 25.92 59.39
CA LEU F 185 -19.47 24.59 59.35
C LEU F 185 -20.06 24.21 57.98
N ASN F 186 -19.82 22.95 57.54
CA ASN F 186 -20.23 22.39 56.25
C ASN F 186 -21.74 22.35 56.03
N ASP F 187 -22.47 22.03 57.10
CA ASP F 187 -23.94 21.95 57.08
C ASP F 187 -24.54 23.05 57.99
N SER F 188 -23.93 24.25 57.95
CA SER F 188 -24.38 25.39 58.73
C SER F 188 -25.77 25.73 58.28
N ARG F 189 -26.65 26.12 59.20
CA ARG F 189 -28.00 26.57 58.85
C ARG F 189 -27.95 27.95 58.15
N TYR F 190 -29.05 28.34 57.49
CA TYR F 190 -29.14 29.53 56.64
C TYR F 190 -30.01 30.63 57.07
N ALA F 191 -29.77 31.82 56.51
CA ALA F 191 -30.62 32.98 56.74
C ALA F 191 -30.88 33.65 55.41
N LEU F 192 -32.11 34.11 55.23
CA LEU F 192 -32.53 34.80 54.02
C LEU F 192 -33.30 36.04 54.40
N SER F 193 -33.11 37.13 53.67
CA SER F 193 -33.91 38.33 53.87
C SER F 193 -34.50 38.81 52.58
N SER F 194 -35.58 39.56 52.71
CA SER F 194 -36.34 40.18 51.67
C SER F 194 -36.80 41.50 52.18
N ARG F 195 -37.01 42.42 51.28
CA ARG F 195 -37.54 43.73 51.58
C ARG F 195 -38.73 43.90 50.66
N LEU F 196 -39.69 44.66 51.14
CA LEU F 196 -40.83 45.07 50.34
C LEU F 196 -40.92 46.53 50.65
N ARG F 197 -40.80 47.37 49.61
CA ARG F 197 -40.89 48.82 49.72
C ARG F 197 -42.17 49.31 49.06
N VAL F 198 -42.95 50.02 49.84
CA VAL F 198 -44.23 50.60 49.43
C VAL F 198 -44.16 52.08 49.69
N SER F 199 -45.07 52.88 49.11
CA SER F 199 -45.09 54.32 49.39
C SER F 199 -45.62 54.54 50.83
N ALA F 200 -45.30 55.67 51.47
CA ALA F 200 -45.80 55.99 52.80
C ALA F 200 -47.35 56.06 52.82
N THR F 201 -47.98 56.55 51.71
CA THR F 201 -49.45 56.63 51.58
C THR F 201 -50.08 55.23 51.69
N PHE F 202 -49.42 54.23 51.05
CA PHE F 202 -49.84 52.85 51.04
C PHE F 202 -49.63 52.22 52.40
N TRP F 203 -48.50 52.50 53.07
CA TRP F 203 -48.26 51.96 54.42
C TRP F 203 -49.22 52.56 55.44
N GLN F 204 -49.58 53.84 55.28
CA GLN F 204 -50.46 54.54 56.22
C GLN F 204 -51.97 54.23 56.11
N ASN F 205 -52.37 53.40 55.12
CA ASN F 205 -53.75 52.97 54.96
C ASN F 205 -53.93 51.82 55.97
N PRO F 206 -54.77 51.98 57.02
CA PRO F 206 -54.88 50.92 58.06
C PRO F 206 -55.53 49.63 57.60
N ARG F 207 -56.23 49.66 56.44
N ARG F 207 -56.30 49.67 56.51
CA ARG F 207 -56.88 48.49 55.84
CA ARG F 207 -56.97 48.49 55.97
C ARG F 207 -55.83 47.58 55.15
C ARG F 207 -56.00 47.61 55.16
N ASN F 208 -54.69 48.16 54.74
N ASN F 208 -54.79 48.12 54.83
CA ASN F 208 -53.61 47.42 54.06
CA ASN F 208 -53.74 47.40 54.11
C ASN F 208 -52.93 46.35 54.94
C ASN F 208 -53.05 46.32 54.98
N HIS F 209 -52.91 45.10 54.45
CA HIS F 209 -52.36 43.94 55.17
C HIS F 209 -51.16 43.33 54.42
N PHE F 210 -50.07 43.03 55.13
CA PHE F 210 -48.85 42.52 54.52
C PHE F 210 -48.44 41.22 55.13
N ARG F 211 -48.05 40.27 54.29
CA ARG F 211 -47.62 38.98 54.80
C ARG F 211 -46.42 38.45 54.04
N CYS F 212 -45.44 37.95 54.77
CA CYS F 212 -44.27 37.28 54.22
C CYS F 212 -44.49 35.82 54.43
N GLN F 213 -44.44 35.04 53.36
CA GLN F 213 -44.66 33.59 53.40
C GLN F 213 -43.42 32.85 52.91
N VAL F 214 -43.06 31.79 53.61
CA VAL F 214 -41.90 30.98 53.24
C VAL F 214 -42.32 29.53 53.13
N GLN F 215 -42.23 28.99 51.92
CA GLN F 215 -42.48 27.56 51.70
C GLN F 215 -41.13 26.80 51.89
N PHE F 216 -41.08 25.86 52.82
CA PHE F 216 -39.88 25.05 53.11
C PHE F 216 -40.08 23.65 52.59
N TYR F 217 -39.11 23.08 51.92
CA TYR F 217 -39.20 21.71 51.43
C TYR F 217 -38.33 20.85 52.27
N GLY F 218 -38.93 19.93 53.02
CA GLY F 218 -38.19 19.10 53.94
C GLY F 218 -38.54 17.64 53.92
N LEU F 219 -38.64 17.05 55.11
CA LEU F 219 -38.93 15.62 55.18
C LEU F 219 -40.36 15.28 54.79
N SER F 220 -40.59 13.99 54.48
CA SER F 220 -41.90 13.45 54.11
C SER F 220 -42.35 12.46 55.20
N GLU F 221 -43.59 11.96 55.10
CA GLU F 221 -44.21 10.98 56.02
C GLU F 221 -43.32 9.73 56.23
N ASN F 222 -42.75 9.19 55.14
CA ASN F 222 -41.93 8.00 55.20
C ASN F 222 -40.54 8.16 55.84
N ASP F 223 -40.01 9.42 55.94
CA ASP F 223 -38.70 9.67 56.58
C ASP F 223 -38.72 9.40 58.09
N GLU F 224 -37.76 8.62 58.57
CA GLU F 224 -37.64 8.22 59.97
C GLU F 224 -37.11 9.38 60.80
N TRP F 225 -37.86 9.75 61.85
CA TRP F 225 -37.50 10.84 62.77
C TRP F 225 -37.32 10.32 64.18
N THR F 226 -36.18 10.65 64.83
CA THR F 226 -35.85 10.17 66.18
C THR F 226 -35.46 11.27 67.16
N GLN F 227 -35.42 12.54 66.74
CA GLN F 227 -35.05 13.66 67.62
C GLN F 227 -36.18 14.10 68.55
N ASP F 228 -35.82 14.85 69.62
CA ASP F 228 -36.73 15.43 70.62
C ASP F 228 -37.60 16.51 69.97
N ARG F 229 -37.02 17.33 69.10
CA ARG F 229 -37.77 18.37 68.41
C ARG F 229 -38.71 17.80 67.33
N ALA F 230 -39.65 18.63 66.87
CA ALA F 230 -40.64 18.25 65.87
C ALA F 230 -40.00 17.88 64.53
N LYS F 231 -40.57 16.87 63.86
CA LYS F 231 -40.14 16.42 62.54
C LYS F 231 -40.17 17.62 61.54
N PRO F 232 -39.01 18.02 60.93
CA PRO F 232 -38.98 19.18 60.01
C PRO F 232 -39.53 18.88 58.61
N VAL F 233 -40.86 18.68 58.55
CA VAL F 233 -41.62 18.35 57.36
C VAL F 233 -41.75 19.54 56.40
N THR F 234 -42.16 19.25 55.14
CA THR F 234 -42.46 20.26 54.13
C THR F 234 -43.57 21.13 54.71
N GLN F 235 -43.37 22.43 54.80
CA GLN F 235 -44.37 23.32 55.41
C GLN F 235 -44.20 24.75 54.96
N ILE F 236 -45.27 25.52 55.17
CA ILE F 236 -45.32 26.96 54.91
C ILE F 236 -45.22 27.69 56.25
N VAL F 237 -44.26 28.63 56.37
CA VAL F 237 -44.08 29.46 57.59
C VAL F 237 -44.35 30.92 57.19
N SER F 238 -45.20 31.65 57.93
CA SER F 238 -45.61 33.03 57.65
C SER F 238 -45.39 33.97 58.83
N ALA F 239 -45.37 35.28 58.53
CA ALA F 239 -45.36 36.35 59.52
C ALA F 239 -46.11 37.51 58.85
N GLU F 240 -46.95 38.19 59.58
CA GLU F 240 -47.73 39.27 59.02
C GLU F 240 -47.48 40.63 59.67
N ALA F 241 -47.99 41.68 58.99
CA ALA F 241 -48.01 43.09 59.42
C ALA F 241 -49.24 43.84 58.80
N TRP F 242 -49.75 44.85 59.52
CA TRP F 242 -50.85 45.75 59.07
C TRP F 242 -50.32 47.17 59.01
N GLY F 243 -50.82 47.95 58.04
CA GLY F 243 -50.48 49.35 57.84
C GLY F 243 -50.79 50.21 59.04
N ARG F 244 -49.80 50.96 59.55
CA ARG F 244 -49.96 51.80 60.73
C ARG F 244 -50.35 53.26 60.41
N ALA F 245 -51.57 53.64 60.86
CA ALA F 245 -52.15 54.99 60.69
C ALA F 245 -51.32 56.13 61.33
N GLN G 4 11.09 -19.27 -26.59
CA GLN G 4 10.08 -18.22 -26.34
C GLN G 4 10.59 -16.77 -26.36
N ASN G 5 9.76 -15.87 -25.85
CA ASN G 5 9.86 -14.43 -25.87
C ASN G 5 10.31 -13.85 -24.57
N ILE G 6 11.00 -12.70 -24.68
CA ILE G 6 11.41 -11.86 -23.56
C ILE G 6 10.69 -10.55 -23.86
N ASP G 7 9.80 -10.13 -22.96
CA ASP G 7 9.04 -8.90 -23.18
C ASP G 7 9.29 -7.86 -22.12
N GLN G 8 9.63 -6.66 -22.58
CA GLN G 8 9.85 -5.51 -21.72
C GLN G 8 9.27 -4.26 -22.39
N PRO G 9 8.76 -3.25 -21.65
CA PRO G 9 8.20 -2.06 -22.33
C PRO G 9 9.23 -1.36 -23.24
N THR G 10 8.77 -0.76 -24.34
CA THR G 10 9.66 -0.08 -25.29
C THR G 10 10.33 1.12 -24.63
N GLU G 11 9.55 1.86 -23.87
CA GLU G 11 9.97 3.11 -23.29
C GLU G 11 9.26 3.36 -21.99
N MET G 12 9.95 4.07 -21.10
CA MET G 12 9.45 4.49 -19.82
C MET G 12 9.93 5.87 -19.52
N THR G 13 9.05 6.69 -18.95
CA THR G 13 9.37 8.06 -18.56
C THR G 13 9.01 8.23 -17.09
N ALA G 14 9.96 8.78 -16.32
CA ALA G 14 9.78 9.09 -14.89
C ALA G 14 10.49 10.40 -14.57
N THR G 15 10.19 10.97 -13.39
CA THR G 15 10.74 12.26 -12.96
C THR G 15 12.01 12.03 -12.17
N GLU G 16 12.92 13.00 -12.23
CA GLU G 16 14.19 13.04 -11.51
C GLU G 16 13.88 12.95 -10.00
N GLY G 17 14.59 12.09 -9.28
CA GLY G 17 14.40 11.89 -7.84
C GLY G 17 13.35 10.86 -7.46
N ALA G 18 12.50 10.46 -8.40
CA ALA G 18 11.46 9.47 -8.17
C ALA G 18 11.98 8.01 -8.33
N ILE G 19 11.10 7.01 -8.27
CA ILE G 19 11.42 5.59 -8.39
C ILE G 19 10.86 5.02 -9.72
N VAL G 20 11.60 4.16 -10.39
CA VAL G 20 11.14 3.51 -11.60
C VAL G 20 11.38 2.01 -11.54
N GLN G 21 10.38 1.25 -11.97
CA GLN G 21 10.41 -0.22 -12.01
C GLN G 21 10.25 -0.67 -13.46
N ILE G 22 11.29 -1.28 -13.99
CA ILE G 22 11.29 -1.80 -15.38
C ILE G 22 11.03 -3.29 -15.31
N ASN G 23 9.90 -3.74 -15.83
CA ASN G 23 9.51 -5.15 -15.83
C ASN G 23 9.99 -5.94 -17.03
N CYS G 24 10.18 -7.24 -16.83
CA CYS G 24 10.61 -8.16 -17.84
C CYS G 24 9.96 -9.51 -17.63
N THR G 25 9.13 -9.95 -18.59
CA THR G 25 8.52 -11.27 -18.60
C THR G 25 9.32 -12.15 -19.54
N TYR G 26 9.73 -13.33 -19.08
CA TYR G 26 10.58 -14.21 -19.89
C TYR G 26 9.92 -15.46 -20.40
N GLN G 27 10.74 -16.30 -21.10
CA GLN G 27 10.38 -17.59 -21.73
C GLN G 27 9.65 -18.52 -20.79
N THR G 28 8.64 -19.17 -21.32
CA THR G 28 7.85 -20.12 -20.55
C THR G 28 8.59 -21.49 -20.42
N SER G 29 9.63 -21.75 -21.26
CA SER G 29 10.31 -23.04 -21.22
C SER G 29 11.81 -22.98 -21.03
N GLY G 30 12.25 -23.53 -19.90
CA GLY G 30 13.65 -23.57 -19.49
C GLY G 30 14.10 -22.26 -18.92
N PHE G 31 14.82 -22.31 -17.79
CA PHE G 31 15.34 -21.11 -17.15
C PHE G 31 16.63 -21.42 -16.44
N ASN G 32 17.71 -20.72 -16.82
CA ASN G 32 19.02 -20.83 -16.20
C ASN G 32 19.57 -19.49 -15.75
N GLY G 33 18.71 -18.49 -15.64
CA GLY G 33 19.11 -17.17 -15.18
C GLY G 33 18.63 -16.02 -16.03
N LEU G 34 18.62 -14.85 -15.42
CA LEU G 34 18.17 -13.60 -16.03
C LEU G 34 19.19 -12.52 -15.73
N PHE G 35 19.51 -11.70 -16.74
CA PHE G 35 20.46 -10.59 -16.64
C PHE G 35 19.80 -9.26 -16.94
N TRP G 36 20.35 -8.19 -16.31
CA TRP G 36 20.00 -6.83 -16.66
C TRP G 36 21.31 -6.17 -17.11
N TYR G 37 21.25 -5.46 -18.23
CA TYR G 37 22.34 -4.68 -18.80
C TYR G 37 21.87 -3.27 -18.97
N GLN G 38 22.79 -2.30 -18.80
CA GLN G 38 22.52 -0.88 -19.02
C GLN G 38 23.22 -0.50 -20.31
N GLN G 39 22.60 0.34 -21.12
CA GLN G 39 23.23 0.81 -22.33
C GLN G 39 22.93 2.26 -22.59
N HIS G 40 23.92 3.14 -22.40
CA HIS G 40 23.74 4.54 -22.80
C HIS G 40 23.78 4.65 -24.32
N ALA G 41 23.08 5.66 -24.85
CA ALA G 41 23.00 5.93 -26.30
C ALA G 41 24.41 6.10 -26.88
N GLY G 42 24.73 5.30 -27.91
CA GLY G 42 26.04 5.29 -28.57
C GLY G 42 27.12 4.54 -27.81
N GLU G 43 26.76 3.85 -26.73
CA GLU G 43 27.74 3.12 -25.91
C GLU G 43 27.48 1.61 -25.89
N ALA G 44 28.44 0.84 -25.39
CA ALA G 44 28.30 -0.60 -25.27
C ALA G 44 27.39 -0.93 -24.08
N PRO G 45 26.69 -2.11 -24.10
CA PRO G 45 25.95 -2.50 -22.90
C PRO G 45 26.91 -2.83 -21.75
N THR G 46 26.51 -2.51 -20.50
CA THR G 46 27.32 -2.86 -19.32
C THR G 46 26.46 -3.69 -18.38
N PHE G 47 27.05 -4.70 -17.77
CA PHE G 47 26.38 -5.61 -16.84
C PHE G 47 25.85 -4.93 -15.57
N LEU G 48 24.60 -5.22 -15.22
CA LEU G 48 24.02 -4.73 -13.96
C LEU G 48 23.86 -5.84 -12.95
N SER G 49 23.22 -6.94 -13.36
CA SER G 49 22.93 -8.04 -12.45
C SER G 49 22.61 -9.37 -13.14
N TYR G 50 22.67 -10.47 -12.37
CA TYR G 50 22.26 -11.82 -12.79
C TYR G 50 21.42 -12.38 -11.65
N ASN G 51 20.22 -12.89 -11.94
CA ASN G 51 19.36 -13.53 -10.96
C ASN G 51 18.98 -14.91 -11.50
N VAL G 52 18.94 -15.93 -10.64
CA VAL G 52 18.53 -17.30 -11.02
C VAL G 52 17.52 -17.85 -9.99
N LEU G 53 17.68 -17.46 -8.72
CA LEU G 53 16.72 -17.83 -7.67
C LEU G 53 15.86 -16.61 -7.27
N ASP G 54 14.75 -16.87 -6.58
CA ASP G 54 13.81 -15.87 -6.12
C ASP G 54 14.38 -14.89 -5.11
N GLY G 55 13.97 -13.64 -5.25
CA GLY G 55 14.36 -12.60 -4.33
C GLY G 55 14.78 -11.31 -4.99
N LEU G 56 15.13 -10.37 -4.13
CA LEU G 56 15.53 -9.02 -4.44
C LEU G 56 17.00 -8.85 -4.07
N GLU G 57 17.84 -8.53 -5.06
CA GLU G 57 19.27 -8.25 -4.87
C GLU G 57 19.45 -6.72 -5.03
N GLU G 58 19.98 -6.07 -4.01
CA GLU G 58 20.18 -4.62 -3.98
C GLU G 58 21.66 -4.27 -4.23
N LYS G 59 21.93 -3.39 -5.20
CA LYS G 59 23.29 -2.93 -5.54
C LYS G 59 23.26 -1.42 -5.81
N GLY G 60 23.46 -0.64 -4.73
CA GLY G 60 23.40 0.82 -4.73
C GLY G 60 21.98 1.31 -4.94
N ARG G 61 21.76 2.24 -5.89
CA ARG G 61 20.41 2.75 -6.16
C ARG G 61 19.61 1.77 -7.00
N PHE G 62 20.25 0.66 -7.49
CA PHE G 62 19.59 -0.36 -8.32
C PHE G 62 19.34 -1.67 -7.59
N SER G 63 18.14 -2.25 -7.81
CA SER G 63 17.73 -3.54 -7.24
C SER G 63 17.13 -4.40 -8.36
N SER G 64 17.43 -5.68 -8.34
CA SER G 64 16.91 -6.65 -9.30
C SER G 64 16.12 -7.70 -8.56
N PHE G 65 14.86 -7.89 -8.96
CA PHE G 65 13.94 -8.85 -8.40
C PHE G 65 13.65 -9.95 -9.37
N LEU G 66 13.58 -11.17 -8.90
CA LEU G 66 13.18 -12.32 -9.69
C LEU G 66 12.12 -13.16 -9.00
N SER G 67 11.04 -13.47 -9.71
CA SER G 67 9.99 -14.40 -9.31
C SER G 67 9.89 -15.52 -10.35
N ARG G 68 10.32 -16.71 -9.95
CA ARG G 68 10.26 -17.89 -10.78
C ARG G 68 8.86 -18.36 -11.06
N SER G 69 8.01 -18.38 -10.05
CA SER G 69 6.63 -18.84 -10.17
C SER G 69 5.81 -17.94 -11.10
N LYS G 70 5.95 -16.60 -10.93
CA LYS G 70 5.31 -15.57 -11.73
C LYS G 70 5.95 -15.37 -13.13
N GLY G 71 7.17 -15.88 -13.36
CA GLY G 71 7.85 -15.74 -14.65
C GLY G 71 8.23 -14.33 -15.03
N TYR G 72 8.66 -13.56 -14.02
CA TYR G 72 9.04 -12.18 -14.26
C TYR G 72 10.15 -11.65 -13.39
N SER G 73 10.79 -10.64 -13.89
CA SER G 73 11.83 -9.91 -13.22
C SER G 73 11.55 -8.39 -13.35
N TYR G 74 12.12 -7.60 -12.45
CA TYR G 74 12.10 -6.17 -12.55
C TYR G 74 13.41 -5.63 -12.07
N LEU G 75 13.78 -4.51 -12.66
CA LEU G 75 14.91 -3.67 -12.33
C LEU G 75 14.32 -2.41 -11.68
N LEU G 76 14.58 -2.23 -10.40
CA LEU G 76 14.09 -1.08 -9.66
C LEU G 76 15.21 -0.05 -9.56
N LEU G 77 14.93 1.17 -10.03
CA LEU G 77 15.86 2.29 -9.97
C LEU G 77 15.29 3.30 -8.97
N LYS G 78 16.04 3.59 -7.91
CA LYS G 78 15.61 4.54 -6.89
C LYS G 78 16.31 5.88 -7.06
N GLU G 79 15.78 6.96 -6.44
CA GLU G 79 16.31 8.34 -6.42
C GLU G 79 16.93 8.69 -7.77
N LEU G 80 16.09 8.65 -8.81
CA LEU G 80 16.48 8.85 -10.21
C LEU G 80 17.33 10.07 -10.49
N GLN G 81 18.32 9.88 -11.33
CA GLN G 81 19.19 10.96 -11.77
C GLN G 81 19.16 11.04 -13.26
N MET G 82 19.50 12.21 -13.81
CA MET G 82 19.56 12.40 -15.28
C MET G 82 20.49 11.34 -15.91
N LYS G 83 21.62 11.00 -15.23
CA LYS G 83 22.62 10.01 -15.66
C LYS G 83 22.01 8.60 -15.84
N ASP G 84 20.81 8.36 -15.29
CA ASP G 84 20.09 7.10 -15.41
C ASP G 84 19.38 6.92 -16.77
N SER G 85 19.35 7.99 -17.61
CA SER G 85 18.77 7.98 -18.96
C SER G 85 19.64 7.07 -19.79
N ALA G 86 19.06 5.93 -20.18
CA ALA G 86 19.75 4.87 -20.91
C ALA G 86 18.66 3.85 -21.31
N SER G 87 19.08 2.81 -22.00
CA SER G 87 18.25 1.67 -22.34
C SER G 87 18.67 0.56 -21.39
N TYR G 88 17.71 -0.20 -20.95
CA TYR G 88 17.90 -1.32 -20.01
C TYR G 88 17.48 -2.59 -20.70
N LEU G 89 18.45 -3.47 -20.92
CA LEU G 89 18.28 -4.74 -21.61
C LEU G 89 18.16 -5.90 -20.66
N CYS G 90 17.13 -6.69 -20.86
CA CYS G 90 16.80 -7.91 -20.16
C CYS G 90 17.20 -9.05 -21.09
N ALA G 91 17.81 -10.08 -20.53
CA ALA G 91 18.27 -11.27 -21.24
C ALA G 91 18.11 -12.48 -20.36
N SER G 92 17.70 -13.60 -20.91
CA SER G 92 17.50 -14.81 -20.10
C SER G 92 18.11 -16.02 -20.76
N ILE G 93 18.55 -16.99 -19.94
CA ILE G 93 19.16 -18.22 -20.41
C ILE G 93 18.10 -19.33 -20.44
N ASP G 94 17.95 -20.00 -21.58
CA ASP G 94 16.97 -21.08 -21.74
C ASP G 94 17.52 -22.45 -21.34
N SER G 95 16.71 -23.50 -21.45
CA SER G 95 17.08 -24.89 -21.10
C SER G 95 18.30 -25.42 -21.84
N ASN G 96 18.59 -24.87 -23.06
CA ASN G 96 19.77 -25.24 -23.83
C ASN G 96 20.91 -24.23 -23.70
N TYR G 97 20.90 -23.48 -22.56
CA TYR G 97 21.92 -22.48 -22.21
C TYR G 97 22.11 -21.38 -23.25
N GLN G 98 21.07 -21.12 -24.03
CA GLN G 98 21.13 -20.09 -25.04
C GLN G 98 20.56 -18.79 -24.48
N LEU G 99 21.32 -17.69 -24.63
CA LEU G 99 20.92 -16.38 -24.17
C LEU G 99 19.92 -15.72 -25.13
N ILE G 100 18.76 -15.34 -24.62
CA ILE G 100 17.72 -14.67 -25.39
C ILE G 100 17.65 -13.21 -24.92
N TRP G 101 17.73 -12.27 -25.84
CA TRP G 101 17.69 -10.85 -25.50
C TRP G 101 16.35 -10.19 -25.73
N GLY G 102 15.93 -9.38 -24.76
CA GLY G 102 14.77 -8.51 -24.88
C GLY G 102 15.15 -7.31 -25.74
N ALA G 103 14.14 -6.62 -26.32
CA ALA G 103 14.41 -5.48 -27.22
C ALA G 103 14.93 -4.20 -26.51
N GLY G 104 14.87 -4.19 -25.18
CA GLY G 104 15.33 -3.04 -24.42
C GLY G 104 14.24 -2.04 -24.10
N THR G 105 14.40 -1.39 -22.92
CA THR G 105 13.50 -0.36 -22.44
C THR G 105 14.28 0.89 -22.37
N LYS G 106 13.92 1.88 -23.16
CA LYS G 106 14.54 3.20 -23.13
C LYS G 106 13.97 3.97 -21.94
N LEU G 107 14.85 4.45 -21.05
CA LEU G 107 14.37 5.21 -19.91
C LEU G 107 14.64 6.70 -20.10
N ILE G 108 13.57 7.51 -20.02
CA ILE G 108 13.63 8.96 -20.14
C ILE G 108 13.38 9.58 -18.76
N ILE G 109 14.29 10.46 -18.32
CA ILE G 109 14.17 11.17 -17.03
C ILE G 109 13.75 12.61 -17.29
N LYS G 110 12.64 13.06 -16.69
CA LYS G 110 12.18 14.44 -16.78
C LYS G 110 12.89 15.22 -15.66
N PRO G 111 13.69 16.25 -15.97
CA PRO G 111 14.34 17.02 -14.88
C PRO G 111 13.33 17.86 -14.11
N ASP G 112 13.53 18.04 -12.81
CA ASP G 112 12.63 18.89 -12.02
C ASP G 112 12.99 20.39 -12.26
N ILE G 113 12.21 21.10 -13.09
CA ILE G 113 12.46 22.51 -13.42
C ILE G 113 11.84 23.43 -12.34
N GLN G 114 12.70 23.96 -11.45
CA GLN G 114 12.30 24.81 -10.33
C GLN G 114 11.71 26.17 -10.72
N ASN G 115 12.33 26.85 -11.70
CA ASN G 115 11.87 28.16 -12.14
C ASN G 115 11.66 28.20 -13.68
N PRO G 116 10.47 27.73 -14.18
CA PRO G 116 10.22 27.80 -15.62
C PRO G 116 10.10 29.24 -16.12
N ASP G 117 10.56 29.47 -17.33
CA ASP G 117 10.51 30.78 -17.98
C ASP G 117 10.40 30.52 -19.51
N PRO G 118 9.32 29.83 -19.98
CA PRO G 118 9.23 29.49 -21.41
C PRO G 118 9.35 30.66 -22.36
N ALA G 119 10.21 30.50 -23.35
CA ALA G 119 10.46 31.52 -24.36
C ALA G 119 10.91 30.89 -25.67
N VAL G 120 10.65 31.60 -26.77
CA VAL G 120 11.05 31.25 -28.12
C VAL G 120 11.92 32.40 -28.62
N TYR G 121 13.19 32.12 -28.87
CA TYR G 121 14.15 33.12 -29.34
C TYR G 121 14.60 32.87 -30.76
N GLN G 122 14.97 33.93 -31.49
CA GLN G 122 15.49 33.82 -32.84
C GLN G 122 17.00 34.07 -32.77
N LEU G 123 17.78 33.12 -33.32
CA LEU G 123 19.25 33.15 -33.33
C LEU G 123 19.79 33.36 -34.74
N ARG G 124 20.73 34.33 -34.88
CA ARG G 124 21.34 34.67 -36.15
C ARG G 124 22.71 34.00 -36.30
N ASP G 125 23.03 33.54 -37.52
CA ASP G 125 24.30 32.91 -37.86
C ASP G 125 25.48 33.86 -37.64
N SER G 126 26.63 33.30 -37.21
CA SER G 126 27.90 33.99 -36.98
C SER G 126 28.72 34.23 -38.30
N LYS G 127 28.16 33.82 -39.47
CA LYS G 127 28.78 33.96 -40.80
C LYS G 127 27.78 34.36 -41.90
N SER G 132 18.71 31.60 -40.27
CA SER G 132 18.21 31.67 -38.89
C SER G 132 17.82 30.32 -38.24
N VAL G 133 17.62 30.35 -36.90
CA VAL G 133 17.25 29.25 -36.03
C VAL G 133 16.36 29.78 -34.89
N CYS G 134 15.36 28.99 -34.48
CA CYS G 134 14.47 29.31 -33.36
C CYS G 134 14.73 28.37 -32.20
N LEU G 135 14.92 28.94 -30.99
CA LEU G 135 15.21 28.23 -29.76
C LEU G 135 14.05 28.32 -28.77
N PHE G 136 13.40 27.18 -28.51
CA PHE G 136 12.33 27.12 -27.52
C PHE G 136 13.04 26.58 -26.30
N THR G 137 13.10 27.39 -25.23
CA THR G 137 13.87 27.04 -24.05
C THR G 137 13.18 27.43 -22.76
N ASP G 138 13.69 26.87 -21.63
CA ASP G 138 13.29 27.17 -20.26
C ASP G 138 11.85 26.80 -19.91
N PHE G 139 11.27 25.89 -20.69
CA PHE G 139 9.94 25.37 -20.42
C PHE G 139 10.04 24.19 -19.43
N ASP G 140 8.93 23.93 -18.73
CA ASP G 140 8.75 22.86 -17.75
C ASP G 140 8.75 21.52 -18.48
N SER G 141 9.12 20.43 -17.78
CA SER G 141 9.23 19.08 -18.32
C SER G 141 7.93 18.42 -18.79
N GLN G 142 6.76 18.96 -18.41
CA GLN G 142 5.46 18.42 -18.83
C GLN G 142 5.20 18.73 -20.31
N THR G 143 5.76 19.85 -20.81
CA THR G 143 5.66 20.31 -22.21
C THR G 143 6.35 19.33 -23.15
N ASN G 144 5.63 18.88 -24.19
CA ASN G 144 6.15 17.98 -25.20
C ASN G 144 6.33 18.76 -26.50
N VAL G 145 7.36 18.40 -27.28
CA VAL G 145 7.68 19.05 -28.54
C VAL G 145 7.30 18.11 -29.67
N SER G 146 6.27 18.49 -30.45
CA SER G 146 5.81 17.73 -31.61
C SER G 146 6.72 18.01 -32.82
N GLN G 147 6.68 17.12 -33.82
CA GLN G 147 7.42 17.29 -35.07
C GLN G 147 6.46 18.01 -36.03
N SER G 148 6.90 19.13 -36.64
CA SER G 148 6.07 19.92 -37.56
C SER G 148 5.67 19.15 -38.82
N LYS G 149 4.40 19.32 -39.25
CA LYS G 149 3.84 18.70 -40.45
C LYS G 149 4.49 19.25 -41.75
N ASP G 150 5.11 20.45 -41.68
CA ASP G 150 5.80 21.11 -42.79
C ASP G 150 7.14 20.45 -43.11
N SER G 151 7.25 19.94 -44.36
CA SER G 151 8.39 19.23 -44.95
C SER G 151 9.73 19.96 -44.87
N ASP G 152 9.72 21.28 -45.10
CA ASP G 152 10.95 22.07 -45.09
C ASP G 152 11.24 22.76 -43.74
N VAL G 153 10.60 22.29 -42.65
CA VAL G 153 10.79 22.75 -41.27
C VAL G 153 11.33 21.58 -40.42
N TYR G 154 12.49 21.79 -39.79
CA TYR G 154 13.16 20.77 -39.00
C TYR G 154 13.09 21.13 -37.56
N ILE G 155 12.57 20.21 -36.73
CA ILE G 155 12.41 20.36 -35.28
C ILE G 155 13.03 19.18 -34.54
N THR G 156 13.86 19.47 -33.55
CA THR G 156 14.59 18.50 -32.75
C THR G 156 13.80 18.19 -31.48
N ASP G 157 13.97 16.98 -30.92
CA ASP G 157 13.30 16.61 -29.67
C ASP G 157 13.90 17.44 -28.48
N LYS G 158 13.19 17.47 -27.33
CA LYS G 158 13.64 18.13 -26.09
C LYS G 158 15.02 17.59 -25.70
N CYS G 159 15.94 18.49 -25.32
CA CYS G 159 17.29 18.15 -24.86
C CYS G 159 17.44 18.83 -23.51
N VAL G 160 18.10 18.17 -22.53
CA VAL G 160 18.32 18.75 -21.20
C VAL G 160 19.76 19.18 -21.00
N LEU G 161 19.96 20.46 -20.71
CA LEU G 161 21.27 21.01 -20.48
C LEU G 161 21.49 21.31 -19.01
N ASP G 162 22.70 21.04 -18.52
CA ASP G 162 23.06 21.26 -17.12
C ASP G 162 24.24 22.23 -16.96
N MET G 163 23.99 23.40 -16.35
CA MET G 163 25.02 24.39 -16.06
C MET G 163 25.44 24.07 -14.63
N ARG G 164 26.34 23.08 -14.51
CA ARG G 164 26.86 22.52 -13.27
C ARG G 164 27.46 23.53 -12.29
N SER G 165 27.97 24.68 -12.81
CA SER G 165 28.55 25.73 -11.97
C SER G 165 27.47 26.53 -11.23
N MET G 166 26.25 26.58 -11.77
CA MET G 166 25.11 27.32 -11.23
C MET G 166 23.98 26.40 -10.72
N ASP G 167 24.19 25.06 -10.74
CA ASP G 167 23.21 24.00 -10.36
C ASP G 167 21.88 24.28 -11.07
N PHE G 168 21.99 24.57 -12.38
CA PHE G 168 20.87 24.97 -13.20
C PHE G 168 20.64 24.00 -14.35
N LYS G 169 19.38 23.64 -14.55
CA LYS G 169 18.99 22.75 -15.63
C LYS G 169 17.92 23.42 -16.48
N SER G 170 17.99 23.23 -17.80
CA SER G 170 16.99 23.75 -18.73
C SER G 170 16.69 22.80 -19.88
N ASN G 171 15.41 22.79 -20.28
CA ASN G 171 14.89 22.04 -21.43
C ASN G 171 14.99 22.98 -22.62
N SER G 172 15.24 22.43 -23.82
CA SER G 172 15.31 23.20 -25.07
C SER G 172 15.08 22.36 -26.30
N ALA G 173 14.45 22.98 -27.29
CA ALA G 173 14.19 22.42 -28.62
C ALA G 173 14.68 23.45 -29.66
N VAL G 174 15.15 22.97 -30.82
CA VAL G 174 15.65 23.82 -31.90
C VAL G 174 14.77 23.60 -33.14
N ALA G 175 14.44 24.70 -33.84
CA ALA G 175 13.67 24.66 -35.08
C ALA G 175 14.35 25.51 -36.13
N TRP G 176 14.32 25.04 -37.39
CA TRP G 176 14.90 25.78 -38.52
C TRP G 176 14.22 25.43 -39.83
N SER G 177 14.20 26.37 -40.81
CA SER G 177 13.57 26.17 -42.12
C SER G 177 14.47 26.56 -43.26
N CYS G 184 8.85 32.22 -36.89
CA CYS G 184 9.36 32.23 -35.51
C CYS G 184 8.22 32.08 -34.48
N ALA G 185 7.17 32.90 -34.61
CA ALA G 185 5.98 32.84 -33.76
C ALA G 185 5.13 31.61 -34.17
N ASN G 186 5.42 31.01 -35.35
CA ASN G 186 4.69 29.87 -35.90
C ASN G 186 5.47 28.55 -35.84
N ALA G 187 6.79 28.60 -35.49
CA ALA G 187 7.71 27.45 -35.44
C ALA G 187 7.22 26.26 -34.62
N PHE G 188 6.74 26.51 -33.38
CA PHE G 188 6.29 25.44 -32.50
C PHE G 188 4.75 25.32 -32.41
N ASN G 189 4.04 25.84 -33.44
CA ASN G 189 2.56 25.82 -33.55
C ASN G 189 1.94 24.42 -33.63
N ASN G 190 2.71 23.39 -34.01
CA ASN G 190 2.19 22.02 -34.07
C ASN G 190 2.28 21.30 -32.70
N SER G 191 2.93 21.94 -31.70
CA SER G 191 3.06 21.41 -30.35
C SER G 191 2.30 22.29 -29.36
N ILE G 192 1.76 21.70 -28.28
CA ILE G 192 1.07 22.48 -27.24
C ILE G 192 2.16 23.13 -26.39
N ILE G 193 2.24 24.47 -26.44
CA ILE G 193 3.24 25.26 -25.72
C ILE G 193 2.62 26.06 -24.56
N PRO G 194 3.37 26.39 -23.45
CA PRO G 194 2.76 27.17 -22.34
C PRO G 194 2.13 28.51 -22.75
N GLU G 195 0.98 28.90 -22.15
CA GLU G 195 0.29 30.16 -22.48
C GLU G 195 1.11 31.40 -22.12
N ASP G 196 1.99 31.26 -21.12
CA ASP G 196 2.88 32.29 -20.62
C ASP G 196 4.22 32.40 -21.42
N THR G 197 4.35 31.64 -22.55
CA THR G 197 5.56 31.67 -23.39
C THR G 197 5.84 33.09 -23.91
N PHE G 198 7.10 33.52 -23.71
CA PHE G 198 7.61 34.81 -24.10
C PHE G 198 8.02 34.83 -25.58
N PHE G 199 7.41 35.74 -26.36
CA PHE G 199 7.71 35.93 -27.76
C PHE G 199 8.27 37.34 -27.97
N PRO G 200 9.61 37.53 -27.80
CA PRO G 200 10.18 38.88 -28.01
C PRO G 200 10.05 39.39 -29.46
N SER G 201 10.11 40.72 -29.66
CA SER G 201 10.03 41.32 -31.00
C SER G 201 11.37 41.14 -31.74
N GLY H 5 39.83 -4.10 -21.51
CA GLY H 5 39.26 -5.44 -21.61
C GLY H 5 39.14 -5.94 -23.03
N VAL H 6 38.01 -5.61 -23.68
CA VAL H 6 37.68 -6.01 -25.05
C VAL H 6 37.96 -4.84 -25.96
N THR H 7 38.85 -5.06 -26.94
CA THR H 7 39.25 -4.08 -27.94
C THR H 7 38.68 -4.49 -29.27
N GLN H 8 37.88 -3.61 -29.85
CA GLN H 8 37.20 -3.87 -31.12
C GLN H 8 37.54 -2.78 -32.14
N THR H 9 37.89 -3.18 -33.36
CA THR H 9 38.19 -2.22 -34.43
C THR H 9 37.49 -2.65 -35.72
N PRO H 10 37.06 -1.70 -36.59
CA PRO H 10 37.10 -0.23 -36.44
C PRO H 10 35.82 0.29 -35.79
N LYS H 11 35.80 1.53 -35.28
CA LYS H 11 34.56 2.05 -34.71
C LYS H 11 33.57 2.44 -35.85
N PHE H 12 34.08 2.86 -36.98
CA PHE H 12 33.28 3.33 -38.13
C PHE H 12 33.80 2.79 -39.45
N GLN H 13 32.87 2.49 -40.37
CA GLN H 13 33.25 1.97 -41.69
C GLN H 13 32.10 2.15 -42.67
N VAL H 14 32.41 2.68 -43.86
CA VAL H 14 31.49 2.79 -44.99
C VAL H 14 32.02 1.79 -46.02
N LEU H 15 31.16 0.93 -46.54
CA LEU H 15 31.53 -0.01 -47.58
C LEU H 15 30.57 0.12 -48.74
N LYS H 16 31.03 -0.31 -49.92
CA LYS H 16 30.24 -0.40 -51.14
C LYS H 16 29.75 -1.85 -51.17
N THR H 17 28.55 -2.10 -51.73
CA THR H 17 28.04 -3.47 -51.89
C THR H 17 29.10 -4.33 -52.64
N GLY H 18 29.42 -5.50 -52.09
CA GLY H 18 30.39 -6.42 -52.69
C GLY H 18 31.76 -6.43 -52.05
N GLN H 19 32.15 -5.32 -51.37
CA GLN H 19 33.43 -5.16 -50.65
C GLN H 19 33.57 -6.15 -49.48
N SER H 20 34.81 -6.52 -49.18
CA SER H 20 35.14 -7.38 -48.05
C SER H 20 35.47 -6.49 -46.84
N MET H 21 35.27 -7.02 -45.64
CA MET H 21 35.52 -6.30 -44.40
C MET H 21 35.85 -7.29 -43.31
N THR H 22 36.83 -6.97 -42.49
CA THR H 22 37.14 -7.74 -41.31
C THR H 22 37.03 -6.84 -40.11
N LEU H 23 36.28 -7.31 -39.11
CA LEU H 23 36.12 -6.64 -37.84
C LEU H 23 37.03 -7.39 -36.87
N GLN H 24 37.86 -6.65 -36.16
CA GLN H 24 38.81 -7.26 -35.25
C GLN H 24 38.33 -7.14 -33.85
N CYS H 25 38.60 -8.18 -33.06
CA CYS H 25 38.27 -8.19 -31.66
C CYS H 25 39.30 -8.96 -30.90
N ALA H 26 39.73 -8.39 -29.76
CA ALA H 26 40.75 -8.95 -28.88
C ALA H 26 40.42 -8.69 -27.43
N GLN H 27 40.71 -9.66 -26.58
CA GLN H 27 40.55 -9.50 -25.13
C GLN H 27 41.81 -10.00 -24.40
N ASP H 28 42.24 -9.27 -23.38
CA ASP H 28 43.41 -9.67 -22.60
C ASP H 28 42.98 -10.09 -21.19
N MET H 29 41.78 -10.66 -21.06
CA MET H 29 41.24 -11.08 -19.77
C MET H 29 41.31 -12.60 -19.54
N ASN H 30 41.95 -13.31 -20.47
CA ASN H 30 42.09 -14.77 -20.49
C ASN H 30 40.74 -15.50 -20.54
N HIS H 31 39.75 -14.90 -21.22
CA HIS H 31 38.42 -15.47 -21.33
C HIS H 31 38.42 -16.61 -22.33
N ASN H 32 37.57 -17.65 -22.10
CA ASN H 32 37.49 -18.74 -23.06
C ASN H 32 36.54 -18.46 -24.21
N SER H 33 35.40 -17.82 -23.90
CA SER H 33 34.27 -17.56 -24.78
C SER H 33 34.22 -16.16 -25.38
N MET H 34 33.97 -16.11 -26.69
CA MET H 34 33.89 -14.87 -27.45
C MET H 34 32.67 -14.92 -28.34
N TYR H 35 32.07 -13.75 -28.57
CA TYR H 35 30.81 -13.61 -29.30
C TYR H 35 30.82 -12.38 -30.18
N TRP H 36 30.05 -12.45 -31.28
CA TRP H 36 29.79 -11.34 -32.22
C TRP H 36 28.29 -11.18 -32.30
N TYR H 37 27.83 -9.99 -31.96
CA TYR H 37 26.42 -9.63 -32.01
C TYR H 37 26.22 -8.48 -32.98
N ARG H 38 25.00 -8.30 -33.42
CA ARG H 38 24.58 -7.13 -34.17
C ARG H 38 23.35 -6.54 -33.47
N GLN H 39 23.31 -5.21 -33.44
CA GLN H 39 22.24 -4.49 -32.81
C GLN H 39 21.52 -3.62 -33.85
N ASP H 40 20.21 -3.82 -33.96
CA ASP H 40 19.37 -3.09 -34.89
C ASP H 40 18.21 -2.50 -34.15
N PRO H 41 17.69 -1.33 -34.60
CA PRO H 41 16.53 -0.71 -33.92
C PRO H 41 15.28 -1.61 -33.88
N GLY H 42 14.63 -1.61 -32.71
CA GLY H 42 13.39 -2.34 -32.46
C GLY H 42 13.57 -3.79 -32.08
N MET H 43 14.81 -4.23 -31.98
CA MET H 43 15.02 -5.61 -31.63
C MET H 43 16.18 -5.79 -30.68
N GLY H 44 16.20 -6.94 -30.04
CA GLY H 44 17.26 -7.33 -29.14
C GLY H 44 18.50 -7.72 -29.90
N LEU H 45 19.64 -7.67 -29.22
CA LEU H 45 20.90 -8.06 -29.82
C LEU H 45 20.71 -9.45 -30.44
N ARG H 46 21.30 -9.67 -31.61
CA ARG H 46 21.22 -10.99 -32.25
C ARG H 46 22.61 -11.47 -32.47
N LEU H 47 22.83 -12.71 -32.07
CA LEU H 47 24.13 -13.37 -32.19
C LEU H 47 24.36 -13.82 -33.63
N ILE H 48 25.50 -13.41 -34.17
CA ILE H 48 25.90 -13.77 -35.52
C ILE H 48 26.64 -15.13 -35.42
N TYR H 49 27.74 -15.14 -34.64
CA TYR H 49 28.60 -16.28 -34.40
C TYR H 49 29.17 -16.15 -33.00
N TYR H 50 29.63 -17.29 -32.46
CA TYR H 50 30.27 -17.37 -31.16
C TYR H 50 31.33 -18.43 -31.20
N SER H 51 32.19 -18.42 -30.17
CA SER H 51 33.31 -19.33 -29.97
C SER H 51 33.32 -19.70 -28.48
N ALA H 52 32.88 -20.92 -28.13
CA ALA H 52 32.80 -21.38 -26.72
C ALA H 52 34.14 -21.44 -26.02
N SER H 53 35.17 -21.81 -26.76
CA SER H 53 36.54 -21.88 -26.29
C SER H 53 37.42 -21.79 -27.53
N GLU H 54 38.75 -21.65 -27.33
CA GLU H 54 39.77 -21.64 -28.40
C GLU H 54 39.62 -23.00 -29.15
N GLY H 55 39.76 -22.99 -30.47
CA GLY H 55 39.63 -24.23 -31.25
C GLY H 55 38.23 -24.62 -31.70
N THR H 56 37.21 -23.79 -31.36
CA THR H 56 35.83 -24.00 -31.79
C THR H 56 35.08 -22.70 -32.06
N THR H 57 34.21 -22.71 -33.09
CA THR H 57 33.29 -21.63 -33.46
C THR H 57 31.98 -22.25 -33.97
N ASP H 58 30.87 -21.51 -33.83
CA ASP H 58 29.58 -21.93 -34.35
C ASP H 58 28.68 -20.77 -34.63
N LYS H 59 27.76 -20.99 -35.56
CA LYS H 59 26.74 -20.04 -35.97
C LYS H 59 25.82 -19.65 -34.82
N GLY H 60 25.38 -18.39 -34.89
CA GLY H 60 24.40 -17.83 -33.97
C GLY H 60 23.05 -17.87 -34.67
N GLU H 61 22.19 -16.88 -34.36
CA GLU H 61 20.83 -16.75 -34.91
C GLU H 61 20.88 -16.19 -36.35
N VAL H 62 21.83 -15.27 -36.64
CA VAL H 62 21.96 -14.61 -37.95
C VAL H 62 23.33 -14.80 -38.64
N PRO H 63 23.74 -16.05 -38.98
CA PRO H 63 25.08 -16.24 -39.58
C PRO H 63 25.27 -15.88 -41.06
N ASN H 64 24.19 -15.87 -41.85
CA ASN H 64 24.25 -15.63 -43.30
C ASN H 64 24.95 -14.33 -43.71
N GLY H 65 25.98 -14.46 -44.57
CA GLY H 65 26.80 -13.35 -45.06
C GLY H 65 28.03 -13.03 -44.22
N TYR H 66 28.27 -13.80 -43.16
CA TYR H 66 29.41 -13.62 -42.28
C TYR H 66 30.15 -14.93 -42.09
N ASN H 67 31.40 -14.83 -41.66
CA ASN H 67 32.23 -15.95 -41.25
C ASN H 67 33.16 -15.44 -40.14
N VAL H 68 33.71 -16.35 -39.33
CA VAL H 68 34.54 -15.99 -38.20
C VAL H 68 35.82 -16.82 -38.11
N SER H 69 36.79 -16.29 -37.37
CA SER H 69 38.01 -16.96 -37.05
C SER H 69 38.39 -16.66 -35.60
N ARG H 70 38.50 -17.73 -34.81
CA ARG H 70 39.01 -17.71 -33.45
C ARG H 70 40.49 -18.02 -33.69
N LEU H 71 41.26 -16.98 -33.98
CA LEU H 71 42.68 -17.07 -34.34
C LEU H 71 43.57 -17.64 -33.24
N ASN H 72 43.23 -17.35 -31.99
CA ASN H 72 43.95 -17.80 -30.78
C ASN H 72 42.99 -17.54 -29.60
N LYS H 73 43.43 -17.73 -28.34
CA LYS H 73 42.61 -17.48 -27.15
C LYS H 73 42.10 -16.02 -27.07
N ARG H 74 42.92 -15.06 -27.51
CA ARG H 74 42.62 -13.62 -27.44
C ARG H 74 41.75 -13.06 -28.55
N GLU H 75 41.88 -13.57 -29.79
CA GLU H 75 41.23 -12.95 -30.93
C GLU H 75 40.11 -13.73 -31.59
N PHE H 76 39.07 -12.98 -31.98
CA PHE H 76 37.88 -13.48 -32.65
C PHE H 76 37.45 -12.46 -33.71
N SER H 77 37.82 -12.73 -34.96
CA SER H 77 37.54 -11.83 -36.08
C SER H 77 36.23 -12.18 -36.75
N LEU H 78 35.56 -11.14 -37.32
CA LEU H 78 34.29 -11.30 -38.05
C LEU H 78 34.53 -10.78 -39.43
N ARG H 79 34.25 -11.61 -40.41
CA ARG H 79 34.47 -11.29 -41.79
C ARG H 79 33.13 -11.18 -42.52
N LEU H 80 32.99 -10.16 -43.37
CA LEU H 80 31.88 -9.93 -44.30
C LEU H 80 32.59 -10.06 -45.65
N GLU H 81 32.44 -11.19 -46.35
CA GLU H 81 33.17 -11.39 -47.61
C GLU H 81 32.65 -10.52 -48.76
N SER H 82 31.32 -10.38 -48.86
CA SER H 82 30.65 -9.57 -49.87
C SER H 82 29.57 -8.81 -49.15
N ALA H 83 29.89 -7.58 -48.73
CA ALA H 83 28.97 -6.74 -47.99
C ALA H 83 27.69 -6.45 -48.76
N ALA H 84 26.56 -6.49 -48.06
CA ALA H 84 25.19 -6.26 -48.56
C ALA H 84 24.54 -5.14 -47.73
N PRO H 85 23.69 -4.26 -48.31
CA PRO H 85 23.08 -3.17 -47.51
C PRO H 85 22.37 -3.56 -46.20
N SER H 86 21.84 -4.82 -46.11
CA SER H 86 21.19 -5.34 -44.90
C SER H 86 22.19 -5.49 -43.73
N GLN H 87 23.50 -5.52 -44.06
CA GLN H 87 24.57 -5.65 -43.06
C GLN H 87 24.90 -4.31 -42.36
N THR H 88 24.28 -3.19 -42.82
CA THR H 88 24.39 -1.90 -42.16
C THR H 88 23.87 -2.10 -40.74
N SER H 89 24.72 -1.89 -39.74
CA SER H 89 24.33 -2.14 -38.35
C SER H 89 25.42 -1.71 -37.38
N VAL H 90 25.16 -1.94 -36.08
CA VAL H 90 26.13 -1.74 -35.02
C VAL H 90 26.52 -3.15 -34.56
N TYR H 91 27.82 -3.45 -34.62
CA TYR H 91 28.37 -4.74 -34.28
C TYR H 91 29.11 -4.65 -32.98
N PHE H 92 28.80 -5.57 -32.05
CA PHE H 92 29.48 -5.66 -30.76
C PHE H 92 30.11 -7.01 -30.63
N CYS H 93 31.36 -6.99 -30.24
CA CYS H 93 32.11 -8.17 -29.88
C CYS H 93 31.98 -8.25 -28.36
N ALA H 94 31.93 -9.47 -27.84
CA ALA H 94 31.85 -9.65 -26.40
C ALA H 94 32.63 -10.88 -25.96
N SER H 95 32.93 -10.95 -24.67
CA SER H 95 33.63 -12.09 -24.11
C SER H 95 33.16 -12.39 -22.71
N SER H 96 33.18 -13.67 -22.36
CA SER H 96 32.86 -14.17 -21.03
C SER H 96 33.89 -15.25 -20.67
N GLU H 97 34.12 -15.42 -19.38
CA GLU H 97 35.07 -16.37 -18.81
C GLU H 97 34.85 -17.78 -19.38
N THR H 98 33.58 -18.24 -19.36
CA THR H 98 33.17 -19.53 -19.89
C THR H 98 31.75 -19.49 -20.48
N ASP H 99 31.27 -20.65 -20.96
CA ASP H 99 29.96 -20.87 -21.57
C ASP H 99 29.30 -22.15 -20.98
N PRO H 100 28.06 -22.12 -20.40
CA PRO H 100 27.18 -20.94 -20.18
C PRO H 100 27.75 -19.94 -19.17
N ASN H 101 27.56 -18.68 -19.50
CA ASN H 101 28.00 -17.54 -18.70
C ASN H 101 26.89 -17.16 -17.70
N THR H 102 27.25 -17.08 -16.40
CA THR H 102 26.39 -16.63 -15.28
C THR H 102 26.94 -15.32 -14.71
N GLY H 103 28.11 -14.90 -15.24
CA GLY H 103 28.81 -13.69 -14.86
C GLY H 103 28.68 -12.59 -15.89
N GLU H 104 29.56 -11.61 -15.78
CA GLU H 104 29.59 -10.47 -16.67
C GLU H 104 30.02 -10.83 -18.09
N LEU H 105 29.24 -10.34 -19.05
CA LEU H 105 29.56 -10.41 -20.47
C LEU H 105 30.25 -9.05 -20.70
N PHE H 106 31.48 -9.06 -21.25
CA PHE H 106 32.25 -7.85 -21.46
C PHE H 106 32.16 -7.45 -22.92
N PHE H 107 31.64 -6.26 -23.21
CA PHE H 107 31.45 -5.80 -24.58
C PHE H 107 32.53 -4.86 -25.07
N GLY H 108 32.83 -4.95 -26.36
CA GLY H 108 33.72 -4.03 -27.06
C GLY H 108 32.96 -2.72 -27.26
N GLU H 109 33.66 -1.68 -27.70
CA GLU H 109 33.08 -0.36 -27.87
C GLU H 109 32.03 -0.23 -28.99
N GLY H 110 31.97 -1.19 -29.92
CA GLY H 110 31.02 -1.17 -31.02
C GLY H 110 31.64 -0.72 -32.32
N SER H 111 31.13 -1.22 -33.45
CA SER H 111 31.61 -0.90 -34.80
C SER H 111 30.40 -0.54 -35.60
N ARG H 112 30.33 0.72 -36.05
CA ARG H 112 29.23 1.21 -36.86
C ARG H 112 29.55 1.06 -38.32
N LEU H 113 28.86 0.11 -38.97
CA LEU H 113 29.05 -0.23 -40.38
C LEU H 113 27.94 0.23 -41.29
N THR H 114 28.30 0.96 -42.37
CA THR H 114 27.33 1.39 -43.37
C THR H 114 27.67 0.78 -44.73
N VAL H 115 26.74 0.00 -45.30
CA VAL H 115 26.93 -0.62 -46.62
C VAL H 115 25.99 0.09 -47.60
N LEU H 116 26.57 0.66 -48.67
CA LEU H 116 25.83 1.43 -49.69
C LEU H 116 26.03 0.89 -51.09
N GLU H 117 25.02 1.05 -51.96
CA GLU H 117 25.12 0.61 -53.36
C GLU H 117 26.13 1.49 -54.09
N ASP H 118 26.12 2.80 -53.76
CA ASP H 118 27.06 3.80 -54.28
C ASP H 118 27.54 4.77 -53.23
N LEU H 119 28.84 5.06 -53.22
CA LEU H 119 29.47 5.98 -52.28
C LEU H 119 29.22 7.47 -52.67
N LYS H 120 28.45 7.70 -53.75
CA LYS H 120 28.10 9.03 -54.29
C LYS H 120 27.12 9.76 -53.37
N ASN H 121 26.44 9.01 -52.51
CA ASN H 121 25.50 9.52 -51.53
C ASN H 121 26.20 9.95 -50.23
N VAL H 122 27.53 9.69 -50.08
CA VAL H 122 28.30 10.07 -48.87
C VAL H 122 28.66 11.57 -48.94
N PHE H 123 28.28 12.33 -47.90
CA PHE H 123 28.50 13.77 -47.81
C PHE H 123 28.97 14.14 -46.43
N PRO H 124 29.95 15.09 -46.32
CA PRO H 124 30.38 15.53 -44.97
C PRO H 124 29.38 16.58 -44.45
N PRO H 125 29.40 16.95 -43.15
CA PRO H 125 28.44 17.98 -42.71
C PRO H 125 28.83 19.41 -43.05
N GLU H 126 27.84 20.26 -43.11
CA GLU H 126 28.00 21.71 -43.23
C GLU H 126 27.78 22.10 -41.75
N VAL H 127 28.65 22.93 -41.19
CA VAL H 127 28.54 23.29 -39.77
C VAL H 127 28.36 24.80 -39.60
N ALA H 128 27.40 25.22 -38.75
CA ALA H 128 27.15 26.64 -38.49
C ALA H 128 26.78 26.93 -37.03
N VAL H 129 27.30 28.03 -36.49
CA VAL H 129 27.05 28.51 -35.13
C VAL H 129 26.10 29.71 -35.18
N PHE H 130 25.02 29.62 -34.40
CA PHE H 130 24.02 30.67 -34.30
C PHE H 130 24.23 31.41 -33.00
N GLU H 131 24.60 32.70 -33.11
CA GLU H 131 24.91 33.53 -31.94
C GLU H 131 23.69 33.78 -31.05
N PRO H 132 23.90 33.88 -29.71
CA PRO H 132 22.75 34.10 -28.81
C PRO H 132 21.91 35.32 -29.11
N SER H 133 20.61 35.17 -28.86
CA SER H 133 19.58 36.19 -29.01
C SER H 133 19.80 37.25 -27.92
N GLU H 134 19.77 38.55 -28.31
CA GLU H 134 19.90 39.68 -27.38
C GLU H 134 18.72 39.69 -26.40
N ALA H 135 17.52 39.26 -26.86
CA ALA H 135 16.34 39.15 -26.00
C ALA H 135 16.55 38.12 -24.88
N GLU H 136 17.21 36.96 -25.17
CA GLU H 136 17.53 35.92 -24.17
C GLU H 136 18.45 36.47 -23.09
N ILE H 137 19.54 37.15 -23.51
CA ILE H 137 20.54 37.75 -22.63
C ILE H 137 19.91 38.75 -21.67
N SER H 138 19.01 39.60 -22.18
CA SER H 138 18.31 40.64 -21.45
C SER H 138 17.26 40.05 -20.47
N HIS H 139 16.57 38.99 -20.88
CA HIS H 139 15.53 38.31 -20.11
C HIS H 139 16.06 37.34 -19.06
N THR H 140 17.13 36.59 -19.36
CA THR H 140 17.62 35.56 -18.42
C THR H 140 19.04 35.71 -17.87
N GLN H 141 19.85 36.62 -18.45
CA GLN H 141 21.28 36.84 -18.10
C GLN H 141 22.16 35.61 -18.46
N LYS H 142 21.65 34.79 -19.42
CA LYS H 142 22.26 33.57 -19.97
C LYS H 142 22.26 33.72 -21.48
N ALA H 143 23.19 33.02 -22.15
CA ALA H 143 23.35 33.11 -23.59
C ALA H 143 23.51 31.72 -24.17
N THR H 144 22.66 31.35 -25.15
CA THR H 144 22.72 30.05 -25.79
C THR H 144 23.25 30.15 -27.23
N LEU H 145 24.29 29.38 -27.52
CA LEU H 145 24.88 29.25 -28.85
C LEU H 145 24.32 27.95 -29.40
N VAL H 146 23.92 27.96 -30.67
CA VAL H 146 23.35 26.76 -31.29
C VAL H 146 24.23 26.35 -32.44
N CYS H 147 24.62 25.08 -32.44
CA CYS H 147 25.41 24.55 -33.51
C CYS H 147 24.59 23.62 -34.33
N LEU H 148 24.63 23.79 -35.65
CA LEU H 148 23.91 22.92 -36.58
C LEU H 148 24.89 22.25 -37.53
N ALA H 149 24.87 20.91 -37.61
CA ALA H 149 25.65 20.11 -38.56
C ALA H 149 24.58 19.54 -39.49
N THR H 150 24.57 19.96 -40.76
CA THR H 150 23.52 19.57 -41.71
C THR H 150 24.08 18.89 -42.96
N GLY H 151 23.20 18.25 -43.72
CA GLY H 151 23.50 17.57 -44.97
C GLY H 151 24.47 16.41 -44.92
N PHE H 152 24.62 15.72 -43.80
CA PHE H 152 25.58 14.61 -43.78
C PHE H 152 24.96 13.26 -44.01
N TYR H 153 25.77 12.35 -44.54
CA TYR H 153 25.45 10.97 -44.84
C TYR H 153 26.76 10.15 -44.85
N PRO H 154 26.87 9.02 -44.10
CA PRO H 154 25.87 8.44 -43.19
C PRO H 154 25.79 9.23 -41.87
N ASP H 155 24.95 8.80 -40.94
CA ASP H 155 24.78 9.51 -39.67
C ASP H 155 25.94 9.40 -38.64
N HIS H 156 27.16 9.06 -39.09
CA HIS H 156 28.36 8.92 -38.26
C HIS H 156 29.06 10.27 -37.88
N VAL H 157 28.55 11.01 -36.88
CA VAL H 157 29.18 12.27 -36.41
C VAL H 157 29.36 12.30 -34.91
N GLU H 158 30.33 13.10 -34.43
CA GLU H 158 30.61 13.33 -33.02
C GLU H 158 30.82 14.83 -32.88
N LEU H 159 29.89 15.48 -32.22
CA LEU H 159 29.92 16.91 -32.02
C LEU H 159 30.56 17.27 -30.66
N SER H 160 31.43 18.29 -30.67
CA SER H 160 32.08 18.82 -29.45
C SER H 160 32.20 20.34 -29.49
N TRP H 161 32.12 20.96 -28.31
CA TRP H 161 32.29 22.40 -28.10
C TRP H 161 33.66 22.69 -27.49
N TRP H 162 34.31 23.75 -27.98
CA TRP H 162 35.63 24.20 -27.54
C TRP H 162 35.59 25.67 -27.20
N VAL H 163 35.94 26.00 -25.96
CA VAL H 163 35.97 27.38 -25.51
C VAL H 163 37.40 27.71 -25.15
N ASN H 164 37.97 28.69 -25.89
CA ASN H 164 39.34 29.16 -25.70
C ASN H 164 40.36 28.02 -25.83
N GLY H 165 40.14 27.17 -26.83
CA GLY H 165 41.00 26.02 -27.14
C GLY H 165 40.87 24.83 -26.23
N LYS H 166 39.91 24.85 -25.31
CA LYS H 166 39.68 23.75 -24.37
C LYS H 166 38.27 23.21 -24.54
N GLU H 167 38.14 21.87 -24.68
CA GLU H 167 36.85 21.19 -24.85
C GLU H 167 36.00 21.37 -23.58
N VAL H 168 34.72 21.71 -23.76
CA VAL H 168 33.79 21.93 -22.63
C VAL H 168 32.66 20.92 -22.63
N HIS H 169 32.13 20.60 -21.43
CA HIS H 169 31.03 19.64 -21.28
C HIS H 169 29.88 20.23 -20.48
N SER H 170 30.21 21.16 -19.58
CA SER H 170 29.25 21.85 -18.76
C SER H 170 28.42 22.82 -19.61
N GLY H 171 27.10 22.73 -19.47
CA GLY H 171 26.17 23.59 -20.18
C GLY H 171 25.95 23.21 -21.63
N VAL H 172 26.30 21.97 -22.01
CA VAL H 172 26.16 21.46 -23.37
C VAL H 172 25.01 20.46 -23.50
N CYS H 173 24.25 20.54 -24.59
CA CYS H 173 23.24 19.56 -24.95
C CYS H 173 23.30 19.28 -26.39
N THR H 174 23.67 18.04 -26.73
CA THR H 174 23.71 17.56 -28.10
C THR H 174 22.59 16.54 -28.26
N ASP H 175 21.85 16.62 -29.36
CA ASP H 175 20.80 15.67 -29.69
C ASP H 175 21.40 14.27 -29.74
N PRO H 176 20.75 13.28 -29.10
CA PRO H 176 21.35 11.93 -29.10
C PRO H 176 21.36 11.29 -30.48
N GLN H 177 20.36 11.59 -31.29
CA GLN H 177 20.25 11.07 -32.63
C GLN H 177 20.06 12.19 -33.64
N PRO H 178 20.57 12.01 -34.89
CA PRO H 178 20.34 13.05 -35.92
C PRO H 178 18.96 12.89 -36.54
N LEU H 179 18.37 13.98 -37.05
CA LEU H 179 17.11 13.84 -37.74
C LEU H 179 17.32 13.74 -39.25
N LYS H 180 16.48 12.94 -39.94
CA LYS H 180 16.48 12.74 -41.38
C LYS H 180 15.97 14.02 -42.04
N GLU H 181 16.75 14.55 -43.01
CA GLU H 181 16.36 15.77 -43.73
C GLU H 181 15.25 15.53 -44.74
N GLN H 182 15.22 14.34 -45.39
CA GLN H 182 14.13 13.97 -46.31
C GLN H 182 13.48 12.68 -45.70
N PRO H 183 12.59 12.77 -44.68
CA PRO H 183 12.04 11.56 -44.03
C PRO H 183 11.50 10.41 -44.88
N ALA H 184 10.87 10.73 -46.03
CA ALA H 184 10.26 9.76 -46.94
C ALA H 184 11.30 8.96 -47.73
N LEU H 185 12.47 9.59 -48.01
CA LEU H 185 13.53 8.95 -48.78
C LEU H 185 14.33 7.97 -47.95
N ASN H 186 14.74 6.85 -48.59
CA ASN H 186 15.52 5.77 -47.98
C ASN H 186 16.96 6.21 -47.70
N ASP H 187 17.46 7.10 -48.54
CA ASP H 187 18.82 7.62 -48.47
C ASP H 187 18.94 9.05 -47.93
N SER H 188 17.92 9.54 -47.24
CA SER H 188 17.92 10.89 -46.63
C SER H 188 19.25 11.27 -45.96
N ARG H 189 19.63 12.55 -46.06
CA ARG H 189 20.80 13.07 -45.38
C ARG H 189 20.35 13.49 -43.97
N TYR H 190 21.29 13.74 -43.08
CA TYR H 190 20.97 13.99 -41.69
C TYR H 190 21.34 15.37 -41.19
N ALA H 191 20.73 15.77 -40.05
CA ALA H 191 21.04 17.02 -39.39
C ALA H 191 21.10 16.81 -37.86
N LEU H 192 22.01 17.52 -37.18
CA LEU H 192 22.21 17.39 -35.72
C LEU H 192 22.37 18.77 -35.11
N SER H 193 21.82 18.94 -33.91
CA SER H 193 21.93 20.20 -33.21
C SER H 193 22.54 20.03 -31.85
N SER H 194 23.16 21.09 -31.40
CA SER H 194 23.77 21.16 -30.09
C SER H 194 23.61 22.57 -29.57
N ARG H 195 23.51 22.71 -28.25
CA ARG H 195 23.41 24.01 -27.59
C ARG H 195 24.53 24.08 -26.56
N LEU H 196 25.06 25.28 -26.33
CA LEU H 196 26.04 25.58 -25.30
C LEU H 196 25.54 26.83 -24.63
N ARG H 197 25.19 26.71 -23.36
CA ARG H 197 24.71 27.84 -22.58
C ARG H 197 25.78 28.34 -21.66
N VAL H 198 26.08 29.63 -21.78
CA VAL H 198 27.07 30.34 -20.98
C VAL H 198 26.35 31.51 -20.34
N SER H 199 26.96 32.14 -19.30
CA SER H 199 26.37 33.33 -18.69
C SER H 199 26.53 34.52 -19.67
N ALA H 200 25.66 35.54 -19.56
CA ALA H 200 25.75 36.74 -20.40
C ALA H 200 27.11 37.46 -20.22
N THR H 201 27.66 37.45 -18.98
CA THR H 201 28.97 38.06 -18.66
C THR H 201 30.08 37.40 -19.49
N PHE H 202 30.01 36.06 -19.60
CA PHE H 202 30.96 35.24 -20.34
C PHE H 202 30.81 35.47 -21.84
N TRP H 203 29.57 35.55 -22.35
CA TRP H 203 29.34 35.82 -23.76
C TRP H 203 29.79 37.23 -24.15
N GLN H 204 29.62 38.22 -23.24
CA GLN H 204 29.97 39.61 -23.51
C GLN H 204 31.46 39.97 -23.45
N ASN H 205 32.31 38.99 -23.10
CA ASN H 205 33.77 39.19 -23.06
C ASN H 205 34.24 38.99 -24.52
N PRO H 206 34.76 40.05 -25.20
CA PRO H 206 35.14 39.89 -26.61
C PRO H 206 36.37 39.02 -26.86
N ARG H 207 37.15 38.70 -25.80
CA ARG H 207 38.36 37.88 -25.87
C ARG H 207 38.05 36.38 -25.89
N ASN H 208 36.79 36.00 -25.54
CA ASN H 208 36.34 34.62 -25.52
C ASN H 208 36.03 34.10 -26.93
N HIS H 209 36.57 32.92 -27.25
CA HIS H 209 36.40 32.28 -28.55
C HIS H 209 35.65 30.94 -28.38
N PHE H 210 34.57 30.75 -29.16
CA PHE H 210 33.72 29.55 -29.11
C PHE H 210 33.80 28.75 -30.39
N ARG H 211 33.94 27.43 -30.28
CA ARG H 211 34.02 26.62 -31.48
C ARG H 211 33.24 25.33 -31.35
N CYS H 212 32.45 25.05 -32.38
CA CYS H 212 31.71 23.82 -32.48
C CYS H 212 32.47 22.98 -33.50
N GLN H 213 32.88 21.78 -33.08
CA GLN H 213 33.63 20.84 -33.90
C GLN H 213 32.81 19.57 -34.14
N VAL H 214 32.72 19.20 -35.41
CA VAL H 214 31.99 18.01 -35.78
C VAL H 214 32.95 17.05 -36.46
N GLN H 215 33.16 15.89 -35.84
CA GLN H 215 34.00 14.86 -36.40
C GLN H 215 33.08 13.97 -37.29
N PHE H 216 33.47 13.74 -38.54
CA PHE H 216 32.73 12.98 -39.51
C PHE H 216 33.53 11.80 -39.95
N TYR H 217 32.86 10.67 -40.09
CA TYR H 217 33.47 9.44 -40.52
C TYR H 217 32.81 9.05 -41.80
N GLY H 218 33.60 9.05 -42.86
CA GLY H 218 33.13 8.72 -44.21
C GLY H 218 34.10 7.82 -44.93
N LEU H 219 34.49 8.24 -46.15
CA LEU H 219 35.40 7.50 -47.00
C LEU H 219 36.86 7.58 -46.52
N SER H 220 37.69 6.65 -46.98
CA SER H 220 39.09 6.57 -46.58
C SER H 220 40.00 6.76 -47.80
N GLU H 221 41.34 6.84 -47.59
CA GLU H 221 42.36 6.99 -48.63
C GLU H 221 42.23 5.95 -49.75
N ASN H 222 41.97 4.67 -49.40
CA ASN H 222 41.84 3.59 -50.38
C ASN H 222 40.56 3.63 -51.26
N ASP H 223 39.50 4.35 -50.85
CA ASP H 223 38.27 4.45 -51.62
C ASP H 223 38.45 5.26 -52.92
N GLU H 224 38.00 4.70 -54.04
CA GLU H 224 38.08 5.35 -55.36
C GLU H 224 37.04 6.46 -55.47
N TRP H 225 37.48 7.68 -55.79
CA TRP H 225 36.59 8.84 -55.94
C TRP H 225 36.66 9.40 -57.36
N THR H 226 35.49 9.60 -58.01
CA THR H 226 35.39 10.07 -59.39
C THR H 226 34.48 11.29 -59.58
N GLN H 227 33.83 11.79 -58.50
CA GLN H 227 32.93 12.95 -58.62
C GLN H 227 33.66 14.28 -58.70
N ASP H 228 32.97 15.35 -59.15
CA ASP H 228 33.54 16.71 -59.28
C ASP H 228 33.81 17.30 -57.90
N ARG H 229 32.89 17.05 -56.94
CA ARG H 229 33.04 17.55 -55.57
C ARG H 229 34.15 16.79 -54.82
N ALA H 230 34.65 17.39 -53.72
CA ALA H 230 35.73 16.83 -52.93
C ALA H 230 35.36 15.48 -52.31
N LYS H 231 36.34 14.58 -52.26
CA LYS H 231 36.19 13.25 -51.67
C LYS H 231 35.71 13.39 -50.20
N PRO H 232 34.53 12.81 -49.84
CA PRO H 232 34.00 12.97 -48.47
C PRO H 232 34.65 12.04 -47.45
N VAL H 233 35.95 12.28 -47.20
CA VAL H 233 36.78 11.53 -46.26
C VAL H 233 36.39 11.87 -44.87
N THR H 234 36.92 11.06 -43.93
CA THR H 234 36.83 11.24 -42.49
C THR H 234 37.46 12.60 -42.26
N GLN H 235 36.70 13.51 -41.68
CA GLN H 235 37.18 14.87 -41.49
C GLN H 235 36.53 15.56 -40.31
N ILE H 236 37.12 16.69 -39.93
CA ILE H 236 36.64 17.57 -38.88
C ILE H 236 36.15 18.84 -39.57
N VAL H 237 34.86 19.20 -39.36
CA VAL H 237 34.22 20.43 -39.89
C VAL H 237 33.81 21.29 -38.67
N SER H 238 34.39 22.50 -38.56
CA SER H 238 34.10 23.41 -37.45
C SER H 238 33.42 24.70 -37.92
N ALA H 239 32.89 25.44 -36.94
CA ALA H 239 32.33 26.79 -37.06
C ALA H 239 32.67 27.48 -35.74
N GLU H 240 33.14 28.71 -35.83
CA GLU H 240 33.53 29.45 -34.64
C GLU H 240 32.75 30.76 -34.52
N ALA H 241 32.72 31.31 -33.30
CA ALA H 241 32.07 32.57 -32.96
C ALA H 241 32.80 33.21 -31.79
N TRP H 242 32.87 34.54 -31.82
CA TRP H 242 33.54 35.30 -30.78
C TRP H 242 32.49 36.03 -30.00
N GLY H 243 32.81 36.34 -28.74
CA GLY H 243 31.92 37.03 -27.82
C GLY H 243 31.60 38.47 -28.15
N ARG H 244 30.35 38.88 -27.84
CA ARG H 244 29.77 40.21 -28.03
C ARG H 244 29.87 40.73 -29.47
C4 30W I . 26.69 -31.44 -18.02
C6 30W I . 25.31 -32.69 -21.12
C11 30W I . 24.99 -27.14 -14.55
C7 30W I . 24.14 -31.96 -21.18
C9 30W I . 25.74 -33.63 -22.20
C10 30W I . 25.63 -28.22 -15.38
N1 30W I . 24.33 -29.91 -18.27
N2 30W I . 24.81 -28.74 -16.36
N3 30W I . 26.31 -30.52 -17.09
O10 30W I . 26.78 -28.56 -15.20
C2 30W I . 25.18 -29.74 -17.16
C8A 30W I . 24.61 -30.86 -19.24
N8 30W I . 23.77 -31.06 -20.27
N5 30W I . 26.15 -32.53 -20.09
C4A 30W I . 25.81 -31.63 -19.15
O4 30W I . 27.75 -32.05 -17.91
C4 30W J . -22.09 11.07 8.75
C6 30W J . -20.05 8.55 10.41
C11 30W J . -22.05 16.86 9.43
C7 30W J . -19.18 9.36 11.12
C9 30W J . -19.99 7.06 10.50
C10 30W J . -22.28 15.41 9.17
N1 30W J . -20.31 12.63 10.32
N2 30W J . -21.28 14.58 9.64
N3 30W J . -22.10 12.46 8.73
O10 30W J . -23.29 15.00 8.63
C2 30W J . -21.27 13.25 9.48
C8A 30W J . -20.20 11.26 10.35
N8 30W J . -19.24 10.70 11.11
N5 30W J . -21.01 9.08 9.64
C4A 30W J . -21.08 10.43 9.60
O4 30W J . -22.92 10.44 8.11
#